data_2MES
#
_entry.id   2MES
#
_cell.length_a   1.000
_cell.length_b   1.000
_cell.length_c   1.000
_cell.angle_alpha   90.00
_cell.angle_beta   90.00
_cell.angle_gamma   90.00
#
_symmetry.space_group_name_H-M   'P 1'
#
loop_
_entity.id
_entity.type
_entity.pdbx_description
1 polymer Calmodulin
2 polymer 'Disks large homolog 4'
3 non-polymer 'CALCIUM ION'
#
loop_
_entity_poly.entity_id
_entity_poly.type
_entity_poly.pdbx_seq_one_letter_code
_entity_poly.pdbx_strand_id
1 'polypeptide(L)'
;ADQLTEEQIAEFKEAFSLFDKDGDGTITTKELGTVMRSLGQNPTEAELQDMINEVDADGNGTIDFPEFLTMMARKMKDTD
SEEEIREAFRVFDKDGNGYISAAELRHVMTNLGEKLTDEEVDEMIREADIDGDGQVNYEEFVQMMTAK
;
A
2 'polypeptide(L)' MDCLCIVTTKKYRYQDEDTPPLEHSPAHLPNQANSPPVIVNTDTLEAPGYELQVNGTEGEMEYEEITLERG B
#
# COMPACT_ATOMS: atom_id res chain seq x y z
N LEU A 4 -2.30 19.97 0.95
CA LEU A 4 -1.52 18.78 1.37
C LEU A 4 -0.23 19.19 2.08
N THR A 5 0.06 18.50 3.18
CA THR A 5 1.24 18.74 3.97
C THR A 5 2.52 18.47 3.19
N GLU A 6 3.47 19.39 3.29
CA GLU A 6 4.76 19.27 2.61
C GLU A 6 5.49 18.03 3.06
N GLU A 7 5.30 17.67 4.32
CA GLU A 7 5.94 16.49 4.88
C GLU A 7 5.46 15.27 4.13
N GLN A 8 4.16 15.20 3.90
CA GLN A 8 3.58 14.08 3.16
C GLN A 8 4.14 14.07 1.74
N ILE A 9 4.15 15.25 1.09
CA ILE A 9 4.69 15.38 -0.27
C ILE A 9 6.11 14.79 -0.36
N ALA A 10 6.94 15.11 0.63
CA ALA A 10 8.31 14.61 0.66
C ALA A 10 8.32 13.10 0.88
N GLU A 11 7.31 12.59 1.56
CA GLU A 11 7.21 11.16 1.82
C GLU A 11 6.80 10.44 0.54
N PHE A 12 5.77 10.96 -0.13
CA PHE A 12 5.30 10.37 -1.38
C PHE A 12 6.42 10.39 -2.42
N LYS A 13 7.31 11.37 -2.29
CA LYS A 13 8.45 11.49 -3.17
C LYS A 13 9.27 10.19 -3.09
N GLU A 14 9.37 9.65 -1.88
CA GLU A 14 10.11 8.41 -1.64
C GLU A 14 9.42 7.23 -2.35
N ALA A 15 8.10 7.15 -2.20
CA ALA A 15 7.32 6.08 -2.81
C ALA A 15 7.46 6.08 -4.33
N PHE A 16 7.26 7.24 -4.92
CA PHE A 16 7.39 7.42 -6.36
C PHE A 16 8.79 6.96 -6.82
N SER A 17 9.77 7.21 -5.97
CA SER A 17 11.17 6.84 -6.28
C SER A 17 11.38 5.33 -6.28
N LEU A 18 10.52 4.59 -5.56
CA LEU A 18 10.68 3.15 -5.52
C LEU A 18 9.91 2.47 -6.66
N PHE A 19 8.74 3.01 -7.04
CA PHE A 19 7.97 2.43 -8.13
C PHE A 19 8.67 2.64 -9.47
N ASP A 20 9.28 3.81 -9.64
CA ASP A 20 9.98 4.12 -10.89
C ASP A 20 11.37 3.50 -10.90
N LYS A 21 11.71 2.85 -12.01
CA LYS A 21 13.00 2.20 -12.15
C LYS A 21 13.64 2.51 -13.51
N ASP A 22 13.19 3.59 -14.13
CA ASP A 22 13.73 3.98 -15.43
C ASP A 22 14.17 5.45 -15.45
N GLY A 23 13.70 6.22 -14.47
CA GLY A 23 14.07 7.62 -14.39
C GLY A 23 13.27 8.48 -15.36
N ASP A 24 12.13 7.97 -15.81
CA ASP A 24 11.28 8.71 -16.74
C ASP A 24 10.30 9.60 -15.98
N GLY A 25 9.83 9.11 -14.83
CA GLY A 25 8.91 9.89 -14.03
C GLY A 25 7.46 9.47 -14.21
N THR A 26 7.25 8.30 -14.78
CA THR A 26 5.91 7.78 -14.96
C THR A 26 5.84 6.32 -14.50
N ILE A 27 4.73 5.94 -13.89
CA ILE A 27 4.55 4.58 -13.43
C ILE A 27 4.10 3.69 -14.57
N THR A 28 4.85 2.62 -14.82
CA THR A 28 4.50 1.70 -15.88
C THR A 28 4.03 0.37 -15.28
N THR A 29 3.64 -0.55 -16.15
CA THR A 29 3.18 -1.86 -15.72
C THR A 29 4.37 -2.78 -15.48
N LYS A 30 5.43 -2.58 -16.26
CA LYS A 30 6.64 -3.40 -16.14
C LYS A 30 7.38 -3.11 -14.84
N GLU A 31 7.33 -1.86 -14.37
CA GLU A 31 8.03 -1.49 -13.15
C GLU A 31 7.31 -2.07 -11.93
N LEU A 32 6.03 -1.74 -11.80
CA LEU A 32 5.23 -2.20 -10.66
C LEU A 32 5.08 -3.71 -10.68
N GLY A 33 4.96 -4.27 -11.88
CA GLY A 33 4.82 -5.72 -12.02
C GLY A 33 5.97 -6.43 -11.33
N THR A 34 7.16 -5.86 -11.45
CA THR A 34 8.35 -6.41 -10.83
C THR A 34 8.21 -6.45 -9.29
N VAL A 35 7.64 -5.41 -8.70
CA VAL A 35 7.45 -5.35 -7.25
C VAL A 35 6.36 -6.33 -6.82
N MET A 36 5.29 -6.37 -7.61
CA MET A 36 4.15 -7.25 -7.33
C MET A 36 4.56 -8.71 -7.47
N ARG A 37 5.74 -8.90 -8.05
CA ARG A 37 6.29 -10.23 -8.27
C ARG A 37 7.08 -10.64 -7.03
N SER A 38 7.82 -9.68 -6.47
CA SER A 38 8.62 -9.91 -5.29
C SER A 38 7.74 -10.08 -4.05
N LEU A 39 6.44 -9.94 -4.25
CA LEU A 39 5.48 -10.09 -3.18
C LEU A 39 5.06 -11.55 -3.00
N GLY A 40 5.57 -12.41 -3.87
CA GLY A 40 5.24 -13.82 -3.80
C GLY A 40 4.09 -14.18 -4.69
N GLN A 41 3.97 -13.48 -5.81
CA GLN A 41 2.90 -13.72 -6.75
C GLN A 41 3.42 -13.61 -8.18
N ASN A 42 2.67 -14.15 -9.11
CA ASN A 42 3.04 -14.09 -10.52
C ASN A 42 1.79 -13.88 -11.36
N PRO A 43 1.50 -12.63 -11.72
CA PRO A 43 0.34 -12.28 -12.52
C PRO A 43 0.63 -12.23 -14.02
N THR A 44 -0.38 -12.54 -14.81
CA THR A 44 -0.23 -12.52 -16.26
C THR A 44 -0.65 -11.14 -16.80
N GLU A 45 -0.53 -10.97 -18.12
CA GLU A 45 -0.90 -9.72 -18.77
C GLU A 45 -2.32 -9.25 -18.39
N ALA A 46 -3.22 -10.21 -18.17
CA ALA A 46 -4.59 -9.89 -17.81
C ALA A 46 -4.68 -9.34 -16.39
N GLU A 47 -3.91 -9.93 -15.50
CA GLU A 47 -3.89 -9.52 -14.10
C GLU A 47 -3.11 -8.23 -13.94
N LEU A 48 -1.98 -8.14 -14.65
CA LEU A 48 -1.12 -6.98 -14.59
C LEU A 48 -1.85 -5.69 -15.00
N GLN A 49 -2.74 -5.79 -15.96
CA GLN A 49 -3.48 -4.61 -16.40
C GLN A 49 -4.69 -4.39 -15.52
N ASP A 50 -5.15 -5.47 -14.89
CA ASP A 50 -6.32 -5.40 -14.02
C ASP A 50 -6.03 -4.51 -12.83
N MET A 51 -4.83 -4.65 -12.29
CA MET A 51 -4.38 -3.85 -11.16
C MET A 51 -4.28 -2.38 -11.58
N ILE A 52 -3.73 -2.17 -12.75
CA ILE A 52 -3.55 -0.83 -13.32
C ILE A 52 -4.90 -0.16 -13.61
N ASN A 53 -5.83 -0.93 -14.16
CA ASN A 53 -7.17 -0.42 -14.50
C ASN A 53 -7.85 0.19 -13.28
N GLU A 54 -7.49 -0.30 -12.11
CA GLU A 54 -8.05 0.19 -10.86
C GLU A 54 -7.70 1.66 -10.64
N VAL A 55 -6.51 2.03 -11.08
CA VAL A 55 -6.04 3.40 -10.94
C VAL A 55 -6.31 4.17 -12.23
N ASP A 56 -6.25 3.46 -13.34
CA ASP A 56 -6.45 4.06 -14.65
C ASP A 56 -7.89 4.51 -14.84
N ALA A 57 -8.07 5.78 -15.14
CA ALA A 57 -9.39 6.33 -15.35
C ALA A 57 -9.51 6.94 -16.74
N ASP A 58 -8.36 7.16 -17.39
CA ASP A 58 -8.35 7.74 -18.73
C ASP A 58 -8.64 6.68 -19.79
N GLY A 59 -8.23 5.44 -19.54
CA GLY A 59 -8.48 4.37 -20.47
C GLY A 59 -7.28 4.02 -21.32
N ASN A 60 -6.08 4.29 -20.81
CA ASN A 60 -4.86 3.99 -21.55
C ASN A 60 -4.14 2.78 -20.97
N GLY A 61 -4.35 2.51 -19.69
CA GLY A 61 -3.69 1.39 -19.05
C GLY A 61 -2.30 1.75 -18.54
N THR A 62 -2.19 2.86 -17.84
CA THR A 62 -0.93 3.33 -17.27
C THR A 62 -1.20 4.30 -16.12
N ILE A 63 -0.48 4.13 -15.00
CA ILE A 63 -0.64 5.01 -13.84
C ILE A 63 0.08 6.33 -14.09
N ASP A 64 -0.66 7.31 -14.60
CA ASP A 64 -0.09 8.62 -14.89
C ASP A 64 -0.31 9.58 -13.73
N PHE A 65 0.15 10.82 -13.90
CA PHE A 65 0.06 11.83 -12.85
C PHE A 65 -1.39 12.25 -12.51
N PRO A 66 -2.23 12.62 -13.51
CA PRO A 66 -3.63 13.01 -13.24
C PRO A 66 -4.37 12.00 -12.39
N GLU A 67 -4.27 10.73 -12.75
CA GLU A 67 -4.93 9.65 -12.01
C GLU A 67 -4.26 9.43 -10.66
N PHE A 68 -2.96 9.69 -10.62
CA PHE A 68 -2.18 9.51 -9.41
C PHE A 68 -2.63 10.48 -8.32
N LEU A 69 -2.96 11.70 -8.73
CA LEU A 69 -3.41 12.72 -7.78
C LEU A 69 -4.77 12.35 -7.20
N THR A 70 -5.71 12.03 -8.08
CA THR A 70 -7.04 11.64 -7.63
C THR A 70 -6.99 10.35 -6.82
N MET A 71 -6.22 9.39 -7.33
CA MET A 71 -6.06 8.09 -6.67
C MET A 71 -5.49 8.29 -5.27
N MET A 72 -4.50 9.15 -5.16
CA MET A 72 -3.85 9.41 -3.89
C MET A 72 -4.83 10.08 -2.92
N ALA A 73 -5.57 11.06 -3.42
CA ALA A 73 -6.55 11.76 -2.60
C ALA A 73 -7.60 10.78 -2.08
N ARG A 74 -7.85 9.74 -2.88
CA ARG A 74 -8.81 8.70 -2.53
C ARG A 74 -8.32 7.82 -1.37
N LYS A 75 -7.03 7.90 -1.06
CA LYS A 75 -6.50 7.09 0.03
C LYS A 75 -5.97 7.94 1.18
N MET A 76 -5.31 9.05 0.83
CA MET A 76 -4.76 9.97 1.81
C MET A 76 -5.82 10.38 2.84
N LYS A 77 -7.05 10.50 2.37
CA LYS A 77 -8.15 10.89 3.22
C LYS A 77 -9.26 9.85 3.17
N ASP A 78 -8.89 8.59 2.99
CA ASP A 78 -9.86 7.53 2.92
C ASP A 78 -10.45 7.23 4.29
N THR A 79 -11.75 7.42 4.40
CA THR A 79 -12.48 7.16 5.63
C THR A 79 -13.85 6.59 5.29
N ASP A 80 -13.98 6.12 4.06
CA ASP A 80 -15.20 5.52 3.53
C ASP A 80 -14.81 4.25 2.81
N SER A 81 -13.74 3.67 3.32
CA SER A 81 -13.14 2.46 2.78
C SER A 81 -14.14 1.40 2.34
N GLU A 82 -14.21 1.19 1.03
CA GLU A 82 -15.08 0.17 0.47
C GLU A 82 -14.19 -0.96 -0.08
N GLU A 83 -13.59 -0.73 -1.24
CA GLU A 83 -12.70 -1.72 -1.82
C GLU A 83 -11.28 -1.48 -1.30
N GLU A 84 -11.06 -0.24 -0.86
CA GLU A 84 -9.77 0.22 -0.32
C GLU A 84 -9.24 -0.72 0.77
N ILE A 85 -10.15 -1.18 1.65
CA ILE A 85 -9.76 -2.08 2.73
C ILE A 85 -9.09 -3.32 2.16
N ARG A 86 -9.72 -3.89 1.12
CA ARG A 86 -9.24 -5.09 0.49
C ARG A 86 -7.88 -4.87 -0.18
N GLU A 87 -7.72 -3.74 -0.89
CA GLU A 87 -6.46 -3.41 -1.55
C GLU A 87 -5.27 -3.59 -0.63
N ALA A 88 -5.22 -2.78 0.43
CA ALA A 88 -4.11 -2.84 1.37
C ALA A 88 -4.11 -4.14 2.15
N PHE A 89 -5.26 -4.78 2.25
CA PHE A 89 -5.37 -6.03 2.98
C PHE A 89 -4.72 -7.15 2.19
N ARG A 90 -4.86 -7.08 0.88
CA ARG A 90 -4.29 -8.09 -0.01
C ARG A 90 -2.80 -7.87 -0.23
N VAL A 91 -2.36 -6.65 0.06
CA VAL A 91 -0.94 -6.32 -0.08
C VAL A 91 -0.19 -6.71 1.21
N PHE A 92 -0.86 -6.55 2.35
CA PHE A 92 -0.27 -6.90 3.64
C PHE A 92 -0.44 -8.40 3.93
N ASP A 93 -1.64 -8.91 3.68
CA ASP A 93 -1.94 -10.32 3.91
C ASP A 93 -1.50 -11.15 2.71
N LYS A 94 -0.31 -11.71 2.83
CA LYS A 94 0.29 -12.52 1.79
C LYS A 94 -0.22 -13.95 1.80
N ASP A 95 -0.53 -14.45 3.00
CA ASP A 95 -1.01 -15.83 3.12
C ASP A 95 -2.46 -15.97 2.65
N GLY A 96 -3.21 -14.89 2.73
CA GLY A 96 -4.61 -14.92 2.32
C GLY A 96 -5.48 -15.57 3.36
N ASN A 97 -5.15 -15.35 4.62
CA ASN A 97 -5.90 -15.90 5.73
C ASN A 97 -6.81 -14.83 6.33
N GLY A 98 -6.49 -13.56 6.05
CA GLY A 98 -7.28 -12.47 6.58
C GLY A 98 -6.79 -11.93 7.91
N TYR A 99 -5.52 -12.18 8.23
CA TYR A 99 -4.92 -11.73 9.49
C TYR A 99 -3.46 -11.32 9.26
N ILE A 100 -3.19 -10.02 9.35
CA ILE A 100 -1.85 -9.49 9.15
C ILE A 100 -1.02 -9.60 10.44
N SER A 101 0.30 -9.75 10.31
CA SER A 101 1.18 -9.85 11.47
C SER A 101 2.58 -9.36 11.12
N ALA A 102 3.53 -9.45 12.08
CA ALA A 102 4.93 -9.05 11.85
C ALA A 102 5.61 -10.07 10.95
N ALA A 103 4.80 -11.02 10.52
CA ALA A 103 5.23 -12.07 9.65
C ALA A 103 5.25 -11.54 8.23
N GLU A 104 4.05 -11.27 7.72
CA GLU A 104 3.88 -10.76 6.37
C GLU A 104 4.22 -9.27 6.27
N LEU A 105 3.92 -8.50 7.32
CA LEU A 105 4.18 -7.07 7.30
C LEU A 105 5.67 -6.78 7.13
N ARG A 106 6.51 -7.59 7.78
CA ARG A 106 7.95 -7.42 7.68
C ARG A 106 8.41 -7.56 6.24
N HIS A 107 7.86 -8.55 5.56
CA HIS A 107 8.20 -8.81 4.17
C HIS A 107 7.85 -7.62 3.29
N VAL A 108 6.61 -7.13 3.42
CA VAL A 108 6.15 -5.99 2.62
C VAL A 108 6.95 -4.71 2.92
N MET A 109 7.22 -4.47 4.20
CA MET A 109 7.98 -3.29 4.61
C MET A 109 9.38 -3.28 4.01
N THR A 110 9.96 -4.46 3.89
CA THR A 110 11.30 -4.61 3.35
C THR A 110 11.25 -4.61 1.82
N ASN A 111 10.14 -5.09 1.26
CA ASN A 111 9.97 -5.15 -0.18
C ASN A 111 9.84 -3.76 -0.76
N LEU A 112 9.14 -2.89 -0.04
CA LEU A 112 8.95 -1.51 -0.46
C LEU A 112 10.24 -0.72 -0.23
N GLY A 113 10.97 -1.07 0.83
CA GLY A 113 12.21 -0.40 1.15
C GLY A 113 12.03 0.77 2.11
N GLU A 114 11.09 0.63 3.03
CA GLU A 114 10.85 1.68 4.02
C GLU A 114 11.85 1.58 5.17
N LYS A 115 11.96 2.64 5.96
CA LYS A 115 12.91 2.66 7.06
C LYS A 115 12.35 2.01 8.32
N LEU A 116 12.09 0.71 8.26
CA LEU A 116 11.56 -0.01 9.40
C LEU A 116 12.32 -1.30 9.63
N THR A 117 12.78 -1.50 10.86
CA THR A 117 13.49 -2.71 11.21
C THR A 117 12.51 -3.76 11.68
N ASP A 118 13.01 -4.90 12.14
CA ASP A 118 12.16 -5.98 12.62
C ASP A 118 11.39 -5.53 13.88
N GLU A 119 12.06 -4.75 14.71
CA GLU A 119 11.46 -4.25 15.94
C GLU A 119 10.43 -3.17 15.65
N GLU A 120 10.62 -2.45 14.54
CA GLU A 120 9.69 -1.40 14.15
C GLU A 120 8.39 -2.02 13.64
N VAL A 121 8.51 -3.17 13.02
CA VAL A 121 7.37 -3.90 12.48
C VAL A 121 6.43 -4.35 13.60
N ASP A 122 7.01 -4.89 14.66
CA ASP A 122 6.23 -5.39 15.79
C ASP A 122 5.55 -4.23 16.53
N GLU A 123 6.26 -3.12 16.62
CA GLU A 123 5.75 -1.94 17.30
C GLU A 123 4.56 -1.37 16.55
N MET A 124 4.73 -1.20 15.24
CA MET A 124 3.67 -0.66 14.39
C MET A 124 2.46 -1.59 14.44
N ILE A 125 2.72 -2.89 14.39
CA ILE A 125 1.66 -3.92 14.41
C ILE A 125 0.67 -3.72 15.57
N ARG A 126 1.13 -3.16 16.67
CA ARG A 126 0.27 -2.97 17.83
C ARG A 126 -0.54 -1.68 17.74
N GLU A 127 -0.60 -1.07 16.55
CA GLU A 127 -1.39 0.14 16.40
C GLU A 127 -2.84 -0.23 16.18
N ALA A 128 -3.06 -1.27 15.38
CA ALA A 128 -4.39 -1.76 15.08
C ALA A 128 -4.70 -2.98 15.92
N ASP A 129 -3.66 -3.55 16.53
CA ASP A 129 -3.83 -4.73 17.37
C ASP A 129 -4.40 -4.35 18.71
N ILE A 130 -5.71 -4.52 18.86
CA ILE A 130 -6.38 -4.17 20.10
C ILE A 130 -6.27 -5.29 21.13
N ASP A 131 -6.56 -6.51 20.70
CA ASP A 131 -6.52 -7.66 21.60
C ASP A 131 -5.10 -8.05 21.94
N GLY A 132 -4.15 -7.60 21.12
CA GLY A 132 -2.77 -7.92 21.37
C GLY A 132 -2.51 -9.38 21.10
N ASP A 133 -2.95 -9.85 19.94
CA ASP A 133 -2.77 -11.24 19.56
C ASP A 133 -1.60 -11.38 18.60
N GLY A 134 -1.06 -10.24 18.17
CA GLY A 134 0.07 -10.25 17.27
C GLY A 134 -0.37 -10.15 15.82
N GLN A 135 -1.66 -10.00 15.63
CA GLN A 135 -2.21 -9.90 14.29
C GLN A 135 -3.25 -8.79 14.19
N VAL A 136 -3.46 -8.33 12.97
CA VAL A 136 -4.44 -7.32 12.69
C VAL A 136 -5.53 -7.93 11.81
N ASN A 137 -6.74 -8.03 12.33
CA ASN A 137 -7.83 -8.61 11.55
C ASN A 137 -8.58 -7.52 10.81
N TYR A 138 -9.54 -7.93 10.00
CA TYR A 138 -10.35 -7.01 9.20
C TYR A 138 -11.00 -5.94 10.08
N GLU A 139 -11.62 -6.37 11.18
CA GLU A 139 -12.28 -5.46 12.11
C GLU A 139 -11.31 -4.41 12.66
N GLU A 140 -10.15 -4.88 13.07
CA GLU A 140 -9.12 -4.00 13.62
C GLU A 140 -8.61 -3.02 12.57
N PHE A 141 -8.49 -3.49 11.33
CA PHE A 141 -8.03 -2.66 10.23
C PHE A 141 -9.08 -1.61 9.85
N VAL A 142 -10.35 -2.01 9.84
CA VAL A 142 -11.45 -1.10 9.51
C VAL A 142 -11.51 0.05 10.50
N GLN A 143 -11.48 -0.29 11.78
CA GLN A 143 -11.56 0.71 12.84
C GLN A 143 -10.30 1.57 12.91
N MET A 144 -9.28 1.22 12.12
CA MET A 144 -8.04 1.98 12.11
C MET A 144 -7.94 2.86 10.87
N MET A 145 -8.35 2.33 9.73
CA MET A 145 -8.27 3.07 8.48
C MET A 145 -9.49 3.95 8.26
N THR A 146 -10.66 3.42 8.54
CA THR A 146 -11.91 4.14 8.35
C THR A 146 -12.22 5.04 9.54
N ALA A 147 -11.78 4.62 10.72
CA ALA A 147 -12.01 5.38 11.93
C ALA A 147 -10.70 5.92 12.49
N MET B 1 -4.46 0.15 -6.46
CA MET B 1 -4.04 -1.25 -6.27
C MET B 1 -2.60 -1.30 -5.75
N ASP B 2 -1.65 -1.01 -6.61
CA ASP B 2 -0.23 -1.09 -6.25
C ASP B 2 0.24 0.23 -5.63
N CYS B 3 0.35 1.26 -6.45
CA CYS B 3 0.79 2.56 -5.98
C CYS B 3 -0.18 3.11 -4.93
N LEU B 4 -1.44 2.72 -5.03
CA LEU B 4 -2.45 3.15 -4.07
C LEU B 4 -2.30 2.39 -2.76
N CYS B 5 -1.93 1.09 -2.81
CA CYS B 5 -1.74 0.35 -1.57
C CYS B 5 -0.57 0.95 -0.83
N ILE B 6 0.31 1.61 -1.57
CA ILE B 6 1.44 2.30 -0.98
C ILE B 6 0.93 3.51 -0.22
N VAL B 7 -0.07 4.18 -0.81
CA VAL B 7 -0.66 5.34 -0.17
C VAL B 7 -1.45 4.88 1.06
N THR B 8 -2.03 3.69 0.97
CA THR B 8 -2.77 3.10 2.08
C THR B 8 -1.78 2.66 3.17
N THR B 9 -0.66 2.08 2.73
CA THR B 9 0.38 1.64 3.65
C THR B 9 0.96 2.84 4.37
N LYS B 10 1.08 3.95 3.66
CA LYS B 10 1.61 5.15 4.25
C LYS B 10 0.60 5.71 5.25
N LYS B 11 -0.70 5.60 4.94
CA LYS B 11 -1.75 6.07 5.84
C LYS B 11 -1.76 5.22 7.10
N TYR B 12 -1.68 3.92 6.90
CA TYR B 12 -1.67 2.96 8.01
C TYR B 12 -0.41 3.16 8.86
N ARG B 13 0.70 3.47 8.19
CA ARG B 13 1.98 3.68 8.86
C ARG B 13 2.09 5.11 9.42
N TYR B 14 1.14 5.95 9.04
CA TYR B 14 1.08 7.33 9.51
C TYR B 14 0.12 7.41 10.68
N GLN B 15 -0.77 6.42 10.76
CA GLN B 15 -1.77 6.37 11.82
C GLN B 15 -1.12 5.95 13.13
N ASP B 16 -0.01 5.22 13.04
CA ASP B 16 0.73 4.78 14.23
C ASP B 16 1.31 6.00 14.94
N GLU B 17 1.66 7.01 14.14
CA GLU B 17 2.20 8.27 14.63
C GLU B 17 1.08 9.12 15.23
N ASP B 18 0.66 8.77 16.42
CA ASP B 18 -0.41 9.49 17.08
C ASP B 18 -0.20 9.46 18.59
N THR B 19 -0.24 8.27 19.16
CA THR B 19 -0.05 8.10 20.58
C THR B 19 1.24 7.33 20.85
N LEU A 4 -1.37 19.97 -0.63
CA LEU A 4 -1.05 18.80 0.22
C LEU A 4 0.21 19.07 1.03
N THR A 5 0.34 18.36 2.15
CA THR A 5 1.49 18.48 3.02
C THR A 5 2.77 18.18 2.24
N GLU A 6 3.75 19.07 2.33
CA GLU A 6 5.02 18.91 1.63
C GLU A 6 5.71 17.60 2.03
N GLU A 7 5.56 17.21 3.29
CA GLU A 7 6.15 15.98 3.80
C GLU A 7 5.60 14.77 3.07
N GLN A 8 4.28 14.77 2.86
CA GLN A 8 3.64 13.68 2.13
C GLN A 8 4.25 13.55 0.75
N ILE A 9 4.30 14.68 0.05
CA ILE A 9 4.90 14.76 -1.28
C ILE A 9 6.31 14.17 -1.26
N ALA A 10 7.05 14.51 -0.21
CA ALA A 10 8.42 14.02 -0.05
C ALA A 10 8.43 12.50 0.09
N GLU A 11 7.43 11.96 0.77
CA GLU A 11 7.32 10.51 0.97
C GLU A 11 6.91 9.84 -0.34
N PHE A 12 5.97 10.46 -1.05
CA PHE A 12 5.53 9.94 -2.34
C PHE A 12 6.69 9.91 -3.33
N LYS A 13 7.61 10.86 -3.16
CA LYS A 13 8.81 10.92 -3.99
C LYS A 13 9.60 9.62 -3.84
N GLU A 14 9.67 9.10 -2.62
CA GLU A 14 10.38 7.85 -2.34
C GLU A 14 9.64 6.68 -3.01
N ALA A 15 8.30 6.77 -3.01
CA ALA A 15 7.45 5.73 -3.62
C ALA A 15 7.64 5.73 -5.13
N PHE A 16 7.61 6.92 -5.74
CA PHE A 16 7.84 7.07 -7.17
C PHE A 16 9.18 6.45 -7.54
N SER A 17 10.19 6.74 -6.75
CA SER A 17 11.54 6.23 -6.97
C SER A 17 11.58 4.71 -6.78
N LEU A 18 10.55 4.17 -6.13
CA LEU A 18 10.46 2.74 -5.90
C LEU A 18 9.76 2.05 -7.08
N PHE A 19 8.64 2.61 -7.52
CA PHE A 19 7.88 2.05 -8.63
C PHE A 19 8.59 2.26 -9.95
N ASP A 20 9.16 3.45 -10.13
CA ASP A 20 9.86 3.80 -11.36
C ASP A 20 11.25 3.18 -11.39
N LYS A 21 11.63 2.67 -12.54
CA LYS A 21 12.94 2.06 -12.72
C LYS A 21 13.52 2.40 -14.09
N ASP A 22 13.09 3.51 -14.66
CA ASP A 22 13.61 3.94 -15.96
C ASP A 22 14.11 5.36 -15.90
N GLY A 23 13.73 6.08 -14.85
CA GLY A 23 14.17 7.44 -14.70
C GLY A 23 13.28 8.43 -15.43
N ASP A 24 12.11 7.98 -15.86
CA ASP A 24 11.17 8.87 -16.55
C ASP A 24 10.25 9.57 -15.55
N GLY A 25 9.91 8.89 -14.47
CA GLY A 25 9.05 9.49 -13.47
C GLY A 25 7.61 9.04 -13.56
N THR A 26 7.27 8.29 -14.60
CA THR A 26 5.92 7.81 -14.77
C THR A 26 5.83 6.32 -14.47
N ILE A 27 4.69 5.93 -13.97
CA ILE A 27 4.43 4.54 -13.62
C ILE A 27 3.97 3.76 -14.84
N THR A 28 4.73 2.74 -15.22
CA THR A 28 4.34 1.89 -16.33
C THR A 28 3.90 0.54 -15.80
N THR A 29 3.56 -0.36 -16.69
CA THR A 29 3.12 -1.68 -16.29
C THR A 29 4.31 -2.58 -16.01
N LYS A 30 5.34 -2.41 -16.81
CA LYS A 30 6.56 -3.20 -16.68
C LYS A 30 7.30 -2.91 -15.36
N GLU A 31 7.20 -1.67 -14.88
CA GLU A 31 7.91 -1.28 -13.67
C GLU A 31 7.24 -1.87 -12.43
N LEU A 32 5.94 -1.64 -12.29
CA LEU A 32 5.20 -2.16 -11.14
C LEU A 32 5.17 -3.67 -11.19
N GLY A 33 5.10 -4.23 -12.41
CA GLY A 33 5.10 -5.67 -12.58
C GLY A 33 6.35 -6.29 -11.98
N THR A 34 7.46 -5.60 -12.17
CA THR A 34 8.75 -6.03 -11.64
C THR A 34 8.68 -6.15 -10.11
N VAL A 35 8.19 -5.10 -9.45
CA VAL A 35 8.08 -5.09 -8.00
C VAL A 35 7.11 -6.17 -7.52
N MET A 36 6.04 -6.37 -8.29
CA MET A 36 5.02 -7.37 -7.97
C MET A 36 5.57 -8.78 -8.15
N ARG A 37 6.71 -8.87 -8.82
CA ARG A 37 7.35 -10.15 -9.07
C ARG A 37 8.21 -10.51 -7.87
N SER A 38 8.91 -9.51 -7.34
CA SER A 38 9.77 -9.68 -6.18
C SER A 38 8.94 -9.93 -4.91
N LEU A 39 7.63 -9.72 -5.03
CA LEU A 39 6.71 -9.93 -3.92
C LEU A 39 6.37 -11.41 -3.79
N GLY A 40 6.76 -12.18 -4.79
CA GLY A 40 6.47 -13.60 -4.79
C GLY A 40 5.25 -13.92 -5.62
N GLN A 41 4.95 -13.02 -6.54
CA GLN A 41 3.80 -13.17 -7.41
C GLN A 41 4.24 -13.19 -8.87
N ASN A 42 3.39 -13.76 -9.71
CA ASN A 42 3.68 -13.87 -11.13
C ASN A 42 2.41 -13.54 -11.93
N PRO A 43 2.14 -12.24 -12.14
CA PRO A 43 0.96 -11.80 -12.85
C PRO A 43 1.18 -11.70 -14.35
N THR A 44 0.12 -11.94 -15.11
CA THR A 44 0.20 -11.86 -16.55
C THR A 44 -0.48 -10.58 -17.05
N GLU A 45 -0.53 -10.45 -18.37
CA GLU A 45 -1.14 -9.29 -19.04
C GLU A 45 -2.53 -8.93 -18.47
N ALA A 46 -3.28 -9.91 -18.01
CA ALA A 46 -4.62 -9.66 -17.48
C ALA A 46 -4.56 -8.99 -16.12
N GLU A 47 -3.69 -9.52 -15.26
CA GLU A 47 -3.53 -9.00 -13.91
C GLU A 47 -2.75 -7.70 -13.93
N LEU A 48 -1.70 -7.68 -14.75
CA LEU A 48 -0.85 -6.50 -14.89
C LEU A 48 -1.67 -5.31 -15.38
N GLN A 49 -2.79 -5.57 -16.05
CA GLN A 49 -3.64 -4.49 -16.53
C GLN A 49 -4.67 -4.14 -15.47
N ASP A 50 -5.10 -5.16 -14.72
CA ASP A 50 -6.08 -4.98 -13.65
C ASP A 50 -5.58 -3.98 -12.62
N MET A 51 -4.31 -4.11 -12.25
CA MET A 51 -3.69 -3.20 -11.29
C MET A 51 -3.73 -1.77 -11.81
N ILE A 52 -3.38 -1.59 -13.09
CA ILE A 52 -3.38 -0.29 -13.74
C ILE A 52 -4.81 0.26 -13.90
N ASN A 53 -5.71 -0.60 -14.36
CA ASN A 53 -7.12 -0.24 -14.61
C ASN A 53 -7.82 0.31 -13.37
N GLU A 54 -7.43 -0.18 -12.20
CA GLU A 54 -8.02 0.29 -10.95
C GLU A 54 -7.72 1.78 -10.75
N VAL A 55 -6.57 2.21 -11.24
CA VAL A 55 -6.16 3.60 -11.12
C VAL A 55 -6.59 4.40 -12.35
N ASP A 56 -6.41 3.79 -13.51
CA ASP A 56 -6.73 4.42 -14.79
C ASP A 56 -8.23 4.70 -14.95
N ALA A 57 -8.53 5.95 -15.25
CA ALA A 57 -9.90 6.38 -15.45
C ALA A 57 -10.01 7.25 -16.70
N ASP A 58 -8.86 7.59 -17.27
CA ASP A 58 -8.81 8.41 -18.47
C ASP A 58 -8.92 7.55 -19.73
N GLY A 59 -8.83 6.23 -19.53
CA GLY A 59 -8.95 5.29 -20.63
C GLY A 59 -7.71 5.22 -21.50
N ASN A 60 -6.55 5.21 -20.86
CA ASN A 60 -5.28 5.14 -21.58
C ASN A 60 -4.48 3.91 -21.15
N GLY A 61 -4.77 3.42 -19.95
CA GLY A 61 -4.08 2.25 -19.43
C GLY A 61 -2.68 2.58 -18.91
N THR A 62 -2.58 3.62 -18.09
CA THR A 62 -1.30 4.04 -17.50
C THR A 62 -1.52 4.93 -16.28
N ILE A 63 -0.82 4.63 -15.19
CA ILE A 63 -0.91 5.41 -13.94
C ILE A 63 -0.24 6.77 -14.16
N ASP A 64 -1.05 7.80 -14.41
CA ASP A 64 -0.52 9.13 -14.67
C ASP A 64 -0.76 10.08 -13.49
N PHE A 65 -0.33 11.33 -13.67
CA PHE A 65 -0.46 12.35 -12.63
C PHE A 65 -1.92 12.69 -12.30
N PRO A 66 -2.79 12.92 -13.30
CA PRO A 66 -4.22 13.23 -13.05
C PRO A 66 -4.89 12.18 -12.18
N GLU A 67 -4.62 10.92 -12.50
CA GLU A 67 -5.17 9.81 -11.74
C GLU A 67 -4.46 9.65 -10.40
N PHE A 68 -3.19 10.04 -10.36
CA PHE A 68 -2.40 9.95 -9.13
C PHE A 68 -3.02 10.82 -8.06
N LEU A 69 -3.38 12.04 -8.45
CA LEU A 69 -4.00 12.98 -7.52
C LEU A 69 -5.35 12.45 -7.04
N THR A 70 -6.16 11.96 -7.97
CA THR A 70 -7.47 11.41 -7.64
C THR A 70 -7.33 10.18 -6.74
N MET A 71 -6.43 9.29 -7.13
CA MET A 71 -6.15 8.06 -6.37
C MET A 71 -5.63 8.39 -4.97
N MET A 72 -4.81 9.43 -4.89
CA MET A 72 -4.21 9.84 -3.62
C MET A 72 -5.27 10.41 -2.69
N ALA A 73 -6.16 11.23 -3.23
CA ALA A 73 -7.22 11.82 -2.43
C ALA A 73 -8.13 10.73 -1.89
N ARG A 74 -8.27 9.65 -2.65
CA ARG A 74 -9.10 8.52 -2.25
C ARG A 74 -8.50 7.80 -1.03
N LYS A 75 -7.18 7.93 -0.83
CA LYS A 75 -6.53 7.28 0.30
C LYS A 75 -6.13 8.28 1.37
N MET A 76 -6.03 9.54 1.00
CA MET A 76 -5.66 10.59 1.94
C MET A 76 -6.71 10.73 3.03
N LYS A 77 -7.94 10.96 2.59
CA LYS A 77 -9.06 11.13 3.51
C LYS A 77 -9.96 9.91 3.46
N ASP A 78 -9.35 8.75 3.33
CA ASP A 78 -10.07 7.50 3.26
C ASP A 78 -10.84 7.25 4.57
N THR A 79 -12.16 7.32 4.50
CA THR A 79 -13.00 7.08 5.66
C THR A 79 -14.33 6.45 5.24
N ASP A 80 -14.40 6.14 3.95
CA ASP A 80 -15.56 5.53 3.34
C ASP A 80 -15.05 4.39 2.49
N SER A 81 -13.98 3.80 3.00
CA SER A 81 -13.28 2.71 2.35
C SER A 81 -14.20 1.67 1.76
N GLU A 82 -14.09 1.49 0.46
CA GLU A 82 -14.87 0.52 -0.27
C GLU A 82 -13.99 -0.64 -0.70
N GLU A 83 -12.87 -0.31 -1.34
CA GLU A 83 -11.93 -1.32 -1.81
C GLU A 83 -10.61 -1.20 -1.08
N GLU A 84 -10.34 0.00 -0.58
CA GLU A 84 -9.10 0.30 0.14
C GLU A 84 -8.84 -0.71 1.25
N ILE A 85 -9.87 -0.98 2.06
CA ILE A 85 -9.75 -1.96 3.13
C ILE A 85 -9.21 -3.28 2.59
N ARG A 86 -9.84 -3.77 1.54
CA ARG A 86 -9.45 -5.04 0.93
C ARG A 86 -8.06 -4.92 0.29
N GLU A 87 -7.85 -3.84 -0.46
CA GLU A 87 -6.59 -3.57 -1.14
C GLU A 87 -5.40 -3.61 -0.18
N ALA A 88 -5.39 -2.74 0.83
CA ALA A 88 -4.28 -2.71 1.78
C ALA A 88 -4.20 -4.00 2.58
N PHE A 89 -5.33 -4.69 2.73
CA PHE A 89 -5.35 -5.93 3.49
C PHE A 89 -4.68 -7.03 2.68
N ARG A 90 -4.96 -7.05 1.39
CA ARG A 90 -4.39 -8.04 0.48
C ARG A 90 -2.87 -7.88 0.36
N VAL A 91 -2.41 -6.63 0.44
CA VAL A 91 -0.99 -6.34 0.33
C VAL A 91 -0.23 -6.71 1.61
N PHE A 92 -0.85 -6.49 2.77
CA PHE A 92 -0.23 -6.83 4.04
C PHE A 92 -0.38 -8.32 4.33
N ASP A 93 -1.45 -8.92 3.81
CA ASP A 93 -1.74 -10.33 4.02
C ASP A 93 -1.31 -11.16 2.81
N LYS A 94 -0.11 -11.73 2.87
CA LYS A 94 0.42 -12.52 1.76
C LYS A 94 -0.06 -13.98 1.82
N ASP A 95 -0.47 -14.45 2.99
CA ASP A 95 -0.94 -15.83 3.12
C ASP A 95 -2.41 -15.97 2.74
N GLY A 96 -3.15 -14.88 2.81
CA GLY A 96 -4.56 -14.89 2.47
C GLY A 96 -5.44 -15.48 3.56
N ASN A 97 -4.99 -15.39 4.80
CA ASN A 97 -5.75 -15.93 5.92
C ASN A 97 -6.65 -14.86 6.55
N GLY A 98 -6.38 -13.61 6.18
CA GLY A 98 -7.16 -12.50 6.68
C GLY A 98 -6.70 -12.01 8.04
N TYR A 99 -5.42 -12.14 8.29
CA TYR A 99 -4.83 -11.72 9.56
C TYR A 99 -3.43 -11.16 9.32
N ILE A 100 -3.25 -9.88 9.62
CA ILE A 100 -1.96 -9.24 9.45
C ILE A 100 -1.14 -9.36 10.74
N SER A 101 0.05 -9.93 10.66
CA SER A 101 0.90 -10.13 11.84
C SER A 101 2.34 -9.73 11.55
N ALA A 102 3.26 -10.14 12.43
CA ALA A 102 4.69 -9.86 12.26
C ALA A 102 5.30 -10.87 11.28
N ALA A 103 4.40 -11.48 10.53
CA ALA A 103 4.76 -12.48 9.53
C ALA A 103 5.01 -11.83 8.18
N GLU A 104 3.96 -11.58 7.43
CA GLU A 104 4.07 -10.98 6.11
C GLU A 104 4.38 -9.49 6.18
N LEU A 105 3.95 -8.83 7.24
CA LEU A 105 4.18 -7.40 7.37
C LEU A 105 5.68 -7.10 7.44
N ARG A 106 6.40 -7.99 8.09
CA ARG A 106 7.85 -7.88 8.24
C ARG A 106 8.52 -7.89 6.86
N HIS A 107 7.92 -8.60 5.92
CA HIS A 107 8.45 -8.71 4.57
C HIS A 107 8.09 -7.47 3.76
N VAL A 108 6.80 -7.15 3.70
CA VAL A 108 6.28 -5.98 2.98
C VAL A 108 7.04 -4.70 3.35
N MET A 109 7.22 -4.46 4.64
CA MET A 109 7.92 -3.28 5.13
C MET A 109 9.33 -3.19 4.56
N THR A 110 10.07 -4.29 4.67
CA THR A 110 11.44 -4.33 4.18
C THR A 110 11.48 -4.31 2.64
N ASN A 111 10.43 -4.86 2.03
CA ASN A 111 10.35 -4.92 0.58
C ASN A 111 10.04 -3.54 -0.01
N LEU A 112 9.10 -2.84 0.61
CA LEU A 112 8.73 -1.50 0.15
C LEU A 112 9.90 -0.55 0.30
N GLY A 113 10.68 -0.74 1.35
CA GLY A 113 11.85 0.10 1.57
C GLY A 113 11.70 1.01 2.76
N GLU A 114 10.69 0.74 3.57
CA GLU A 114 10.43 1.54 4.74
C GLU A 114 11.51 1.33 5.79
N LYS A 115 11.81 2.39 6.53
CA LYS A 115 12.84 2.38 7.56
C LYS A 115 12.30 1.78 8.86
N LEU A 116 11.77 0.57 8.76
CA LEU A 116 11.19 -0.10 9.91
C LEU A 116 11.85 -1.44 10.17
N THR A 117 12.31 -1.63 11.40
CA THR A 117 12.95 -2.85 11.80
C THR A 117 11.94 -3.85 12.34
N ASP A 118 12.41 -5.02 12.74
CA ASP A 118 11.55 -6.06 13.30
C ASP A 118 10.91 -5.56 14.59
N GLU A 119 11.70 -4.88 15.40
CA GLU A 119 11.24 -4.31 16.66
C GLU A 119 10.23 -3.21 16.39
N GLU A 120 10.35 -2.62 15.21
CA GLU A 120 9.45 -1.55 14.81
C GLU A 120 8.16 -2.16 14.27
N VAL A 121 8.32 -3.26 13.51
CA VAL A 121 7.18 -3.95 12.93
C VAL A 121 6.23 -4.44 14.03
N ASP A 122 6.81 -4.96 15.11
CA ASP A 122 6.04 -5.45 16.23
C ASP A 122 5.41 -4.29 17.01
N GLU A 123 6.08 -3.14 16.98
CA GLU A 123 5.62 -1.94 17.66
C GLU A 123 4.40 -1.37 16.96
N MET A 124 4.50 -1.23 15.64
CA MET A 124 3.41 -0.70 14.84
C MET A 124 2.21 -1.63 14.90
N ILE A 125 2.47 -2.94 14.88
CA ILE A 125 1.40 -3.93 14.92
C ILE A 125 0.41 -3.69 16.07
N ARG A 126 0.89 -3.07 17.16
CA ARG A 126 0.05 -2.81 18.32
C ARG A 126 -0.71 -1.47 18.20
N GLU A 127 -0.91 -0.99 16.97
CA GLU A 127 -1.65 0.26 16.77
C GLU A 127 -3.14 -0.04 16.61
N ALA A 128 -3.44 -1.11 15.89
CA ALA A 128 -4.82 -1.55 15.68
C ALA A 128 -5.12 -2.78 16.50
N ASP A 129 -4.07 -3.43 16.98
CA ASP A 129 -4.20 -4.64 17.78
C ASP A 129 -4.67 -4.31 19.19
N ILE A 130 -5.98 -4.28 19.36
CA ILE A 130 -6.59 -3.96 20.64
C ILE A 130 -6.66 -5.20 21.53
N ASP A 131 -6.93 -6.35 20.91
CA ASP A 131 -7.04 -7.62 21.65
C ASP A 131 -5.70 -7.99 22.31
N GLY A 132 -4.60 -7.56 21.71
CA GLY A 132 -3.29 -7.86 22.25
C GLY A 132 -2.85 -9.24 21.85
N ASP A 133 -3.24 -9.67 20.67
CA ASP A 133 -2.87 -10.99 20.18
C ASP A 133 -1.67 -10.88 19.23
N GLY A 134 -1.46 -9.71 18.66
CA GLY A 134 -0.34 -9.50 17.76
C GLY A 134 -0.70 -9.69 16.30
N GLN A 135 -1.99 -9.76 16.02
CA GLN A 135 -2.46 -9.93 14.65
C GLN A 135 -3.63 -8.99 14.38
N VAL A 136 -3.41 -8.03 13.50
CA VAL A 136 -4.44 -7.07 13.15
C VAL A 136 -5.41 -7.71 12.16
N ASN A 137 -6.66 -7.90 12.59
CA ASN A 137 -7.66 -8.48 11.71
C ASN A 137 -8.45 -7.40 10.98
N TYR A 138 -9.53 -7.82 10.31
CA TYR A 138 -10.37 -6.91 9.54
C TYR A 138 -10.92 -5.78 10.40
N GLU A 139 -11.58 -6.14 11.49
CA GLU A 139 -12.19 -5.17 12.38
C GLU A 139 -11.16 -4.19 12.93
N GLU A 140 -10.07 -4.73 13.45
CA GLU A 140 -9.01 -3.91 14.02
C GLU A 140 -8.46 -2.91 13.01
N PHE A 141 -8.24 -3.38 11.78
CA PHE A 141 -7.71 -2.55 10.71
C PHE A 141 -8.70 -1.48 10.29
N VAL A 142 -9.97 -1.86 10.16
CA VAL A 142 -11.02 -0.91 9.77
C VAL A 142 -11.11 0.25 10.75
N GLN A 143 -11.11 -0.06 12.04
CA GLN A 143 -11.22 0.96 13.08
C GLN A 143 -9.95 1.81 13.19
N MET A 144 -8.90 1.42 12.48
CA MET A 144 -7.66 2.16 12.55
C MET A 144 -7.44 3.02 11.31
N MET A 145 -7.83 2.51 10.15
CA MET A 145 -7.63 3.23 8.90
C MET A 145 -8.87 4.05 8.53
N THR A 146 -10.03 3.44 8.64
CA THR A 146 -11.28 4.08 8.30
C THR A 146 -11.79 4.98 9.42
N ALA A 147 -11.27 4.79 10.62
CA ALA A 147 -11.68 5.61 11.77
C ALA A 147 -10.48 6.32 12.36
N MET B 1 -3.32 -1.27 -8.37
CA MET B 1 -3.62 -1.14 -6.91
C MET B 1 -2.32 -1.08 -6.10
N ASP B 2 -1.23 -1.33 -6.80
CA ASP B 2 0.12 -1.33 -6.23
C ASP B 2 0.47 0.04 -5.67
N CYS B 3 0.53 1.04 -6.53
CA CYS B 3 0.85 2.40 -6.11
C CYS B 3 -0.19 2.89 -5.09
N LEU B 4 -1.41 2.41 -5.23
CA LEU B 4 -2.52 2.77 -4.35
C LEU B 4 -2.30 2.23 -2.93
N CYS B 5 -2.03 0.93 -2.80
CA CYS B 5 -1.81 0.34 -1.50
C CYS B 5 -0.61 0.97 -0.84
N ILE B 6 0.26 1.58 -1.63
CA ILE B 6 1.40 2.28 -1.09
C ILE B 6 0.88 3.48 -0.30
N VAL B 7 -0.07 4.22 -0.90
CA VAL B 7 -0.68 5.37 -0.22
C VAL B 7 -1.42 4.89 1.02
N THR B 8 -2.14 3.77 0.88
CA THR B 8 -2.89 3.20 2.00
C THR B 8 -1.93 2.72 3.10
N THR B 9 -0.83 2.10 2.70
CA THR B 9 0.17 1.64 3.64
C THR B 9 0.75 2.83 4.39
N LYS B 10 1.07 3.89 3.66
CA LYS B 10 1.62 5.08 4.28
C LYS B 10 0.61 5.72 5.19
N LYS B 11 -0.65 5.67 4.79
CA LYS B 11 -1.72 6.22 5.61
C LYS B 11 -1.88 5.41 6.89
N TYR B 12 -1.88 4.07 6.75
CA TYR B 12 -2.01 3.18 7.90
C TYR B 12 -0.81 3.35 8.84
N ARG B 13 0.37 3.50 8.27
CA ARG B 13 1.58 3.72 9.05
C ARG B 13 1.54 5.10 9.72
N TYR B 14 1.04 6.09 8.98
CA TYR B 14 0.92 7.45 9.52
C TYR B 14 -0.07 7.47 10.68
N GLN B 15 -1.11 6.64 10.56
CA GLN B 15 -2.15 6.56 11.57
C GLN B 15 -1.64 5.89 12.85
N ASP B 16 -0.58 5.09 12.74
CA ASP B 16 -0.01 4.42 13.92
C ASP B 16 0.58 5.43 14.89
N GLU B 17 1.23 6.44 14.36
CA GLU B 17 1.82 7.49 15.17
C GLU B 17 0.71 8.43 15.65
N ASP B 18 0.03 8.04 16.73
CA ASP B 18 -1.06 8.83 17.27
C ASP B 18 -1.14 8.74 18.80
N THR B 19 -1.45 7.56 19.31
CA THR B 19 -1.57 7.38 20.75
C THR B 19 -0.21 7.03 21.36
N LEU A 4 -1.56 19.24 0.79
CA LEU A 4 -1.27 18.16 1.77
C LEU A 4 0.11 18.40 2.38
N THR A 5 0.37 17.77 3.52
CA THR A 5 1.64 17.91 4.21
C THR A 5 2.81 17.53 3.31
N GLU A 6 3.78 18.44 3.20
CA GLU A 6 4.97 18.20 2.37
C GLU A 6 5.75 16.99 2.87
N GLU A 7 5.62 16.66 4.15
CA GLU A 7 6.29 15.50 4.72
C GLU A 7 5.82 14.24 3.99
N GLN A 8 4.51 14.15 3.76
CA GLN A 8 3.95 13.00 3.04
C GLN A 8 4.47 12.98 1.62
N ILE A 9 4.45 14.15 0.97
CA ILE A 9 4.98 14.29 -0.38
C ILE A 9 6.44 13.79 -0.43
N ALA A 10 7.16 14.07 0.65
CA ALA A 10 8.56 13.65 0.77
C ALA A 10 8.63 12.13 0.89
N GLU A 11 7.65 11.54 1.56
CA GLU A 11 7.58 10.10 1.73
C GLU A 11 7.24 9.42 0.41
N PHE A 12 6.21 9.94 -0.27
CA PHE A 12 5.78 9.40 -1.57
C PHE A 12 6.90 9.38 -2.57
N LYS A 13 7.83 10.31 -2.43
CA LYS A 13 9.02 10.37 -3.28
C LYS A 13 9.75 9.03 -3.30
N GLU A 14 9.71 8.35 -2.16
CA GLU A 14 10.35 7.05 -2.03
C GLU A 14 9.63 6.04 -2.90
N ALA A 15 8.31 6.13 -2.92
CA ALA A 15 7.49 5.22 -3.72
C ALA A 15 7.80 5.42 -5.21
N PHE A 16 7.82 6.67 -5.65
CA PHE A 16 8.15 6.98 -7.05
C PHE A 16 9.45 6.32 -7.46
N SER A 17 10.46 6.44 -6.61
CA SER A 17 11.77 5.86 -6.87
C SER A 17 11.74 4.33 -6.71
N LEU A 18 10.66 3.83 -6.13
CA LEU A 18 10.49 2.40 -5.92
C LEU A 18 9.85 1.78 -7.15
N PHE A 19 8.72 2.35 -7.57
CA PHE A 19 8.01 1.85 -8.73
C PHE A 19 8.80 2.10 -10.01
N ASP A 20 9.40 3.29 -10.11
CA ASP A 20 10.20 3.65 -11.29
C ASP A 20 11.53 2.91 -11.28
N LYS A 21 11.92 2.41 -12.45
CA LYS A 21 13.18 1.70 -12.60
C LYS A 21 13.83 2.04 -13.93
N ASP A 22 13.46 3.17 -14.51
CA ASP A 22 14.02 3.59 -15.78
C ASP A 22 14.56 5.02 -15.70
N GLY A 23 14.15 5.75 -14.67
CA GLY A 23 14.62 7.11 -14.49
C GLY A 23 13.80 8.10 -15.29
N ASP A 24 12.60 7.69 -15.65
CA ASP A 24 11.70 8.55 -16.41
C ASP A 24 10.77 9.32 -15.49
N GLY A 25 10.52 8.76 -14.31
CA GLY A 25 9.67 9.42 -13.32
C GLY A 25 8.21 9.03 -13.41
N THR A 26 7.87 8.23 -14.41
CA THR A 26 6.49 7.81 -14.60
C THR A 26 6.33 6.32 -14.30
N ILE A 27 5.11 5.95 -13.94
CA ILE A 27 4.78 4.58 -13.62
C ILE A 27 4.32 3.82 -14.86
N THR A 28 4.85 2.63 -15.06
CA THR A 28 4.46 1.80 -16.17
C THR A 28 3.97 0.45 -15.64
N THR A 29 3.57 -0.42 -16.54
CA THR A 29 3.07 -1.72 -16.17
C THR A 29 4.22 -2.69 -15.90
N LYS A 30 5.32 -2.49 -16.64
CA LYS A 30 6.50 -3.34 -16.51
C LYS A 30 7.31 -3.02 -15.27
N GLU A 31 7.34 -1.75 -14.86
CA GLU A 31 8.12 -1.36 -13.70
C GLU A 31 7.51 -1.87 -12.41
N LEU A 32 6.22 -1.61 -12.23
CA LEU A 32 5.51 -2.04 -11.04
C LEU A 32 5.46 -3.57 -11.01
N GLY A 33 5.41 -4.18 -12.18
CA GLY A 33 5.39 -5.63 -12.27
C GLY A 33 6.63 -6.24 -11.68
N THR A 34 7.75 -5.55 -11.84
CA THR A 34 9.01 -6.00 -11.29
C THR A 34 8.95 -6.10 -9.76
N VAL A 35 8.37 -5.09 -9.13
CA VAL A 35 8.23 -5.05 -7.66
C VAL A 35 7.30 -6.18 -7.21
N MET A 36 6.25 -6.40 -8.00
CA MET A 36 5.27 -7.46 -7.70
C MET A 36 5.87 -8.85 -7.87
N ARG A 37 7.06 -8.91 -8.43
CA ARG A 37 7.75 -10.17 -8.64
C ARG A 37 8.53 -10.52 -7.38
N SER A 38 9.16 -9.51 -6.80
CA SER A 38 9.96 -9.67 -5.60
C SER A 38 9.10 -9.90 -4.36
N LEU A 39 7.80 -9.68 -4.50
CA LEU A 39 6.87 -9.90 -3.40
C LEU A 39 6.45 -11.35 -3.35
N GLY A 40 7.07 -12.16 -4.20
CA GLY A 40 6.74 -13.57 -4.26
C GLY A 40 5.44 -13.81 -4.98
N GLN A 41 5.24 -13.09 -6.07
CA GLN A 41 4.04 -13.22 -6.86
C GLN A 41 4.40 -13.20 -8.34
N ASN A 42 3.53 -13.78 -9.15
CA ASN A 42 3.77 -13.82 -10.59
C ASN A 42 2.49 -13.53 -11.34
N PRO A 43 2.18 -12.26 -11.55
CA PRO A 43 0.99 -11.84 -12.26
C PRO A 43 1.23 -11.70 -13.75
N THR A 44 0.23 -12.07 -14.53
CA THR A 44 0.33 -11.94 -15.97
C THR A 44 -0.34 -10.64 -16.42
N GLU A 45 -0.37 -10.43 -17.72
CA GLU A 45 -0.95 -9.23 -18.32
C GLU A 45 -2.36 -8.89 -17.80
N ALA A 46 -3.13 -9.89 -17.41
CA ALA A 46 -4.48 -9.65 -16.92
C ALA A 46 -4.44 -8.97 -15.55
N GLU A 47 -3.57 -9.47 -14.70
CA GLU A 47 -3.40 -8.93 -13.35
C GLU A 47 -2.62 -7.63 -13.41
N LEU A 48 -1.62 -7.59 -14.30
CA LEU A 48 -0.81 -6.39 -14.48
C LEU A 48 -1.66 -5.18 -14.82
N GLN A 49 -2.74 -5.41 -15.56
CA GLN A 49 -3.62 -4.32 -15.95
C GLN A 49 -4.69 -4.13 -14.88
N ASP A 50 -5.05 -5.22 -14.21
CA ASP A 50 -6.05 -5.17 -13.14
C ASP A 50 -5.57 -4.19 -12.07
N MET A 51 -4.28 -4.30 -11.76
CA MET A 51 -3.65 -3.43 -10.79
C MET A 51 -3.80 -1.97 -11.20
N ILE A 52 -3.42 -1.69 -12.44
CA ILE A 52 -3.50 -0.34 -12.98
C ILE A 52 -4.93 0.20 -12.98
N ASN A 53 -5.90 -0.69 -13.22
CA ASN A 53 -7.33 -0.32 -13.25
C ASN A 53 -7.77 0.40 -11.96
N GLU A 54 -7.23 0.01 -10.82
CA GLU A 54 -7.60 0.65 -9.55
C GLU A 54 -7.26 2.13 -9.57
N VAL A 55 -6.23 2.47 -10.31
CA VAL A 55 -5.79 3.85 -10.43
C VAL A 55 -6.38 4.50 -11.68
N ASP A 56 -6.23 3.81 -12.80
CA ASP A 56 -6.71 4.30 -14.09
C ASP A 56 -8.21 4.57 -14.08
N ALA A 57 -8.58 5.78 -14.43
CA ALA A 57 -9.96 6.18 -14.47
C ALA A 57 -10.28 6.88 -15.79
N ASP A 58 -9.23 7.13 -16.56
CA ASP A 58 -9.38 7.79 -17.87
C ASP A 58 -9.60 6.77 -18.97
N GLY A 59 -9.23 5.52 -18.70
CA GLY A 59 -9.41 4.48 -19.68
C GLY A 59 -8.26 4.41 -20.65
N ASN A 60 -7.05 4.31 -20.11
CA ASN A 60 -5.86 4.23 -20.95
C ASN A 60 -4.97 3.06 -20.53
N GLY A 61 -4.91 2.81 -19.23
CA GLY A 61 -4.08 1.71 -18.74
C GLY A 61 -2.70 2.17 -18.31
N THR A 62 -2.65 3.32 -17.66
CA THR A 62 -1.38 3.86 -17.19
C THR A 62 -1.59 4.80 -16.01
N ILE A 63 -0.79 4.63 -14.97
CA ILE A 63 -0.85 5.47 -13.78
C ILE A 63 -0.21 6.82 -14.10
N ASP A 64 -1.05 7.80 -14.41
CA ASP A 64 -0.60 9.14 -14.78
C ASP A 64 -0.77 10.13 -13.64
N PHE A 65 -0.35 11.37 -13.89
CA PHE A 65 -0.41 12.45 -12.90
C PHE A 65 -1.85 12.85 -12.55
N PRO A 66 -2.74 13.10 -13.55
CA PRO A 66 -4.14 13.48 -13.27
C PRO A 66 -4.83 12.48 -12.33
N GLU A 67 -4.81 11.19 -12.70
CA GLU A 67 -5.43 10.16 -11.86
C GLU A 67 -4.72 10.05 -10.53
N PHE A 68 -3.44 10.39 -10.52
CA PHE A 68 -2.64 10.29 -9.29
C PHE A 68 -3.22 11.20 -8.22
N LEU A 69 -3.76 12.34 -8.64
CA LEU A 69 -4.35 13.30 -7.71
C LEU A 69 -5.59 12.70 -7.04
N THR A 70 -6.53 12.26 -7.88
CA THR A 70 -7.77 11.69 -7.38
C THR A 70 -7.51 10.36 -6.65
N MET A 71 -6.58 9.60 -7.22
CA MET A 71 -6.19 8.30 -6.68
C MET A 71 -5.69 8.44 -5.26
N MET A 72 -4.74 9.36 -5.07
CA MET A 72 -4.15 9.60 -3.78
C MET A 72 -5.16 10.18 -2.81
N ALA A 73 -6.01 11.06 -3.29
CA ALA A 73 -7.03 11.69 -2.45
C ALA A 73 -7.97 10.64 -1.84
N ARG A 74 -8.26 9.58 -2.59
CA ARG A 74 -9.14 8.52 -2.12
C ARG A 74 -8.46 7.67 -1.05
N LYS A 75 -7.15 7.48 -1.17
CA LYS A 75 -6.41 6.66 -0.22
C LYS A 75 -5.63 7.52 0.78
N MET A 76 -5.92 8.82 0.79
CA MET A 76 -5.25 9.75 1.70
C MET A 76 -5.92 9.71 3.05
N LYS A 77 -7.21 10.01 3.07
CA LYS A 77 -7.99 10.00 4.29
C LYS A 77 -9.21 9.13 4.09
N ASP A 78 -8.97 7.94 3.56
CA ASP A 78 -10.04 6.99 3.30
C ASP A 78 -10.86 6.74 4.56
N THR A 79 -12.14 6.98 4.43
CA THR A 79 -13.08 6.78 5.50
C THR A 79 -14.37 6.23 4.93
N ASP A 80 -14.21 5.56 3.79
CA ASP A 80 -15.31 4.93 3.06
C ASP A 80 -14.82 3.58 2.60
N SER A 81 -13.84 3.07 3.36
CA SER A 81 -13.15 1.80 3.11
C SER A 81 -14.05 0.72 2.53
N GLU A 82 -13.88 0.49 1.23
CA GLU A 82 -14.62 -0.54 0.53
C GLU A 82 -13.64 -1.45 -0.20
N GLU A 83 -12.97 -0.90 -1.21
CA GLU A 83 -12.01 -1.67 -1.99
C GLU A 83 -10.61 -1.48 -1.43
N GLU A 84 -10.35 -0.28 -0.93
CA GLU A 84 -9.06 0.08 -0.36
C GLU A 84 -8.72 -0.80 0.83
N ILE A 85 -9.70 -1.04 1.68
CA ILE A 85 -9.50 -1.89 2.85
C ILE A 85 -9.04 -3.27 2.39
N ARG A 86 -9.64 -3.75 1.30
CA ARG A 86 -9.30 -5.04 0.74
C ARG A 86 -7.95 -4.96 0.04
N GLU A 87 -7.75 -3.90 -0.73
CA GLU A 87 -6.51 -3.67 -1.45
C GLU A 87 -5.30 -3.72 -0.51
N ALA A 88 -5.33 -2.90 0.55
CA ALA A 88 -4.22 -2.86 1.51
C ALA A 88 -4.16 -4.16 2.31
N PHE A 89 -5.28 -4.86 2.39
CA PHE A 89 -5.35 -6.12 3.13
C PHE A 89 -4.69 -7.23 2.30
N ARG A 90 -4.92 -7.19 1.00
CA ARG A 90 -4.37 -8.19 0.10
C ARG A 90 -2.87 -8.02 -0.07
N VAL A 91 -2.42 -6.76 -0.11
CA VAL A 91 -1.00 -6.46 -0.28
C VAL A 91 -0.21 -6.87 0.97
N PHE A 92 -0.81 -6.67 2.14
CA PHE A 92 -0.17 -7.02 3.42
C PHE A 92 -0.28 -8.51 3.70
N ASP A 93 -1.36 -9.13 3.23
CA ASP A 93 -1.61 -10.55 3.46
C ASP A 93 -1.07 -11.37 2.30
N LYS A 94 0.20 -11.74 2.39
CA LYS A 94 0.84 -12.51 1.33
C LYS A 94 0.45 -13.99 1.39
N ASP A 95 0.03 -14.48 2.56
CA ASP A 95 -0.37 -15.88 2.67
C ASP A 95 -1.82 -16.08 2.22
N GLY A 96 -2.59 -14.99 2.22
CA GLY A 96 -3.98 -15.05 1.81
C GLY A 96 -4.87 -15.75 2.82
N ASN A 97 -4.51 -15.67 4.10
CA ASN A 97 -5.32 -16.30 5.15
C ASN A 97 -6.32 -15.31 5.73
N GLY A 98 -6.10 -14.03 5.50
CA GLY A 98 -7.02 -13.02 6.00
C GLY A 98 -6.57 -12.40 7.32
N TYR A 99 -5.40 -12.78 7.78
CA TYR A 99 -4.87 -12.25 9.04
C TYR A 99 -3.46 -11.70 8.82
N ILE A 100 -3.30 -10.39 9.05
CA ILE A 100 -2.02 -9.72 8.88
C ILE A 100 -1.27 -9.61 10.21
N SER A 101 0.03 -9.83 10.17
CA SER A 101 0.88 -9.75 11.37
C SER A 101 2.29 -9.35 10.97
N ALA A 102 3.24 -9.45 11.90
CA ALA A 102 4.65 -9.13 11.63
C ALA A 102 5.29 -10.20 10.73
N ALA A 103 4.43 -11.07 10.25
CA ALA A 103 4.81 -12.16 9.38
C ALA A 103 5.07 -11.65 7.96
N GLU A 104 3.99 -11.48 7.22
CA GLU A 104 4.06 -10.99 5.85
C GLU A 104 4.32 -9.49 5.78
N LEU A 105 3.90 -8.77 6.81
CA LEU A 105 4.07 -7.32 6.84
C LEU A 105 5.55 -6.96 6.80
N ARG A 106 6.35 -7.74 7.53
CA ARG A 106 7.78 -7.51 7.59
C ARG A 106 8.42 -7.59 6.21
N HIS A 107 7.99 -8.57 5.41
CA HIS A 107 8.54 -8.74 4.07
C HIS A 107 8.12 -7.60 3.15
N VAL A 108 6.85 -7.18 3.23
CA VAL A 108 6.36 -6.08 2.40
C VAL A 108 7.09 -4.78 2.76
N MET A 109 7.35 -4.61 4.05
CA MET A 109 8.07 -3.45 4.54
C MET A 109 9.45 -3.38 3.90
N THR A 110 10.10 -4.54 3.81
CA THR A 110 11.43 -4.61 3.22
C THR A 110 11.36 -4.43 1.70
N ASN A 111 10.27 -4.91 1.11
CA ASN A 111 10.09 -4.82 -0.33
C ASN A 111 9.89 -3.38 -0.75
N LEU A 112 9.06 -2.64 0.00
CA LEU A 112 8.79 -1.24 -0.32
C LEU A 112 10.02 -0.38 -0.03
N GLY A 113 10.85 -0.83 0.91
CA GLY A 113 12.05 -0.10 1.26
C GLY A 113 11.76 1.06 2.20
N GLU A 114 10.81 0.85 3.10
CA GLU A 114 10.44 1.89 4.05
C GLU A 114 11.41 1.89 5.23
N LYS A 115 11.38 2.96 6.00
CA LYS A 115 12.27 3.10 7.14
C LYS A 115 11.70 2.38 8.37
N LEU A 116 11.48 1.08 8.24
CA LEU A 116 10.94 0.28 9.34
C LEU A 116 11.71 -1.02 9.49
N THR A 117 12.26 -1.25 10.68
CA THR A 117 12.98 -2.47 10.95
C THR A 117 12.06 -3.48 11.64
N ASP A 118 12.62 -4.58 12.14
CA ASP A 118 11.83 -5.61 12.81
C ASP A 118 11.04 -5.02 13.97
N GLU A 119 11.72 -4.26 14.81
CA GLU A 119 11.10 -3.61 15.97
C GLU A 119 10.01 -2.64 15.55
N GLU A 120 10.21 -1.98 14.42
CA GLU A 120 9.26 -1.00 13.92
C GLU A 120 7.99 -1.68 13.41
N VAL A 121 8.15 -2.86 12.81
CA VAL A 121 7.01 -3.62 12.29
C VAL A 121 6.11 -4.06 13.44
N ASP A 122 6.75 -4.54 14.50
CA ASP A 122 6.03 -4.99 15.69
C ASP A 122 5.41 -3.82 16.43
N GLU A 123 6.16 -2.73 16.50
CA GLU A 123 5.70 -1.53 17.17
C GLU A 123 4.47 -0.97 16.46
N MET A 124 4.56 -0.88 15.15
CA MET A 124 3.45 -0.37 14.34
C MET A 124 2.26 -1.32 14.40
N ILE A 125 2.51 -2.64 14.38
CA ILE A 125 1.43 -3.64 14.42
C ILE A 125 0.48 -3.41 15.61
N ARG A 126 1.00 -2.84 16.68
CA ARG A 126 0.20 -2.58 17.88
C ARG A 126 -0.59 -1.28 17.79
N GLU A 127 -0.68 -0.70 16.60
CA GLU A 127 -1.45 0.51 16.42
C GLU A 127 -2.92 0.14 16.22
N ALA A 128 -3.16 -0.91 15.43
CA ALA A 128 -4.51 -1.39 15.19
C ALA A 128 -4.82 -2.60 16.07
N ASP A 129 -3.78 -3.24 16.58
CA ASP A 129 -3.96 -4.41 17.43
C ASP A 129 -4.46 -4.00 18.81
N ILE A 130 -5.75 -4.12 19.02
CA ILE A 130 -6.38 -3.74 20.27
C ILE A 130 -6.61 -4.96 21.17
N ASP A 131 -6.73 -6.14 20.58
CA ASP A 131 -6.96 -7.37 21.35
C ASP A 131 -5.68 -7.85 22.04
N GLY A 132 -4.54 -7.38 21.57
CA GLY A 132 -3.28 -7.78 22.15
C GLY A 132 -2.88 -9.18 21.71
N ASP A 133 -3.01 -9.44 20.42
CA ASP A 133 -2.68 -10.75 19.87
C ASP A 133 -1.55 -10.64 18.84
N GLY A 134 -1.46 -9.50 18.16
CA GLY A 134 -0.40 -9.30 17.19
C GLY A 134 -0.87 -9.39 15.75
N GLN A 135 -2.08 -9.86 15.53
CA GLN A 135 -2.63 -9.97 14.19
C GLN A 135 -3.79 -9.00 14.00
N VAL A 136 -3.66 -8.12 13.03
CA VAL A 136 -4.68 -7.13 12.75
C VAL A 136 -5.82 -7.76 11.95
N ASN A 137 -6.99 -7.86 12.57
CA ASN A 137 -8.16 -8.44 11.90
C ASN A 137 -9.02 -7.36 11.28
N TYR A 138 -10.07 -7.77 10.54
CA TYR A 138 -10.97 -6.85 9.85
C TYR A 138 -11.48 -5.75 10.78
N GLU A 139 -12.01 -6.15 11.93
CA GLU A 139 -12.55 -5.22 12.91
C GLU A 139 -11.51 -4.18 13.31
N GLU A 140 -10.30 -4.65 13.62
CA GLU A 140 -9.21 -3.78 14.02
C GLU A 140 -8.79 -2.85 12.89
N PHE A 141 -8.82 -3.35 11.66
CA PHE A 141 -8.44 -2.55 10.51
C PHE A 141 -9.51 -1.51 10.19
N VAL A 142 -10.78 -1.92 10.25
CA VAL A 142 -11.89 -1.01 9.98
C VAL A 142 -11.92 0.13 11.00
N GLN A 143 -11.84 -0.25 12.27
CA GLN A 143 -11.86 0.69 13.38
C GLN A 143 -10.65 1.63 13.35
N MET A 144 -9.62 1.25 12.60
CA MET A 144 -8.42 2.05 12.51
C MET A 144 -8.31 2.79 11.19
N MET A 145 -9.02 2.30 10.17
CA MET A 145 -8.99 2.93 8.86
C MET A 145 -10.06 4.01 8.75
N THR A 146 -11.29 3.64 9.03
CA THR A 146 -12.41 4.58 8.96
C THR A 146 -12.48 5.44 10.22
N ALA A 147 -12.28 4.82 11.37
CA ALA A 147 -12.34 5.54 12.64
C ALA A 147 -10.94 5.71 13.23
N MET B 1 -3.22 -1.92 -7.98
CA MET B 1 -3.30 -1.67 -6.53
C MET B 1 -1.95 -1.17 -6.01
N ASP B 2 -0.89 -1.67 -6.63
CA ASP B 2 0.50 -1.34 -6.31
C ASP B 2 0.73 0.06 -5.71
N CYS B 3 0.68 1.07 -6.55
CA CYS B 3 0.91 2.45 -6.14
C CYS B 3 -0.13 2.94 -5.12
N LEU B 4 -1.35 2.41 -5.21
CA LEU B 4 -2.42 2.82 -4.29
C LEU B 4 -2.27 2.19 -2.92
N CYS B 5 -1.93 0.90 -2.86
CA CYS B 5 -1.74 0.27 -1.56
C CYS B 5 -0.59 0.95 -0.86
N ILE B 6 0.32 1.53 -1.63
CA ILE B 6 1.43 2.27 -1.07
C ILE B 6 0.85 3.49 -0.36
N VAL B 7 -0.12 4.13 -1.02
CA VAL B 7 -0.81 5.29 -0.45
C VAL B 7 -1.56 4.89 0.82
N THR B 8 -2.27 3.77 0.75
CA THR B 8 -3.01 3.26 1.89
C THR B 8 -2.05 2.80 3.00
N THR B 9 -0.92 2.22 2.61
CA THR B 9 0.09 1.80 3.57
C THR B 9 0.65 3.02 4.28
N LYS B 10 0.76 4.12 3.53
CA LYS B 10 1.25 5.36 4.09
C LYS B 10 0.24 5.93 5.08
N LYS B 11 -1.04 5.73 4.76
CA LYS B 11 -2.13 6.19 5.61
C LYS B 11 -2.13 5.38 6.90
N TYR B 12 -2.05 4.07 6.76
CA TYR B 12 -2.00 3.15 7.89
C TYR B 12 -0.75 3.46 8.72
N ARG B 13 0.36 3.71 8.01
CA ARG B 13 1.64 4.03 8.63
C ARG B 13 1.59 5.43 9.26
N TYR B 14 0.58 6.19 8.88
CA TYR B 14 0.40 7.54 9.39
C TYR B 14 -0.48 7.47 10.64
N GLN B 15 -1.28 6.42 10.73
CA GLN B 15 -2.18 6.23 11.87
C GLN B 15 -1.39 5.80 13.09
N ASP B 16 -0.20 5.25 12.87
CA ASP B 16 0.69 4.84 13.95
C ASP B 16 1.13 6.10 14.69
N GLU B 17 1.31 7.16 13.94
CA GLU B 17 1.70 8.46 14.46
C GLU B 17 0.52 9.14 15.13
N ASP B 18 0.17 8.69 16.33
CA ASP B 18 -0.97 9.27 17.04
C ASP B 18 -0.94 8.98 18.54
N THR B 19 -0.44 7.79 18.90
CA THR B 19 -0.36 7.41 20.30
C THR B 19 1.03 7.69 20.86
N LEU A 4 -1.53 20.15 -0.49
CA LEU A 4 -1.20 18.95 0.29
C LEU A 4 0.04 19.22 1.15
N THR A 5 0.22 18.40 2.18
CA THR A 5 1.36 18.53 3.07
C THR A 5 2.66 18.25 2.33
N GLU A 6 3.62 19.16 2.46
CA GLU A 6 4.91 19.04 1.80
C GLU A 6 5.62 17.75 2.21
N GLU A 7 5.50 17.40 3.49
CA GLU A 7 6.12 16.19 4.01
C GLU A 7 5.61 14.96 3.29
N GLN A 8 4.28 14.89 3.10
CA GLN A 8 3.69 13.76 2.40
C GLN A 8 4.23 13.68 0.99
N ILE A 9 4.24 14.81 0.31
CA ILE A 9 4.76 14.90 -1.05
C ILE A 9 6.19 14.33 -1.10
N ALA A 10 6.99 14.65 -0.09
CA ALA A 10 8.35 14.17 -0.01
C ALA A 10 8.39 12.65 0.18
N GLU A 11 7.46 12.13 0.98
CA GLU A 11 7.37 10.71 1.23
C GLU A 11 6.94 9.99 -0.04
N PHE A 12 5.89 10.51 -0.68
CA PHE A 12 5.38 9.90 -1.91
C PHE A 12 6.43 9.97 -3.03
N LYS A 13 7.25 11.02 -3.01
CA LYS A 13 8.32 11.17 -3.99
C LYS A 13 9.22 9.92 -3.94
N GLU A 14 9.43 9.42 -2.72
CA GLU A 14 10.24 8.24 -2.50
C GLU A 14 9.51 7.00 -3.02
N ALA A 15 8.19 6.95 -2.80
CA ALA A 15 7.39 5.84 -3.28
C ALA A 15 7.51 5.73 -4.79
N PHE A 16 7.35 6.87 -5.44
CA PHE A 16 7.49 6.96 -6.89
C PHE A 16 8.86 6.47 -7.32
N SER A 17 9.86 6.76 -6.49
CA SER A 17 11.23 6.37 -6.78
C SER A 17 11.43 4.85 -6.64
N LEU A 18 10.56 4.18 -5.88
CA LEU A 18 10.68 2.74 -5.72
C LEU A 18 9.87 2.02 -6.79
N PHE A 19 8.76 2.61 -7.22
CA PHE A 19 7.95 2.01 -8.28
C PHE A 19 8.67 2.12 -9.61
N ASP A 20 9.19 3.30 -9.89
CA ASP A 20 9.89 3.58 -11.13
C ASP A 20 11.23 2.86 -11.20
N LYS A 21 11.58 2.40 -12.40
CA LYS A 21 12.83 1.69 -12.62
C LYS A 21 13.46 2.12 -13.95
N ASP A 22 12.99 3.23 -14.51
CA ASP A 22 13.52 3.71 -15.79
C ASP A 22 14.03 5.15 -15.69
N GLY A 23 13.56 5.87 -14.69
CA GLY A 23 13.99 7.25 -14.49
C GLY A 23 13.19 8.22 -15.35
N ASP A 24 12.01 7.81 -15.80
CA ASP A 24 11.18 8.68 -16.62
C ASP A 24 10.24 9.49 -15.74
N GLY A 25 9.98 9.01 -14.53
CA GLY A 25 9.12 9.72 -13.61
C GLY A 25 7.67 9.31 -13.72
N THR A 26 7.38 8.30 -14.52
CA THR A 26 6.01 7.85 -14.67
C THR A 26 5.90 6.34 -14.41
N ILE A 27 4.79 5.94 -13.79
CA ILE A 27 4.53 4.55 -13.47
C ILE A 27 4.11 3.78 -14.72
N THR A 28 4.59 2.54 -14.85
CA THR A 28 4.22 1.70 -15.97
C THR A 28 3.72 0.35 -15.44
N THR A 29 3.35 -0.55 -16.34
CA THR A 29 2.84 -1.86 -15.95
C THR A 29 3.99 -2.80 -15.60
N LYS A 30 5.07 -2.69 -16.36
CA LYS A 30 6.23 -3.54 -16.20
C LYS A 30 7.06 -3.15 -14.95
N GLU A 31 7.00 -1.87 -14.54
CA GLU A 31 7.77 -1.42 -13.40
C GLU A 31 7.14 -1.92 -12.10
N LEU A 32 5.84 -1.69 -11.95
CA LEU A 32 5.11 -2.09 -10.76
C LEU A 32 5.04 -3.60 -10.64
N GLY A 33 4.87 -4.28 -11.79
CA GLY A 33 4.80 -5.73 -11.79
C GLY A 33 6.05 -6.36 -11.20
N THR A 34 7.19 -5.71 -11.41
CA THR A 34 8.46 -6.20 -10.90
C THR A 34 8.43 -6.20 -9.37
N VAL A 35 7.84 -5.17 -8.79
CA VAL A 35 7.75 -5.05 -7.32
C VAL A 35 6.79 -6.09 -6.76
N MET A 36 5.64 -6.24 -7.39
CA MET A 36 4.62 -7.20 -6.94
C MET A 36 5.14 -8.64 -7.13
N ARG A 37 6.23 -8.77 -7.87
CA ARG A 37 6.83 -10.06 -8.13
C ARG A 37 7.71 -10.45 -6.95
N SER A 38 8.45 -9.47 -6.43
CA SER A 38 9.32 -9.69 -5.28
C SER A 38 8.50 -9.88 -4.00
N LEU A 39 7.23 -9.52 -4.07
CA LEU A 39 6.34 -9.66 -2.93
C LEU A 39 5.85 -11.10 -2.79
N GLY A 40 6.27 -11.94 -3.73
CA GLY A 40 5.88 -13.33 -3.71
C GLY A 40 4.61 -13.58 -4.48
N GLN A 41 4.33 -12.71 -5.42
CA GLN A 41 3.15 -12.84 -6.26
C GLN A 41 3.55 -12.79 -7.72
N ASN A 42 2.88 -13.55 -8.56
CA ASN A 42 3.19 -13.54 -9.98
C ASN A 42 1.89 -13.46 -10.78
N PRO A 43 1.46 -12.23 -11.10
CA PRO A 43 0.23 -11.97 -11.85
C PRO A 43 0.46 -11.93 -13.37
N THR A 44 -0.58 -12.24 -14.13
CA THR A 44 -0.48 -12.24 -15.58
C THR A 44 -0.76 -10.83 -16.11
N GLU A 45 -0.58 -10.64 -17.42
CA GLU A 45 -0.82 -9.35 -18.06
C GLU A 45 -2.25 -8.87 -17.78
N ALA A 46 -3.17 -9.82 -17.56
CA ALA A 46 -4.56 -9.49 -17.27
C ALA A 46 -4.66 -8.85 -15.87
N GLU A 47 -3.89 -9.40 -14.94
CA GLU A 47 -3.87 -8.91 -13.55
C GLU A 47 -3.11 -7.59 -13.48
N LEU A 48 -1.99 -7.53 -14.22
CA LEU A 48 -1.14 -6.34 -14.27
C LEU A 48 -1.87 -5.17 -14.89
N GLN A 49 -2.90 -5.47 -15.67
CA GLN A 49 -3.70 -4.46 -16.33
C GLN A 49 -4.85 -4.09 -15.39
N ASP A 50 -5.44 -5.12 -14.79
CA ASP A 50 -6.55 -4.97 -13.86
C ASP A 50 -6.13 -4.10 -12.69
N MET A 51 -4.91 -4.35 -12.21
CA MET A 51 -4.35 -3.59 -11.10
C MET A 51 -4.38 -2.10 -11.38
N ILE A 52 -3.90 -1.73 -12.56
CA ILE A 52 -3.87 -0.33 -12.97
C ILE A 52 -5.28 0.22 -13.19
N ASN A 53 -6.19 -0.63 -13.63
CA ASN A 53 -7.58 -0.21 -13.90
C ASN A 53 -8.27 0.33 -12.64
N GLU A 54 -7.81 -0.13 -11.49
CA GLU A 54 -8.37 0.32 -10.21
C GLU A 54 -7.75 1.65 -9.77
N VAL A 55 -6.96 2.24 -10.65
CA VAL A 55 -6.32 3.52 -10.40
C VAL A 55 -6.56 4.46 -11.57
N ASP A 56 -6.45 3.90 -12.77
CA ASP A 56 -6.63 4.63 -14.00
C ASP A 56 -8.10 5.01 -14.19
N ALA A 57 -8.34 6.24 -14.59
CA ALA A 57 -9.69 6.70 -14.79
C ALA A 57 -9.82 7.41 -16.14
N ASP A 58 -8.68 7.74 -16.73
CA ASP A 58 -8.67 8.41 -18.02
C ASP A 58 -8.88 7.40 -19.15
N GLY A 59 -8.57 6.14 -18.87
CA GLY A 59 -8.75 5.10 -19.86
C GLY A 59 -7.50 4.86 -20.67
N ASN A 60 -6.36 4.89 -20.00
CA ASN A 60 -5.08 4.67 -20.68
C ASN A 60 -4.37 3.45 -20.09
N GLY A 61 -4.71 3.13 -18.86
CA GLY A 61 -4.10 1.98 -18.19
C GLY A 61 -2.67 2.24 -17.79
N THR A 62 -2.46 3.34 -17.07
CA THR A 62 -1.13 3.73 -16.60
C THR A 62 -1.25 4.71 -15.43
N ILE A 63 -0.60 4.40 -14.29
CA ILE A 63 -0.64 5.30 -13.14
C ILE A 63 0.15 6.58 -13.47
N ASP A 64 -0.58 7.64 -13.78
CA ASP A 64 0.06 8.92 -14.11
C ASP A 64 -0.10 9.90 -12.97
N PHE A 65 0.46 11.10 -13.12
CA PHE A 65 0.41 12.13 -12.07
C PHE A 65 -1.02 12.62 -11.77
N PRO A 66 -1.83 12.97 -12.81
CA PRO A 66 -3.20 13.43 -12.58
C PRO A 66 -4.03 12.45 -11.75
N GLU A 67 -3.92 11.17 -12.09
CA GLU A 67 -4.64 10.13 -11.36
C GLU A 67 -3.96 9.86 -10.03
N PHE A 68 -2.64 10.05 -10.00
CA PHE A 68 -1.85 9.82 -8.80
C PHE A 68 -2.34 10.71 -7.66
N LEU A 69 -2.65 11.96 -7.99
CA LEU A 69 -3.12 12.93 -7.01
C LEU A 69 -4.50 12.56 -6.47
N THR A 70 -5.46 12.36 -7.36
CA THR A 70 -6.82 12.03 -6.96
C THR A 70 -6.84 10.71 -6.20
N MET A 71 -6.17 9.73 -6.75
CA MET A 71 -6.07 8.40 -6.16
C MET A 71 -5.41 8.47 -4.79
N MET A 72 -4.37 9.30 -4.67
CA MET A 72 -3.65 9.45 -3.42
C MET A 72 -4.55 10.10 -2.36
N ALA A 73 -5.07 11.28 -2.69
CA ALA A 73 -5.94 12.02 -1.77
C ALA A 73 -7.14 11.20 -1.36
N ARG A 74 -7.55 10.29 -2.24
CA ARG A 74 -8.69 9.42 -1.96
C ARG A 74 -8.35 8.31 -0.99
N LYS A 75 -7.06 8.06 -0.76
CA LYS A 75 -6.68 7.00 0.16
C LYS A 75 -5.99 7.54 1.41
N MET A 76 -5.23 8.62 1.26
CA MET A 76 -4.53 9.21 2.38
C MET A 76 -5.52 9.70 3.43
N LYS A 77 -6.62 10.29 2.97
CA LYS A 77 -7.64 10.80 3.87
C LYS A 77 -8.91 9.99 3.76
N ASP A 78 -8.79 8.77 3.24
CA ASP A 78 -9.93 7.90 3.09
C ASP A 78 -10.47 7.43 4.42
N THR A 79 -11.79 7.47 4.54
CA THR A 79 -12.44 7.02 5.75
C THR A 79 -13.81 6.43 5.39
N ASP A 80 -13.95 6.04 4.13
CA ASP A 80 -15.17 5.43 3.61
C ASP A 80 -14.80 4.19 2.84
N SER A 81 -13.67 3.62 3.25
CA SER A 81 -13.07 2.44 2.67
C SER A 81 -14.08 1.33 2.34
N GLU A 82 -14.09 0.91 1.08
CA GLU A 82 -14.97 -0.17 0.63
C GLU A 82 -14.13 -1.32 0.05
N GLU A 83 -13.17 -0.98 -0.81
CA GLU A 83 -12.30 -1.98 -1.43
C GLU A 83 -10.86 -1.79 -0.97
N GLU A 84 -10.53 -0.57 -0.58
CA GLU A 84 -9.19 -0.24 -0.09
C GLU A 84 -8.78 -1.18 1.03
N ILE A 85 -9.74 -1.54 1.88
CA ILE A 85 -9.51 -2.45 2.97
C ILE A 85 -8.88 -3.74 2.43
N ARG A 86 -9.51 -4.29 1.41
CA ARG A 86 -9.05 -5.52 0.78
C ARG A 86 -7.70 -5.31 0.12
N GLU A 87 -7.60 -4.23 -0.64
CA GLU A 87 -6.38 -3.89 -1.36
C GLU A 87 -5.16 -3.95 -0.46
N ALA A 88 -5.14 -3.11 0.58
CA ALA A 88 -4.01 -3.09 1.50
C ALA A 88 -3.93 -4.37 2.33
N PHE A 89 -5.05 -5.08 2.42
CA PHE A 89 -5.08 -6.34 3.16
C PHE A 89 -4.37 -7.42 2.36
N ARG A 90 -4.55 -7.38 1.04
CA ARG A 90 -3.92 -8.35 0.16
C ARG A 90 -2.44 -8.04 -0.01
N VAL A 91 -2.08 -6.77 0.11
CA VAL A 91 -0.69 -6.37 -0.02
C VAL A 91 0.09 -6.78 1.23
N PHE A 92 -0.56 -6.66 2.37
CA PHE A 92 0.06 -7.02 3.64
C PHE A 92 -0.05 -8.53 3.90
N ASP A 93 -1.25 -9.08 3.72
CA ASP A 93 -1.49 -10.51 3.92
C ASP A 93 -1.03 -11.28 2.70
N LYS A 94 0.02 -12.06 2.87
CA LYS A 94 0.60 -12.84 1.78
C LYS A 94 0.12 -14.27 1.80
N ASP A 95 -0.17 -14.80 2.98
CA ASP A 95 -0.63 -16.18 3.10
C ASP A 95 -2.09 -16.29 2.66
N GLY A 96 -2.78 -15.16 2.65
CA GLY A 96 -4.17 -15.15 2.24
C GLY A 96 -5.08 -15.70 3.33
N ASN A 97 -4.59 -15.70 4.55
CA ASN A 97 -5.34 -16.22 5.68
C ASN A 97 -6.25 -15.14 6.27
N GLY A 98 -5.97 -13.88 5.96
CA GLY A 98 -6.81 -12.79 6.45
C GLY A 98 -6.37 -12.26 7.80
N TYR A 99 -5.08 -12.39 8.10
CA TYR A 99 -4.54 -11.92 9.37
C TYR A 99 -3.11 -11.38 9.16
N ILE A 100 -2.96 -10.08 9.35
CA ILE A 100 -1.67 -9.42 9.17
C ILE A 100 -0.88 -9.40 10.48
N SER A 101 0.42 -9.64 10.39
CA SER A 101 1.28 -9.64 11.57
C SER A 101 2.71 -9.27 11.18
N ALA A 102 3.66 -9.42 12.12
CA ALA A 102 5.06 -9.13 11.86
C ALA A 102 5.66 -10.23 10.99
N ALA A 103 4.76 -11.06 10.50
CA ALA A 103 5.09 -12.17 9.63
C ALA A 103 5.22 -11.67 8.20
N GLU A 104 4.09 -11.43 7.56
CA GLU A 104 4.06 -10.97 6.18
C GLU A 104 4.30 -9.47 6.05
N LEU A 105 3.87 -8.69 7.03
CA LEU A 105 4.03 -7.24 6.98
C LEU A 105 5.50 -6.87 6.87
N ARG A 106 6.32 -7.59 7.62
CA ARG A 106 7.76 -7.38 7.64
C ARG A 106 8.33 -7.52 6.25
N HIS A 107 7.87 -8.55 5.52
CA HIS A 107 8.33 -8.82 4.17
C HIS A 107 8.01 -7.63 3.25
N VAL A 108 6.77 -7.14 3.31
CA VAL A 108 6.36 -6.03 2.46
C VAL A 108 7.17 -4.76 2.74
N MET A 109 7.33 -4.43 4.01
CA MET A 109 8.10 -3.24 4.40
C MET A 109 9.53 -3.31 3.90
N THR A 110 10.14 -4.48 4.02
CA THR A 110 11.51 -4.69 3.56
C THR A 110 11.58 -4.70 2.04
N ASN A 111 10.47 -5.08 1.40
CA ASN A 111 10.41 -5.13 -0.06
C ASN A 111 10.20 -3.74 -0.65
N LEU A 112 9.25 -2.98 -0.06
CA LEU A 112 8.97 -1.63 -0.52
C LEU A 112 10.21 -0.73 -0.36
N GLY A 113 10.85 -0.87 0.79
CA GLY A 113 12.04 -0.07 1.06
C GLY A 113 11.83 0.89 2.21
N GLU A 114 11.03 0.46 3.18
CA GLU A 114 10.74 1.27 4.34
C GLU A 114 11.91 1.24 5.32
N LYS A 115 11.99 2.26 6.17
CA LYS A 115 13.07 2.37 7.15
C LYS A 115 12.67 1.69 8.46
N LEU A 116 11.82 0.68 8.38
CA LEU A 116 11.35 -0.01 9.57
C LEU A 116 11.92 -1.41 9.67
N THR A 117 12.59 -1.68 10.79
CA THR A 117 13.16 -2.98 11.05
C THR A 117 12.09 -3.89 11.68
N ASP A 118 12.48 -5.08 12.13
CA ASP A 118 11.54 -6.01 12.74
C ASP A 118 10.88 -5.42 13.98
N GLU A 119 11.68 -4.80 14.85
CA GLU A 119 11.16 -4.20 16.09
C GLU A 119 10.18 -3.07 15.78
N GLU A 120 10.45 -2.37 14.69
CA GLU A 120 9.61 -1.25 14.29
C GLU A 120 8.31 -1.79 13.70
N VAL A 121 8.41 -2.95 13.05
CA VAL A 121 7.26 -3.61 12.47
C VAL A 121 6.31 -4.04 13.57
N ASP A 122 6.86 -4.63 14.64
CA ASP A 122 6.05 -5.08 15.76
C ASP A 122 5.41 -3.89 16.47
N GLU A 123 6.23 -2.87 16.73
CA GLU A 123 5.76 -1.67 17.38
C GLU A 123 4.63 -1.03 16.59
N MET A 124 4.75 -1.04 15.26
CA MET A 124 3.73 -0.47 14.40
C MET A 124 2.46 -1.32 14.41
N ILE A 125 2.64 -2.64 14.32
CA ILE A 125 1.50 -3.57 14.29
C ILE A 125 0.53 -3.32 15.47
N ARG A 126 1.07 -2.82 16.58
CA ARG A 126 0.27 -2.56 17.77
C ARG A 126 -0.53 -1.25 17.66
N GLU A 127 -0.69 -0.74 16.45
CA GLU A 127 -1.47 0.47 16.25
C GLU A 127 -2.93 0.12 16.01
N ALA A 128 -3.16 -0.95 15.24
CA ALA A 128 -4.50 -1.41 14.93
C ALA A 128 -4.87 -2.62 15.77
N ASP A 129 -3.86 -3.32 16.25
CA ASP A 129 -4.07 -4.51 17.07
C ASP A 129 -4.64 -4.10 18.43
N ILE A 130 -5.93 -4.30 18.60
CA ILE A 130 -6.62 -3.93 19.84
C ILE A 130 -6.76 -5.14 20.77
N ASP A 131 -6.82 -6.33 20.20
CA ASP A 131 -6.97 -7.54 21.00
C ASP A 131 -5.66 -7.94 21.67
N GLY A 132 -4.55 -7.49 21.12
CA GLY A 132 -3.26 -7.81 21.68
C GLY A 132 -2.83 -9.22 21.31
N ASP A 133 -3.29 -9.66 20.16
CA ASP A 133 -2.96 -11.00 19.67
C ASP A 133 -1.77 -10.94 18.71
N GLY A 134 -1.51 -9.75 18.18
CA GLY A 134 -0.38 -9.56 17.28
C GLY A 134 -0.74 -9.79 15.83
N GLN A 135 -2.02 -9.95 15.56
CA GLN A 135 -2.49 -10.18 14.19
C GLN A 135 -3.68 -9.27 13.89
N VAL A 136 -3.47 -8.30 13.02
CA VAL A 136 -4.52 -7.37 12.63
C VAL A 136 -5.54 -8.08 11.74
N ASN A 137 -6.78 -8.14 12.20
CA ASN A 137 -7.84 -8.77 11.44
C ASN A 137 -8.63 -7.74 10.64
N TYR A 138 -9.70 -8.18 9.97
CA TYR A 138 -10.52 -7.30 9.15
C TYR A 138 -11.10 -6.15 9.96
N GLU A 139 -11.73 -6.48 11.07
CA GLU A 139 -12.35 -5.47 11.94
C GLU A 139 -11.33 -4.45 12.43
N GLU A 140 -10.19 -4.93 12.90
CA GLU A 140 -9.14 -4.06 13.42
C GLU A 140 -8.66 -3.07 12.35
N PHE A 141 -8.57 -3.54 11.11
CA PHE A 141 -8.14 -2.70 10.01
C PHE A 141 -9.25 -1.72 9.60
N VAL A 142 -10.50 -2.16 9.69
CA VAL A 142 -11.63 -1.30 9.34
C VAL A 142 -11.70 -0.10 10.30
N GLN A 143 -11.47 -0.37 11.58
CA GLN A 143 -11.49 0.67 12.61
C GLN A 143 -10.29 1.64 12.44
N MET A 144 -9.42 1.34 11.49
CA MET A 144 -8.25 2.17 11.24
C MET A 144 -8.35 2.90 9.89
N MET A 145 -9.01 2.27 8.92
CA MET A 145 -9.15 2.87 7.61
C MET A 145 -10.43 3.70 7.52
N THR A 146 -11.54 3.09 7.91
CA THR A 146 -12.82 3.76 7.87
C THR A 146 -13.00 4.69 9.06
N ALA A 147 -12.41 4.34 10.19
CA ALA A 147 -12.50 5.17 11.39
C ALA A 147 -11.25 6.01 11.57
N MET B 1 -2.79 -1.48 -8.69
CA MET B 1 -3.29 -0.91 -7.40
C MET B 1 -2.10 -0.73 -6.44
N ASP B 2 -0.95 -1.15 -6.93
CA ASP B 2 0.32 -1.08 -6.23
C ASP B 2 0.58 0.33 -5.66
N CYS B 3 0.54 1.34 -6.52
CA CYS B 3 0.78 2.71 -6.10
C CYS B 3 -0.25 3.16 -5.07
N LEU B 4 -1.48 2.66 -5.19
CA LEU B 4 -2.57 3.01 -4.29
C LEU B 4 -2.44 2.30 -2.95
N CYS B 5 -2.06 1.03 -2.97
CA CYS B 5 -1.89 0.31 -1.72
C CYS B 5 -0.74 0.95 -0.96
N ILE B 6 0.18 1.58 -1.71
CA ILE B 6 1.29 2.29 -1.11
C ILE B 6 0.72 3.48 -0.33
N VAL B 7 -0.29 4.12 -0.94
CA VAL B 7 -0.96 5.25 -0.31
C VAL B 7 -1.69 4.77 0.93
N THR B 8 -2.35 3.62 0.83
CA THR B 8 -3.06 3.03 1.97
C THR B 8 -2.05 2.62 3.06
N THR B 9 -0.94 2.06 2.63
CA THR B 9 0.11 1.64 3.55
C THR B 9 0.66 2.88 4.25
N LYS B 10 0.77 3.97 3.51
CA LYS B 10 1.25 5.24 4.06
C LYS B 10 0.28 5.75 5.11
N LYS B 11 -1.01 5.59 4.86
CA LYS B 11 -2.04 6.01 5.81
C LYS B 11 -1.90 5.20 7.09
N TYR B 12 -1.85 3.88 6.92
CA TYR B 12 -1.71 2.95 8.03
C TYR B 12 -0.41 3.21 8.79
N ARG B 13 0.64 3.56 8.04
CA ARG B 13 1.94 3.85 8.62
C ARG B 13 2.00 5.28 9.17
N TYR B 14 0.98 6.07 8.87
CA TYR B 14 0.88 7.43 9.37
C TYR B 14 0.02 7.45 10.63
N GLN B 15 -0.71 6.36 10.86
CA GLN B 15 -1.56 6.24 12.03
C GLN B 15 -0.76 5.67 13.20
N ASP B 16 0.45 5.21 12.90
CA ASP B 16 1.32 4.61 13.91
C ASP B 16 1.66 5.63 15.01
N GLU B 17 1.78 6.90 14.63
CA GLU B 17 2.09 7.94 15.61
C GLU B 17 0.87 8.83 15.85
N ASP B 18 -0.29 8.20 16.03
CA ASP B 18 -1.52 8.94 16.29
C ASP B 18 -1.63 9.24 17.79
N THR B 19 -1.64 8.19 18.59
CA THR B 19 -1.73 8.30 20.03
C THR B 19 -0.35 8.13 20.63
N LEU A 4 -1.43 20.73 -0.60
CA LEU A 4 -1.25 19.60 0.33
C LEU A 4 0.07 19.75 1.08
N THR A 5 0.15 19.22 2.30
CA THR A 5 1.36 19.28 3.11
C THR A 5 2.57 18.81 2.31
N GLU A 6 3.55 19.69 2.18
CA GLU A 6 4.77 19.37 1.41
C GLU A 6 5.44 18.11 1.96
N GLU A 7 5.34 17.91 3.28
CA GLU A 7 5.90 16.76 3.92
C GLU A 7 5.39 15.48 3.26
N GLN A 8 4.09 15.41 3.02
CA GLN A 8 3.50 14.25 2.36
C GLN A 8 4.07 14.12 0.96
N ILE A 9 4.10 15.22 0.23
CA ILE A 9 4.68 15.25 -1.11
C ILE A 9 6.11 14.65 -1.09
N ALA A 10 6.88 15.10 -0.11
CA ALA A 10 8.26 14.64 0.06
C ALA A 10 8.31 13.15 0.39
N GLU A 11 7.27 12.66 1.05
CA GLU A 11 7.20 11.26 1.42
C GLU A 11 6.89 10.40 0.20
N PHE A 12 5.86 10.77 -0.55
CA PHE A 12 5.46 10.05 -1.75
C PHE A 12 6.60 10.04 -2.77
N LYS A 13 7.48 11.02 -2.65
CA LYS A 13 8.67 11.12 -3.50
C LYS A 13 9.43 9.80 -3.49
N GLU A 14 9.49 9.20 -2.30
CA GLU A 14 10.16 7.92 -2.13
C GLU A 14 9.38 6.81 -2.81
N ALA A 15 8.07 6.92 -2.79
CA ALA A 15 7.21 5.92 -3.40
C ALA A 15 7.45 5.87 -4.90
N PHE A 16 7.42 7.04 -5.54
CA PHE A 16 7.69 7.11 -6.96
C PHE A 16 9.11 6.63 -7.25
N SER A 17 9.98 6.77 -6.26
CA SER A 17 11.38 6.35 -6.40
C SER A 17 11.52 4.83 -6.18
N LEU A 18 10.44 4.20 -5.74
CA LEU A 18 10.47 2.76 -5.52
C LEU A 18 9.69 2.06 -6.61
N PHE A 19 8.57 2.63 -7.04
CA PHE A 19 7.79 2.05 -8.12
C PHE A 19 8.55 2.16 -9.43
N ASP A 20 9.18 3.31 -9.64
CA ASP A 20 9.96 3.56 -10.85
C ASP A 20 11.31 2.86 -10.78
N LYS A 21 11.72 2.28 -11.91
CA LYS A 21 12.98 1.58 -11.99
C LYS A 21 13.71 1.89 -13.28
N ASP A 22 13.37 3.00 -13.91
CA ASP A 22 14.00 3.38 -15.16
C ASP A 22 14.54 4.82 -15.11
N GLY A 23 13.94 5.66 -14.28
CA GLY A 23 14.38 7.03 -14.16
C GLY A 23 13.60 7.97 -15.04
N ASP A 24 12.48 7.50 -15.59
CA ASP A 24 11.65 8.32 -16.46
C ASP A 24 10.69 9.16 -15.62
N GLY A 25 10.36 8.66 -14.43
CA GLY A 25 9.49 9.38 -13.54
C GLY A 25 8.01 9.08 -13.74
N THR A 26 7.71 7.96 -14.36
CA THR A 26 6.31 7.57 -14.58
C THR A 26 6.13 6.08 -14.29
N ILE A 27 4.95 5.74 -13.77
CA ILE A 27 4.64 4.36 -13.41
C ILE A 27 4.23 3.55 -14.64
N THR A 28 4.78 2.35 -14.77
CA THR A 28 4.42 1.47 -15.86
C THR A 28 3.96 0.13 -15.27
N THR A 29 3.51 -0.78 -16.11
CA THR A 29 3.04 -2.07 -15.62
C THR A 29 4.24 -2.95 -15.30
N LYS A 30 5.26 -2.83 -16.13
CA LYS A 30 6.48 -3.62 -15.99
C LYS A 30 7.23 -3.30 -14.72
N GLU A 31 7.24 -2.04 -14.31
CA GLU A 31 7.95 -1.63 -13.12
C GLU A 31 7.25 -2.12 -11.85
N LEU A 32 5.98 -1.74 -11.71
CA LEU A 32 5.20 -2.14 -10.54
C LEU A 32 5.07 -3.65 -10.46
N GLY A 33 4.97 -4.29 -11.63
CA GLY A 33 4.87 -5.74 -11.70
C GLY A 33 6.07 -6.41 -11.09
N THR A 34 7.25 -5.86 -11.35
CA THR A 34 8.49 -6.40 -10.81
C THR A 34 8.47 -6.37 -9.28
N VAL A 35 7.82 -5.37 -8.70
CA VAL A 35 7.74 -5.25 -7.25
C VAL A 35 6.75 -6.26 -6.67
N MET A 36 5.66 -6.49 -7.38
CA MET A 36 4.65 -7.45 -6.93
C MET A 36 5.15 -8.88 -7.16
N ARG A 37 6.23 -9.00 -7.89
CA ARG A 37 6.81 -10.29 -8.19
C ARG A 37 7.60 -10.77 -6.97
N SER A 38 8.37 -9.87 -6.39
CA SER A 38 9.16 -10.15 -5.21
C SER A 38 8.29 -10.34 -3.97
N LEU A 39 7.00 -10.08 -4.11
CA LEU A 39 6.06 -10.25 -3.00
C LEU A 39 5.64 -11.71 -2.91
N GLY A 40 6.14 -12.53 -3.83
CA GLY A 40 5.79 -13.93 -3.84
C GLY A 40 4.61 -14.20 -4.75
N GLN A 41 4.22 -13.16 -5.47
CA GLN A 41 3.11 -13.24 -6.39
C GLN A 41 3.60 -13.19 -7.83
N ASN A 42 2.98 -13.97 -8.71
CA ASN A 42 3.37 -13.98 -10.13
C ASN A 42 2.13 -13.86 -11.00
N PRO A 43 1.58 -12.63 -11.12
CA PRO A 43 0.39 -12.39 -11.93
C PRO A 43 0.74 -12.26 -13.42
N THR A 44 -0.26 -12.45 -14.25
CA THR A 44 -0.07 -12.36 -15.69
C THR A 44 -0.55 -11.00 -16.18
N GLU A 45 -0.35 -10.73 -17.47
CA GLU A 45 -0.76 -9.46 -18.06
C GLU A 45 -2.23 -9.12 -17.79
N ALA A 46 -3.05 -10.15 -17.53
CA ALA A 46 -4.48 -9.94 -17.24
C ALA A 46 -4.66 -9.33 -15.87
N GLU A 47 -3.89 -9.83 -14.92
CA GLU A 47 -3.92 -9.32 -13.55
C GLU A 47 -3.07 -8.05 -13.45
N LEU A 48 -1.93 -8.06 -14.14
CA LEU A 48 -1.01 -6.93 -14.14
C LEU A 48 -1.70 -5.64 -14.57
N GLN A 49 -2.49 -5.70 -15.62
CA GLN A 49 -3.18 -4.51 -16.10
C GLN A 49 -4.40 -4.22 -15.23
N ASP A 50 -4.92 -5.26 -14.59
CA ASP A 50 -6.08 -5.11 -13.71
C ASP A 50 -5.76 -4.15 -12.58
N MET A 51 -4.56 -4.32 -12.02
CA MET A 51 -4.09 -3.47 -10.92
C MET A 51 -3.96 -2.03 -11.39
N ILE A 52 -3.38 -1.85 -12.56
CA ILE A 52 -3.18 -0.53 -13.14
C ILE A 52 -4.54 0.09 -13.50
N ASN A 53 -5.46 -0.74 -13.98
CA ASN A 53 -6.81 -0.29 -14.36
C ASN A 53 -7.56 0.26 -13.16
N GLU A 54 -7.27 -0.29 -12.00
CA GLU A 54 -7.90 0.16 -10.76
C GLU A 54 -7.54 1.63 -10.50
N VAL A 55 -6.30 1.99 -10.82
CA VAL A 55 -5.82 3.35 -10.62
C VAL A 55 -6.22 4.26 -11.77
N ASP A 56 -6.21 3.69 -12.97
CA ASP A 56 -6.52 4.42 -14.20
C ASP A 56 -7.97 4.88 -14.23
N ALA A 57 -8.15 6.16 -14.50
CA ALA A 57 -9.48 6.75 -14.58
C ALA A 57 -9.66 7.44 -15.91
N ASP A 58 -8.57 7.70 -16.61
CA ASP A 58 -8.64 8.37 -17.90
C ASP A 58 -8.97 7.38 -19.00
N GLY A 59 -8.57 6.13 -18.82
CA GLY A 59 -8.84 5.12 -19.82
C GLY A 59 -7.65 4.85 -20.71
N ASN A 60 -6.45 4.98 -20.16
CA ASN A 60 -5.24 4.75 -20.94
C ASN A 60 -4.56 3.44 -20.53
N GLY A 61 -4.77 3.03 -19.28
CA GLY A 61 -4.16 1.80 -18.79
C GLY A 61 -2.75 2.01 -18.27
N THR A 62 -2.54 3.12 -17.59
CA THR A 62 -1.23 3.46 -17.03
C THR A 62 -1.38 4.49 -15.91
N ILE A 63 -0.68 4.27 -14.80
CA ILE A 63 -0.71 5.18 -13.67
C ILE A 63 0.05 6.46 -14.02
N ASP A 64 -0.68 7.52 -14.38
CA ASP A 64 -0.07 8.80 -14.75
C ASP A 64 -0.10 9.79 -13.59
N PHE A 65 0.33 11.03 -13.85
CA PHE A 65 0.36 12.05 -12.79
C PHE A 65 -1.05 12.48 -12.35
N PRO A 66 -1.98 12.80 -13.27
CA PRO A 66 -3.35 13.20 -12.90
C PRO A 66 -4.02 12.17 -12.00
N GLU A 67 -3.87 10.91 -12.35
CA GLU A 67 -4.45 9.84 -11.55
C GLU A 67 -3.69 9.66 -10.26
N PHE A 68 -2.41 10.04 -10.27
CA PHE A 68 -1.56 9.94 -9.09
C PHE A 68 -2.08 10.82 -7.98
N LEU A 69 -2.47 12.04 -8.34
CA LEU A 69 -2.98 13.00 -7.39
C LEU A 69 -4.32 12.52 -6.84
N THR A 70 -5.22 12.13 -7.74
CA THR A 70 -6.54 11.64 -7.35
C THR A 70 -6.41 10.37 -6.51
N MET A 71 -5.54 9.45 -6.94
CA MET A 71 -5.28 8.20 -6.23
C MET A 71 -4.84 8.49 -4.79
N MET A 72 -4.07 9.55 -4.64
CA MET A 72 -3.58 9.95 -3.33
C MET A 72 -4.71 10.54 -2.50
N ALA A 73 -5.56 11.35 -3.13
CA ALA A 73 -6.69 11.97 -2.46
C ALA A 73 -7.70 10.93 -2.01
N ARG A 74 -7.92 9.90 -2.82
CA ARG A 74 -8.86 8.83 -2.52
C ARG A 74 -8.41 8.00 -1.31
N LYS A 75 -7.20 8.22 -0.82
CA LYS A 75 -6.70 7.47 0.33
C LYS A 75 -6.28 8.37 1.48
N MET A 76 -5.81 9.58 1.14
CA MET A 76 -5.38 10.56 2.14
C MET A 76 -6.50 10.82 3.15
N LYS A 77 -7.74 10.75 2.68
CA LYS A 77 -8.89 10.98 3.52
C LYS A 77 -9.95 9.91 3.27
N ASP A 78 -9.50 8.70 2.94
CA ASP A 78 -10.42 7.60 2.69
C ASP A 78 -11.13 7.20 3.97
N THR A 79 -12.40 7.55 4.06
CA THR A 79 -13.19 7.23 5.24
C THR A 79 -14.49 6.56 4.85
N ASP A 80 -14.58 6.17 3.57
CA ASP A 80 -15.76 5.50 3.03
C ASP A 80 -15.29 4.33 2.17
N SER A 81 -14.22 3.71 2.65
CA SER A 81 -13.56 2.59 1.99
C SER A 81 -14.51 1.62 1.29
N GLU A 82 -14.45 1.63 -0.03
CA GLU A 82 -15.25 0.73 -0.84
C GLU A 82 -14.52 -0.60 -0.95
N GLU A 83 -13.41 -0.56 -1.66
CA GLU A 83 -12.54 -1.72 -1.83
C GLU A 83 -11.16 -1.39 -1.28
N GLU A 84 -11.02 -0.12 -0.89
CA GLU A 84 -9.76 0.43 -0.36
C GLU A 84 -9.17 -0.44 0.74
N ILE A 85 -9.98 -0.77 1.74
CA ILE A 85 -9.52 -1.59 2.85
C ILE A 85 -9.07 -2.96 2.37
N ARG A 86 -9.73 -3.44 1.33
CA ARG A 86 -9.40 -4.74 0.77
C ARG A 86 -8.05 -4.67 0.06
N GLU A 87 -7.88 -3.66 -0.78
CA GLU A 87 -6.64 -3.45 -1.49
C GLU A 87 -5.46 -3.44 -0.52
N ALA A 88 -5.53 -2.64 0.54
CA ALA A 88 -4.47 -2.57 1.53
C ALA A 88 -4.33 -3.89 2.28
N PHE A 89 -5.41 -4.65 2.33
CA PHE A 89 -5.40 -5.94 3.01
C PHE A 89 -4.80 -7.00 2.10
N ARG A 90 -5.08 -6.89 0.81
CA ARG A 90 -4.57 -7.83 -0.19
C ARG A 90 -3.06 -7.67 -0.32
N VAL A 91 -2.59 -6.45 -0.18
CA VAL A 91 -1.18 -6.17 -0.27
C VAL A 91 -0.46 -6.56 1.02
N PHE A 92 -1.15 -6.38 2.15
CA PHE A 92 -0.59 -6.71 3.45
C PHE A 92 -0.67 -8.22 3.74
N ASP A 93 -1.80 -8.82 3.42
CA ASP A 93 -2.00 -10.25 3.66
C ASP A 93 -1.55 -11.05 2.45
N LYS A 94 -0.32 -11.57 2.52
CA LYS A 94 0.25 -12.33 1.42
C LYS A 94 -0.25 -13.79 1.41
N ASP A 95 -0.62 -14.32 2.56
CA ASP A 95 -1.10 -15.71 2.63
C ASP A 95 -2.56 -15.80 2.21
N GLY A 96 -3.25 -14.67 2.21
CA GLY A 96 -4.64 -14.65 1.80
C GLY A 96 -5.58 -15.30 2.81
N ASN A 97 -5.22 -15.29 4.08
CA ASN A 97 -6.05 -15.90 5.12
C ASN A 97 -7.00 -14.88 5.76
N GLY A 98 -6.68 -13.60 5.63
CA GLY A 98 -7.55 -12.57 6.19
C GLY A 98 -7.05 -12.04 7.53
N TYR A 99 -5.89 -12.51 7.96
CA TYR A 99 -5.29 -12.10 9.21
C TYR A 99 -3.81 -11.77 9.00
N ILE A 100 -3.46 -10.49 9.05
CA ILE A 100 -2.07 -10.09 8.85
C ILE A 100 -1.25 -10.50 10.08
N SER A 101 -0.28 -11.38 9.87
CA SER A 101 0.55 -11.84 10.98
C SER A 101 1.94 -11.20 10.96
N ALA A 102 2.70 -11.45 12.03
CA ALA A 102 4.07 -10.96 12.15
C ALA A 102 4.97 -11.71 11.17
N ALA A 103 4.92 -11.29 9.91
CA ALA A 103 5.68 -11.92 8.84
C ALA A 103 5.34 -11.33 7.50
N GLU A 104 4.04 -11.22 7.24
CA GLU A 104 3.56 -10.68 5.98
C GLU A 104 3.93 -9.21 5.87
N LEU A 105 3.71 -8.48 6.96
CA LEU A 105 4.04 -7.07 7.00
C LEU A 105 5.55 -6.90 6.86
N ARG A 106 6.29 -7.85 7.45
CA ARG A 106 7.74 -7.84 7.39
C ARG A 106 8.23 -7.84 5.95
N HIS A 107 7.70 -8.77 5.15
CA HIS A 107 8.09 -8.89 3.76
C HIS A 107 7.69 -7.63 2.96
N VAL A 108 6.41 -7.26 3.03
CA VAL A 108 5.92 -6.08 2.31
C VAL A 108 6.72 -4.83 2.65
N MET A 109 6.95 -4.59 3.94
CA MET A 109 7.69 -3.41 4.38
C MET A 109 9.11 -3.39 3.82
N THR A 110 9.71 -4.57 3.69
CA THR A 110 11.06 -4.66 3.13
C THR A 110 11.02 -4.56 1.60
N ASN A 111 9.94 -5.05 1.00
CA ASN A 111 9.77 -5.02 -0.45
C ASN A 111 9.62 -3.59 -0.94
N LEU A 112 8.80 -2.83 -0.24
CA LEU A 112 8.58 -1.44 -0.59
C LEU A 112 9.85 -0.62 -0.35
N GLY A 113 10.68 -1.11 0.56
CA GLY A 113 11.92 -0.42 0.87
C GLY A 113 11.71 0.67 1.88
N GLU A 114 11.14 0.31 3.02
CA GLU A 114 10.88 1.25 4.09
C GLU A 114 12.02 1.20 5.11
N LYS A 115 12.15 2.26 5.89
CA LYS A 115 13.19 2.34 6.92
C LYS A 115 12.70 1.70 8.21
N LEU A 116 11.97 0.60 8.09
CA LEU A 116 11.43 -0.10 9.25
C LEU A 116 12.16 -1.40 9.51
N THR A 117 12.86 -1.45 10.64
CA THR A 117 13.59 -2.65 11.02
C THR A 117 12.64 -3.66 11.65
N ASP A 118 13.16 -4.85 11.96
CA ASP A 118 12.35 -5.93 12.53
C ASP A 118 11.55 -5.49 13.75
N GLU A 119 12.22 -4.88 14.71
CA GLU A 119 11.57 -4.41 15.94
C GLU A 119 10.57 -3.28 15.65
N GLU A 120 10.80 -2.56 14.55
CA GLU A 120 9.95 -1.45 14.18
C GLU A 120 8.68 -1.96 13.52
N VAL A 121 8.82 -3.05 12.76
CA VAL A 121 7.67 -3.65 12.09
C VAL A 121 6.73 -4.24 13.14
N ASP A 122 7.32 -4.83 14.17
CA ASP A 122 6.57 -5.42 15.26
C ASP A 122 5.82 -4.34 16.05
N GLU A 123 6.49 -3.22 16.27
CA GLU A 123 5.90 -2.09 16.98
C GLU A 123 4.68 -1.61 16.22
N MET A 124 4.79 -1.60 14.90
CA MET A 124 3.71 -1.19 14.02
C MET A 124 2.59 -2.21 14.10
N ILE A 125 2.97 -3.48 14.16
CA ILE A 125 2.02 -4.59 14.24
C ILE A 125 1.05 -4.43 15.42
N ARG A 126 1.45 -3.69 16.45
CA ARG A 126 0.62 -3.50 17.62
C ARG A 126 -0.12 -2.16 17.60
N GLU A 127 -0.05 -1.44 16.48
CA GLU A 127 -0.74 -0.15 16.38
C GLU A 127 -2.25 -0.38 16.31
N ALA A 128 -2.67 -1.39 15.55
CA ALA A 128 -4.08 -1.72 15.43
C ALA A 128 -4.42 -2.95 16.24
N ASP A 129 -3.39 -3.58 16.78
CA ASP A 129 -3.56 -4.79 17.56
C ASP A 129 -4.09 -4.44 18.95
N ILE A 130 -5.39 -4.65 19.13
CA ILE A 130 -6.04 -4.33 20.39
C ILE A 130 -6.23 -5.59 21.23
N ASP A 131 -6.09 -6.75 20.62
CA ASP A 131 -6.25 -8.01 21.33
C ASP A 131 -4.92 -8.41 21.97
N GLY A 132 -3.82 -7.99 21.36
CA GLY A 132 -2.51 -8.32 21.86
C GLY A 132 -2.08 -9.70 21.42
N ASP A 133 -2.20 -9.95 20.12
CA ASP A 133 -1.85 -11.25 19.57
C ASP A 133 -0.78 -11.13 18.49
N GLY A 134 -0.59 -9.93 17.96
CA GLY A 134 0.43 -9.73 16.94
C GLY A 134 -0.09 -9.87 15.53
N GLN A 135 -1.39 -10.07 15.38
CA GLN A 135 -1.99 -10.21 14.06
C GLN A 135 -3.10 -9.20 13.85
N VAL A 136 -2.91 -8.29 12.93
CA VAL A 136 -3.92 -7.28 12.62
C VAL A 136 -5.03 -7.92 11.78
N ASN A 137 -6.11 -8.31 12.46
CA ASN A 137 -7.23 -8.94 11.77
C ASN A 137 -8.04 -7.90 11.01
N TYR A 138 -9.02 -8.36 10.25
CA TYR A 138 -9.85 -7.47 9.43
C TYR A 138 -10.47 -6.34 10.25
N GLU A 139 -11.13 -6.70 11.35
CA GLU A 139 -11.82 -5.70 12.19
C GLU A 139 -10.83 -4.74 12.83
N GLU A 140 -9.67 -5.25 13.24
CA GLU A 140 -8.67 -4.41 13.88
C GLU A 140 -8.17 -3.33 12.93
N PHE A 141 -8.00 -3.69 11.67
CA PHE A 141 -7.52 -2.76 10.66
C PHE A 141 -8.64 -1.84 10.16
N VAL A 142 -9.83 -2.40 10.03
CA VAL A 142 -10.99 -1.65 9.55
C VAL A 142 -11.30 -0.48 10.48
N GLN A 143 -11.38 -0.78 11.77
CA GLN A 143 -11.70 0.24 12.76
C GLN A 143 -10.50 1.10 13.10
N MET A 144 -9.38 0.85 12.46
CA MET A 144 -8.17 1.62 12.74
C MET A 144 -7.80 2.53 11.58
N MET A 145 -7.97 2.08 10.34
CA MET A 145 -7.61 2.91 9.20
C MET A 145 -8.75 3.86 8.84
N THR A 146 -9.97 3.34 8.82
CA THR A 146 -11.15 4.14 8.51
C THR A 146 -11.49 5.10 9.64
N ALA A 147 -11.40 4.60 10.87
CA ALA A 147 -11.72 5.41 12.04
C ALA A 147 -10.46 5.95 12.69
N MET B 1 -4.11 -0.81 -7.69
CA MET B 1 -4.06 -1.13 -6.24
C MET B 1 -2.62 -1.16 -5.74
N ASP B 2 -1.68 -1.01 -6.65
CA ASP B 2 -0.26 -1.02 -6.32
C ASP B 2 0.14 0.30 -5.69
N CYS B 3 0.19 1.34 -6.51
CA CYS B 3 0.55 2.67 -6.03
C CYS B 3 -0.55 3.17 -5.09
N LEU B 4 -1.74 2.60 -5.27
CA LEU B 4 -2.90 2.92 -4.44
C LEU B 4 -2.67 2.44 -3.01
N CYS B 5 -2.27 1.17 -2.87
CA CYS B 5 -2.03 0.58 -1.54
C CYS B 5 -0.87 1.27 -0.84
N ILE B 6 0.03 1.89 -1.62
CA ILE B 6 1.14 2.61 -1.02
C ILE B 6 0.57 3.81 -0.25
N VAL B 7 -0.43 4.48 -0.85
CA VAL B 7 -1.07 5.61 -0.19
C VAL B 7 -1.83 5.12 1.05
N THR B 8 -2.45 3.94 0.94
CA THR B 8 -3.19 3.34 2.05
C THR B 8 -2.25 2.89 3.16
N THR B 9 -1.13 2.31 2.77
CA THR B 9 -0.12 1.85 3.72
C THR B 9 0.40 3.06 4.46
N LYS B 10 0.45 4.18 3.77
CA LYS B 10 0.90 5.42 4.35
C LYS B 10 -0.10 5.91 5.39
N LYS B 11 -1.39 5.83 5.06
CA LYS B 11 -2.45 6.25 5.98
C LYS B 11 -2.41 5.38 7.23
N TYR B 12 -2.28 4.07 7.02
CA TYR B 12 -2.20 3.12 8.12
C TYR B 12 -0.94 3.39 8.95
N ARG B 13 0.18 3.58 8.25
CA ARG B 13 1.47 3.82 8.90
C ARG B 13 1.52 5.23 9.52
N TYR B 14 0.53 6.05 9.18
CA TYR B 14 0.42 7.40 9.71
C TYR B 14 -0.65 7.43 10.79
N GLN B 15 -1.38 6.33 10.91
CA GLN B 15 -2.43 6.22 11.89
C GLN B 15 -1.83 6.03 13.27
N ASP B 16 -0.75 5.25 13.33
CA ASP B 16 -0.04 5.01 14.60
C ASP B 16 0.36 6.35 15.22
N GLU B 17 0.73 7.29 14.37
CA GLU B 17 1.11 8.62 14.81
C GLU B 17 -0.15 9.42 15.13
N ASP B 18 -0.61 9.31 16.37
CA ASP B 18 -1.81 10.00 16.83
C ASP B 18 -1.81 10.14 18.35
N THR B 19 -1.68 9.01 19.02
CA THR B 19 -1.65 8.99 20.47
C THR B 19 -0.21 8.88 20.97
N LEU A 4 -2.06 19.82 1.02
CA LEU A 4 -1.42 18.64 1.62
C LEU A 4 -0.06 19.02 2.21
N THR A 5 0.32 18.34 3.28
CA THR A 5 1.58 18.58 3.96
C THR A 5 2.79 18.23 3.10
N GLU A 6 3.76 19.13 3.05
CA GLU A 6 4.98 18.93 2.25
C GLU A 6 5.74 17.68 2.72
N GLU A 7 5.57 17.30 3.99
CA GLU A 7 6.23 16.12 4.53
C GLU A 7 5.79 14.90 3.72
N GLN A 8 4.48 14.79 3.52
CA GLN A 8 3.91 13.69 2.76
C GLN A 8 4.46 13.71 1.33
N ILE A 9 4.50 14.91 0.75
CA ILE A 9 5.05 15.09 -0.60
C ILE A 9 6.45 14.49 -0.68
N ALA A 10 7.26 14.74 0.35
CA ALA A 10 8.61 14.23 0.41
C ALA A 10 8.62 12.70 0.56
N GLU A 11 7.60 12.17 1.23
CA GLU A 11 7.47 10.73 1.44
C GLU A 11 7.09 10.03 0.13
N PHE A 12 6.07 10.56 -0.55
CA PHE A 12 5.63 9.99 -1.83
C PHE A 12 6.76 10.04 -2.85
N LYS A 13 7.64 11.02 -2.71
CA LYS A 13 8.79 11.14 -3.59
C LYS A 13 9.60 9.83 -3.53
N GLU A 14 9.72 9.28 -2.32
CA GLU A 14 10.44 8.03 -2.10
C GLU A 14 9.66 6.88 -2.72
N ALA A 15 8.34 6.95 -2.61
CA ALA A 15 7.46 5.95 -3.17
C ALA A 15 7.62 5.89 -4.69
N PHE A 16 7.52 7.06 -5.34
CA PHE A 16 7.69 7.16 -6.78
C PHE A 16 9.06 6.60 -7.20
N SER A 17 10.03 6.77 -6.31
CA SER A 17 11.38 6.30 -6.56
C SER A 17 11.48 4.77 -6.49
N LEU A 18 10.49 4.13 -5.87
CA LEU A 18 10.51 2.68 -5.79
C LEU A 18 9.72 2.06 -6.94
N PHE A 19 8.59 2.67 -7.31
CA PHE A 19 7.78 2.15 -8.42
C PHE A 19 8.53 2.35 -9.73
N ASP A 20 9.16 3.51 -9.88
CA ASP A 20 9.91 3.83 -11.10
C ASP A 20 11.29 3.19 -11.07
N LYS A 21 11.71 2.65 -12.20
CA LYS A 21 13.02 2.03 -12.31
C LYS A 21 13.66 2.32 -13.66
N ASP A 22 13.05 3.22 -14.42
CA ASP A 22 13.57 3.58 -15.74
C ASP A 22 14.07 5.02 -15.77
N GLY A 23 13.64 5.83 -14.81
CA GLY A 23 14.06 7.22 -14.78
C GLY A 23 13.16 8.11 -15.61
N ASP A 24 12.02 7.58 -16.02
CA ASP A 24 11.08 8.33 -16.83
C ASP A 24 10.16 9.16 -15.93
N GLY A 25 9.94 8.68 -14.71
CA GLY A 25 9.13 9.40 -13.75
C GLY A 25 7.65 9.05 -13.78
N THR A 26 7.29 8.07 -14.59
CA THR A 26 5.90 7.67 -14.68
C THR A 26 5.75 6.19 -14.34
N ILE A 27 4.54 5.79 -13.96
CA ILE A 27 4.26 4.41 -13.60
C ILE A 27 3.83 3.58 -14.80
N THR A 28 4.51 2.45 -14.99
CA THR A 28 4.19 1.53 -16.07
C THR A 28 3.81 0.18 -15.48
N THR A 29 3.37 -0.75 -16.30
CA THR A 29 2.96 -2.07 -15.80
C THR A 29 4.19 -2.94 -15.58
N LYS A 30 5.21 -2.64 -16.36
CA LYS A 30 6.49 -3.36 -16.31
C LYS A 30 7.23 -3.12 -15.00
N GLU A 31 7.16 -1.90 -14.50
CA GLU A 31 7.87 -1.52 -13.28
C GLU A 31 7.19 -2.04 -12.02
N LEU A 32 5.90 -1.72 -11.87
CA LEU A 32 5.15 -2.16 -10.71
C LEU A 32 5.07 -3.67 -10.64
N GLY A 33 5.00 -4.30 -11.82
CA GLY A 33 4.93 -5.75 -11.89
C GLY A 33 6.17 -6.40 -11.32
N THR A 34 7.32 -5.77 -11.52
CA THR A 34 8.58 -6.29 -11.01
C THR A 34 8.58 -6.34 -9.47
N VAL A 35 7.97 -5.35 -8.83
CA VAL A 35 7.90 -5.31 -7.37
C VAL A 35 6.94 -6.36 -6.85
N MET A 36 5.82 -6.49 -7.55
CA MET A 36 4.78 -7.45 -7.20
C MET A 36 5.29 -8.89 -7.37
N ARG A 37 6.45 -9.01 -8.01
CA ARG A 37 7.07 -10.31 -8.25
C ARG A 37 7.90 -10.71 -7.02
N SER A 38 8.59 -9.72 -6.46
CA SER A 38 9.44 -9.93 -5.29
C SER A 38 8.61 -10.21 -4.04
N LEU A 39 7.29 -10.00 -4.14
CA LEU A 39 6.39 -10.27 -3.03
C LEU A 39 5.98 -11.75 -3.04
N GLY A 40 6.69 -12.54 -3.83
CA GLY A 40 6.40 -13.95 -3.93
C GLY A 40 5.16 -14.22 -4.74
N GLN A 41 4.82 -13.29 -5.62
CA GLN A 41 3.65 -13.43 -6.46
C GLN A 41 4.05 -13.35 -7.92
N ASN A 42 3.48 -14.22 -8.73
CA ASN A 42 3.75 -14.25 -10.16
C ASN A 42 2.45 -14.04 -10.91
N PRO A 43 2.03 -12.79 -11.04
CA PRO A 43 0.78 -12.43 -11.72
C PRO A 43 0.94 -12.37 -13.23
N THR A 44 -0.04 -12.88 -13.94
CA THR A 44 -0.02 -12.88 -15.39
C THR A 44 -0.31 -11.49 -15.93
N GLU A 45 -0.10 -11.28 -17.22
CA GLU A 45 -0.36 -9.99 -17.86
C GLU A 45 -1.72 -9.42 -17.47
N ALA A 46 -2.77 -10.23 -17.56
CA ALA A 46 -4.12 -9.80 -17.23
C ALA A 46 -4.24 -9.37 -15.78
N GLU A 47 -3.60 -10.11 -14.89
CA GLU A 47 -3.66 -9.79 -13.47
C GLU A 47 -2.89 -8.50 -13.21
N LEU A 48 -1.76 -8.35 -13.90
CA LEU A 48 -0.94 -7.16 -13.76
C LEU A 48 -1.66 -5.93 -14.29
N GLN A 49 -2.59 -6.15 -15.22
CA GLN A 49 -3.34 -5.04 -15.79
C GLN A 49 -4.53 -4.73 -14.90
N ASP A 50 -5.13 -5.78 -14.36
CA ASP A 50 -6.26 -5.65 -13.45
C ASP A 50 -5.87 -4.74 -12.29
N MET A 51 -4.63 -4.89 -11.84
CA MET A 51 -4.11 -4.06 -10.76
C MET A 51 -4.09 -2.59 -11.19
N ILE A 52 -3.59 -2.33 -12.40
CA ILE A 52 -3.54 -0.98 -12.93
C ILE A 52 -4.95 -0.44 -13.13
N ASN A 53 -5.85 -1.31 -13.58
CA ASN A 53 -7.25 -0.95 -13.82
C ASN A 53 -7.89 -0.43 -12.53
N GLU A 54 -7.41 -0.93 -11.41
CA GLU A 54 -7.91 -0.53 -10.09
C GLU A 54 -7.67 0.96 -9.81
N VAL A 55 -6.63 1.52 -10.43
CA VAL A 55 -6.31 2.93 -10.22
C VAL A 55 -6.36 3.69 -11.55
N ASP A 56 -7.12 3.16 -12.48
CA ASP A 56 -7.26 3.77 -13.79
C ASP A 56 -8.73 4.04 -14.09
N ALA A 57 -9.07 5.31 -14.19
CA ALA A 57 -10.44 5.71 -14.45
C ALA A 57 -10.52 6.56 -15.70
N ASP A 58 -9.37 6.92 -16.26
CA ASP A 58 -9.35 7.72 -17.47
C ASP A 58 -9.55 6.80 -18.68
N GLY A 59 -9.30 5.51 -18.47
CA GLY A 59 -9.50 4.53 -19.51
C GLY A 59 -8.29 4.30 -20.38
N ASN A 60 -7.12 4.67 -19.91
CA ASN A 60 -5.89 4.49 -20.69
C ASN A 60 -5.12 3.27 -20.22
N GLY A 61 -5.42 2.80 -19.01
CA GLY A 61 -4.73 1.65 -18.46
C GLY A 61 -3.30 1.95 -18.06
N THR A 62 -3.12 3.01 -17.26
CA THR A 62 -1.80 3.42 -16.79
C THR A 62 -1.94 4.39 -15.62
N ILE A 63 -1.14 4.18 -14.58
CA ILE A 63 -1.17 5.05 -13.41
C ILE A 63 -0.48 6.37 -13.78
N ASP A 64 -1.28 7.38 -14.05
CA ASP A 64 -0.75 8.68 -14.45
C ASP A 64 -0.87 9.70 -13.33
N PHE A 65 -0.39 10.93 -13.58
CA PHE A 65 -0.43 11.99 -12.58
C PHE A 65 -1.85 12.47 -12.29
N PRO A 66 -2.67 12.77 -13.33
CA PRO A 66 -4.06 13.21 -13.13
C PRO A 66 -4.81 12.30 -12.15
N GLU A 67 -4.76 11.00 -12.40
CA GLU A 67 -5.41 10.03 -11.52
C GLU A 67 -4.70 9.93 -10.20
N PHE A 68 -3.39 10.14 -10.22
CA PHE A 68 -2.58 10.03 -9.02
C PHE A 68 -3.02 11.06 -7.99
N LEU A 69 -3.38 12.23 -8.48
CA LEU A 69 -3.83 13.33 -7.62
C LEU A 69 -5.13 12.96 -6.91
N THR A 70 -6.12 12.54 -7.69
CA THR A 70 -7.41 12.18 -7.14
C THR A 70 -7.32 10.87 -6.36
N MET A 71 -6.52 9.94 -6.86
CA MET A 71 -6.33 8.65 -6.22
C MET A 71 -5.71 8.81 -4.84
N MET A 72 -4.73 9.70 -4.75
CA MET A 72 -4.06 9.95 -3.50
C MET A 72 -4.98 10.70 -2.53
N ALA A 73 -5.70 11.69 -3.03
CA ALA A 73 -6.62 12.47 -2.19
C ALA A 73 -7.65 11.55 -1.54
N ARG A 74 -8.02 10.52 -2.28
CA ARG A 74 -8.99 9.54 -1.82
C ARG A 74 -8.37 8.54 -0.84
N LYS A 75 -7.08 8.70 -0.53
CA LYS A 75 -6.41 7.80 0.41
C LYS A 75 -5.69 8.57 1.52
N MET A 76 -5.40 9.84 1.27
CA MET A 76 -4.71 10.70 2.24
C MET A 76 -5.53 10.84 3.53
N LYS A 77 -6.81 11.12 3.38
CA LYS A 77 -7.70 11.26 4.53
C LYS A 77 -8.91 10.35 4.35
N ASP A 78 -8.69 9.24 3.68
CA ASP A 78 -9.77 8.29 3.41
C ASP A 78 -10.34 7.72 4.68
N THR A 79 -11.65 7.83 4.81
CA THR A 79 -12.38 7.30 5.94
C THR A 79 -13.79 6.94 5.49
N ASP A 80 -13.94 6.71 4.18
CA ASP A 80 -15.23 6.37 3.58
C ASP A 80 -15.07 5.39 2.42
N SER A 81 -14.11 4.48 2.52
CA SER A 81 -13.85 3.52 1.46
C SER A 81 -14.63 2.22 1.59
N GLU A 82 -14.53 1.39 0.56
CA GLU A 82 -15.19 0.09 0.51
C GLU A 82 -14.22 -0.97 -0.03
N GLU A 83 -13.62 -0.67 -1.18
CA GLU A 83 -12.67 -1.57 -1.83
C GLU A 83 -11.23 -1.30 -1.39
N GLU A 84 -10.95 -0.04 -1.04
CA GLU A 84 -9.63 0.38 -0.61
C GLU A 84 -9.12 -0.46 0.56
N ILE A 85 -10.03 -0.80 1.47
CA ILE A 85 -9.70 -1.60 2.64
C ILE A 85 -9.07 -2.94 2.22
N ARG A 86 -9.69 -3.59 1.23
CA ARG A 86 -9.20 -4.87 0.74
C ARG A 86 -7.84 -4.68 0.08
N GLU A 87 -7.73 -3.61 -0.69
CA GLU A 87 -6.49 -3.28 -1.40
C GLU A 87 -5.26 -3.39 -0.49
N ALA A 88 -5.19 -2.53 0.54
CA ALA A 88 -4.06 -2.51 1.44
C ALA A 88 -3.97 -3.79 2.27
N PHE A 89 -5.10 -4.46 2.46
CA PHE A 89 -5.11 -5.68 3.24
C PHE A 89 -4.40 -6.79 2.49
N ARG A 90 -4.69 -6.87 1.18
CA ARG A 90 -4.11 -7.89 0.32
C ARG A 90 -2.65 -7.57 0.00
N VAL A 91 -2.24 -6.32 0.18
CA VAL A 91 -0.85 -5.94 -0.06
C VAL A 91 0.02 -6.41 1.11
N PHE A 92 -0.57 -6.39 2.31
CA PHE A 92 0.13 -6.81 3.51
C PHE A 92 -0.02 -8.31 3.73
N ASP A 93 -1.23 -8.80 3.54
CA ASP A 93 -1.52 -10.21 3.75
C ASP A 93 -1.15 -11.01 2.50
N LYS A 94 -0.01 -11.68 2.55
CA LYS A 94 0.49 -12.45 1.42
C LYS A 94 -0.05 -13.87 1.42
N ASP A 95 -0.35 -14.41 2.60
CA ASP A 95 -0.83 -15.78 2.67
C ASP A 95 -2.28 -15.87 2.22
N GLY A 96 -2.98 -14.75 2.26
CA GLY A 96 -4.36 -14.71 1.82
C GLY A 96 -5.30 -15.25 2.88
N ASN A 97 -4.81 -15.35 4.10
CA ASN A 97 -5.60 -15.86 5.20
C ASN A 97 -6.44 -14.75 5.82
N GLY A 98 -6.12 -13.50 5.47
CA GLY A 98 -6.88 -12.37 5.99
C GLY A 98 -6.48 -11.96 7.39
N TYR A 99 -5.20 -12.03 7.67
CA TYR A 99 -4.66 -11.67 8.99
C TYR A 99 -3.23 -11.14 8.84
N ILE A 100 -3.04 -9.84 9.06
CA ILE A 100 -1.72 -9.22 8.93
C ILE A 100 -0.88 -9.46 10.18
N SER A 101 0.38 -9.82 10.01
CA SER A 101 1.28 -10.06 11.14
C SER A 101 2.69 -9.60 10.80
N ALA A 102 3.63 -9.71 11.75
CA ALA A 102 5.03 -9.30 11.52
C ALA A 102 5.73 -10.31 10.62
N ALA A 103 4.93 -11.26 10.18
CA ALA A 103 5.39 -12.29 9.29
C ALA A 103 5.42 -11.73 7.88
N GLU A 104 4.23 -11.53 7.32
CA GLU A 104 4.09 -11.00 5.98
C GLU A 104 4.44 -9.51 5.90
N LEU A 105 4.12 -8.75 6.96
CA LEU A 105 4.38 -7.30 6.97
C LEU A 105 5.87 -7.00 6.84
N ARG A 106 6.68 -7.83 7.48
CA ARG A 106 8.13 -7.64 7.44
C ARG A 106 8.65 -7.82 6.01
N HIS A 107 8.04 -8.74 5.29
CA HIS A 107 8.42 -9.01 3.91
C HIS A 107 8.04 -7.84 3.00
N VAL A 108 6.84 -7.29 3.18
CA VAL A 108 6.36 -6.19 2.35
C VAL A 108 7.11 -4.89 2.63
N MET A 109 7.31 -4.56 3.91
CA MET A 109 8.01 -3.32 4.28
C MET A 109 9.42 -3.29 3.71
N THR A 110 10.09 -4.43 3.75
CA THR A 110 11.43 -4.53 3.22
C THR A 110 11.41 -4.48 1.68
N ASN A 111 10.27 -4.84 1.11
CA ASN A 111 10.09 -4.83 -0.35
C ASN A 111 9.87 -3.41 -0.84
N LEU A 112 9.00 -2.67 -0.14
CA LEU A 112 8.70 -1.30 -0.49
C LEU A 112 9.94 -0.43 -0.35
N GLY A 113 10.77 -0.77 0.60
CA GLY A 113 11.99 -0.01 0.84
C GLY A 113 11.76 1.12 1.82
N GLU A 114 10.90 0.85 2.81
CA GLU A 114 10.58 1.84 3.82
C GLU A 114 11.55 1.75 4.99
N LYS A 115 11.53 2.76 5.85
CA LYS A 115 12.42 2.78 7.00
C LYS A 115 11.71 2.12 8.19
N LEU A 116 11.70 0.79 8.18
CA LEU A 116 11.05 0.01 9.23
C LEU A 116 11.75 -1.33 9.40
N THR A 117 12.33 -1.57 10.57
CA THR A 117 13.03 -2.81 10.85
C THR A 117 12.06 -3.83 11.45
N ASP A 118 12.56 -5.00 11.85
CA ASP A 118 11.70 -6.05 12.42
C ASP A 118 11.01 -5.57 13.69
N GLU A 119 11.76 -4.91 14.56
CA GLU A 119 11.20 -4.40 15.81
C GLU A 119 10.16 -3.32 15.52
N GLU A 120 10.37 -2.59 14.45
CA GLU A 120 9.46 -1.52 14.05
C GLU A 120 8.17 -2.12 13.50
N VAL A 121 8.34 -3.18 12.71
CA VAL A 121 7.21 -3.88 12.12
C VAL A 121 6.27 -4.41 13.20
N ASP A 122 6.85 -4.95 14.27
CA ASP A 122 6.06 -5.47 15.38
C ASP A 122 5.40 -4.32 16.14
N GLU A 123 6.17 -3.24 16.35
CA GLU A 123 5.65 -2.07 17.06
C GLU A 123 4.43 -1.52 16.34
N MET A 124 4.57 -1.39 15.03
CA MET A 124 3.49 -0.89 14.19
C MET A 124 2.36 -1.92 14.09
N ILE A 125 2.71 -3.20 14.10
CA ILE A 125 1.71 -4.26 14.01
C ILE A 125 0.68 -4.13 15.15
N ARG A 126 1.12 -3.62 16.28
CA ARG A 126 0.25 -3.45 17.43
C ARG A 126 -0.50 -2.12 17.40
N GLU A 127 -0.54 -1.47 16.25
CA GLU A 127 -1.24 -0.19 16.14
C GLU A 127 -2.75 -0.43 16.07
N ALA A 128 -3.17 -1.35 15.21
CA ALA A 128 -4.57 -1.66 15.05
C ALA A 128 -4.94 -2.94 15.79
N ASP A 129 -3.94 -3.53 16.42
CA ASP A 129 -4.12 -4.76 17.19
C ASP A 129 -4.82 -4.44 18.50
N ILE A 130 -6.14 -4.53 18.48
CA ILE A 130 -6.95 -4.22 19.64
C ILE A 130 -6.94 -5.36 20.66
N ASP A 131 -6.91 -6.58 20.15
CA ASP A 131 -6.91 -7.77 21.00
C ASP A 131 -5.51 -8.06 21.54
N GLY A 132 -4.51 -7.81 20.72
CA GLY A 132 -3.14 -8.05 21.13
C GLY A 132 -2.69 -9.45 20.77
N ASP A 133 -3.14 -9.94 19.63
CA ASP A 133 -2.80 -11.28 19.18
C ASP A 133 -1.62 -11.22 18.21
N GLY A 134 -1.32 -10.02 17.72
CA GLY A 134 -0.22 -9.83 16.80
C GLY A 134 -0.65 -9.95 15.35
N GLN A 135 -1.95 -9.96 15.14
CA GLN A 135 -2.52 -10.08 13.81
C GLN A 135 -3.63 -9.06 13.59
N VAL A 136 -3.44 -8.15 12.66
CA VAL A 136 -4.46 -7.16 12.35
C VAL A 136 -5.48 -7.77 11.38
N ASN A 137 -6.71 -7.97 11.85
CA ASN A 137 -7.75 -8.54 11.01
C ASN A 137 -8.52 -7.42 10.29
N TYR A 138 -9.51 -7.82 9.50
CA TYR A 138 -10.30 -6.87 8.72
C TYR A 138 -11.02 -5.85 9.61
N GLU A 139 -11.77 -6.31 10.62
CA GLU A 139 -12.49 -5.41 11.50
C GLU A 139 -11.55 -4.43 12.19
N GLU A 140 -10.39 -4.92 12.56
CA GLU A 140 -9.38 -4.09 13.22
C GLU A 140 -8.89 -3.01 12.27
N PHE A 141 -8.67 -3.37 11.01
CA PHE A 141 -8.19 -2.43 10.00
C PHE A 141 -9.29 -1.45 9.58
N VAL A 142 -10.54 -1.94 9.47
CA VAL A 142 -11.66 -1.07 9.07
C VAL A 142 -11.92 -0.01 10.13
N GLN A 143 -12.00 -0.42 11.38
CA GLN A 143 -12.28 0.49 12.49
C GLN A 143 -11.08 1.38 12.81
N MET A 144 -9.96 1.13 12.15
CA MET A 144 -8.74 1.89 12.41
C MET A 144 -8.41 2.86 11.26
N MET A 145 -8.67 2.45 10.02
CA MET A 145 -8.35 3.31 8.89
C MET A 145 -9.59 3.97 8.30
N THR A 146 -10.73 3.30 8.41
CA THR A 146 -11.98 3.83 7.89
C THR A 146 -12.79 4.51 8.98
N ALA A 147 -12.25 4.49 10.18
CA ALA A 147 -12.92 5.11 11.32
C ALA A 147 -11.90 5.75 12.25
N MET B 1 -3.29 -1.19 -8.16
CA MET B 1 -3.68 -0.53 -6.88
C MET B 1 -2.45 -0.32 -6.01
N ASP B 2 -1.33 -0.79 -6.53
CA ASP B 2 -0.04 -0.74 -5.86
C ASP B 2 0.27 0.65 -5.32
N CYS B 3 0.39 1.60 -6.24
CA CYS B 3 0.70 2.98 -5.90
C CYS B 3 -0.29 3.59 -4.88
N LEU B 4 -1.53 3.11 -4.90
CA LEU B 4 -2.56 3.60 -3.97
C LEU B 4 -2.41 2.88 -2.63
N CYS B 5 -2.10 1.60 -2.68
CA CYS B 5 -1.92 0.85 -1.45
C CYS B 5 -0.71 1.41 -0.73
N ILE B 6 0.22 1.97 -1.50
CA ILE B 6 1.39 2.61 -0.94
C ILE B 6 0.91 3.81 -0.14
N VAL B 7 -0.03 4.56 -0.72
CA VAL B 7 -0.62 5.70 -0.04
C VAL B 7 -1.36 5.23 1.21
N THR B 8 -2.08 4.11 1.08
CA THR B 8 -2.81 3.53 2.21
C THR B 8 -1.83 3.09 3.28
N THR B 9 -0.73 2.47 2.86
CA THR B 9 0.30 2.01 3.77
C THR B 9 0.91 3.18 4.53
N LYS B 10 1.04 4.32 3.84
CA LYS B 10 1.59 5.51 4.45
C LYS B 10 0.55 6.17 5.34
N LYS B 11 -0.72 6.03 5.00
CA LYS B 11 -1.80 6.60 5.80
C LYS B 11 -1.97 5.76 7.06
N TYR B 12 -1.86 4.44 6.90
CA TYR B 12 -1.96 3.50 8.01
C TYR B 12 -0.76 3.71 8.93
N ARG B 13 0.42 3.81 8.34
CA ARG B 13 1.65 4.02 9.10
C ARG B 13 1.62 5.39 9.79
N TYR B 14 0.82 6.30 9.25
CA TYR B 14 0.69 7.63 9.83
C TYR B 14 -0.31 7.60 10.99
N GLN B 15 -1.17 6.58 10.97
CA GLN B 15 -2.16 6.37 12.02
C GLN B 15 -1.42 5.89 13.27
N ASP B 16 -0.39 5.07 13.06
CA ASP B 16 0.43 4.55 14.16
C ASP B 16 0.99 5.72 14.97
N GLU B 17 1.44 6.75 14.26
CA GLU B 17 1.98 7.95 14.89
C GLU B 17 0.84 8.92 15.17
N ASP B 18 0.14 8.65 16.26
CA ASP B 18 -1.00 9.47 16.67
C ASP B 18 -1.18 9.39 18.17
N THR B 19 -0.76 8.27 18.73
CA THR B 19 -0.85 8.03 20.16
C THR B 19 0.55 8.08 20.77
N LEU A 4 -2.76 18.76 -0.30
CA LEU A 4 -2.07 17.70 0.48
C LEU A 4 -0.98 18.33 1.32
N THR A 5 -0.57 17.63 2.36
CA THR A 5 0.46 18.13 3.24
C THR A 5 1.86 17.91 2.67
N GLU A 6 2.79 18.75 3.09
CA GLU A 6 4.18 18.71 2.61
C GLU A 6 4.91 17.44 3.00
N GLU A 7 4.77 16.99 4.24
CA GLU A 7 5.45 15.77 4.68
C GLU A 7 4.95 14.60 3.86
N GLN A 8 3.66 14.60 3.54
CA GLN A 8 3.08 13.56 2.72
C GLN A 8 3.71 13.59 1.34
N ILE A 9 3.78 14.78 0.75
CA ILE A 9 4.42 14.97 -0.56
C ILE A 9 5.81 14.35 -0.53
N ALA A 10 6.52 14.61 0.56
CA ALA A 10 7.86 14.09 0.76
C ALA A 10 7.84 12.56 0.85
N GLU A 11 6.81 12.03 1.52
CA GLU A 11 6.65 10.60 1.68
C GLU A 11 6.38 9.94 0.33
N PHE A 12 5.36 10.44 -0.38
CA PHE A 12 4.99 9.91 -1.68
C PHE A 12 6.13 10.02 -2.68
N LYS A 13 7.00 11.00 -2.49
CA LYS A 13 8.15 11.17 -3.35
C LYS A 13 9.01 9.89 -3.28
N GLU A 14 9.10 9.31 -2.09
CA GLU A 14 9.85 8.07 -1.91
C GLU A 14 9.14 6.91 -2.57
N ALA A 15 7.81 6.95 -2.56
CA ALA A 15 7.02 5.89 -3.19
C ALA A 15 7.32 5.89 -4.68
N PHE A 16 7.35 7.07 -5.27
CA PHE A 16 7.69 7.21 -6.68
C PHE A 16 9.09 6.66 -6.92
N SER A 17 9.97 6.90 -5.97
CA SER A 17 11.35 6.46 -6.05
C SER A 17 11.47 4.94 -5.99
N LEU A 18 10.46 4.28 -5.42
CA LEU A 18 10.51 2.83 -5.35
C LEU A 18 9.74 2.21 -6.51
N PHE A 19 8.62 2.82 -6.91
CA PHE A 19 7.84 2.30 -8.04
C PHE A 19 8.61 2.46 -9.34
N ASP A 20 9.17 3.64 -9.54
CA ASP A 20 9.93 3.93 -10.74
C ASP A 20 11.34 3.36 -10.65
N LYS A 21 11.77 2.71 -11.71
CA LYS A 21 13.09 2.09 -11.75
C LYS A 21 13.87 2.49 -13.00
N ASP A 22 13.21 3.22 -13.90
CA ASP A 22 13.84 3.64 -15.15
C ASP A 22 14.32 5.09 -15.06
N GLY A 23 13.79 5.84 -14.12
CA GLY A 23 14.18 7.22 -13.96
C GLY A 23 13.35 8.15 -14.83
N ASP A 24 12.26 7.65 -15.40
CA ASP A 24 11.40 8.47 -16.24
C ASP A 24 10.40 9.24 -15.37
N GLY A 25 10.14 8.72 -14.17
CA GLY A 25 9.25 9.40 -13.24
C GLY A 25 7.80 8.98 -13.36
N THR A 26 7.50 8.12 -14.32
CA THR A 26 6.14 7.64 -14.51
C THR A 26 6.04 6.15 -14.19
N ILE A 27 4.86 5.72 -13.77
CA ILE A 27 4.63 4.32 -13.43
C ILE A 27 4.32 3.47 -14.66
N THR A 28 5.11 2.46 -14.91
CA THR A 28 4.86 1.57 -16.03
C THR A 28 4.26 0.28 -15.53
N THR A 29 3.86 -0.58 -16.45
CA THR A 29 3.28 -1.86 -16.11
C THR A 29 4.39 -2.82 -15.67
N LYS A 30 5.57 -2.64 -16.26
CA LYS A 30 6.70 -3.49 -15.98
C LYS A 30 7.35 -3.14 -14.65
N GLU A 31 7.28 -1.88 -14.21
CA GLU A 31 7.92 -1.49 -12.98
C GLU A 31 7.16 -2.06 -11.78
N LEU A 32 5.88 -1.73 -11.69
CA LEU A 32 5.02 -2.20 -10.61
C LEU A 32 4.96 -3.74 -10.63
N GLY A 33 5.00 -4.32 -11.83
CA GLY A 33 4.96 -5.76 -11.96
C GLY A 33 6.07 -6.45 -11.20
N THR A 34 7.24 -5.82 -11.18
CA THR A 34 8.39 -6.37 -10.48
C THR A 34 8.12 -6.49 -8.97
N VAL A 35 7.43 -5.50 -8.42
CA VAL A 35 7.11 -5.50 -6.99
C VAL A 35 6.13 -6.63 -6.68
N MET A 36 5.13 -6.78 -7.53
CA MET A 36 4.12 -7.83 -7.36
C MET A 36 4.75 -9.21 -7.48
N ARG A 37 5.94 -9.26 -8.08
CA ARG A 37 6.65 -10.49 -8.28
C ARG A 37 7.48 -10.83 -7.04
N SER A 38 8.12 -9.81 -6.47
CA SER A 38 8.94 -9.97 -5.28
C SER A 38 8.08 -10.22 -4.04
N LEU A 39 6.76 -10.07 -4.19
CA LEU A 39 5.84 -10.30 -3.09
C LEU A 39 5.44 -11.77 -3.04
N GLY A 40 5.93 -12.54 -4.02
CA GLY A 40 5.63 -13.96 -4.06
C GLY A 40 4.40 -14.27 -4.89
N GLN A 41 4.15 -13.47 -5.92
CA GLN A 41 3.00 -13.67 -6.78
C GLN A 41 3.43 -13.58 -8.24
N ASN A 42 2.68 -14.24 -9.11
CA ASN A 42 2.97 -14.20 -10.53
C ASN A 42 1.75 -13.73 -11.32
N PRO A 43 1.67 -12.43 -11.57
CA PRO A 43 0.59 -11.84 -12.32
C PRO A 43 0.92 -11.75 -13.80
N THR A 44 0.01 -12.19 -14.64
CA THR A 44 0.23 -12.16 -16.07
C THR A 44 -0.24 -10.83 -16.68
N GLU A 45 -0.15 -10.73 -18.00
CA GLU A 45 -0.53 -9.53 -18.75
C GLU A 45 -1.88 -8.96 -18.31
N ALA A 46 -2.88 -9.82 -18.14
CA ALA A 46 -4.22 -9.38 -17.75
C ALA A 46 -4.24 -8.84 -16.32
N GLU A 47 -3.50 -9.48 -15.43
CA GLU A 47 -3.47 -9.06 -14.03
C GLU A 47 -2.71 -7.74 -13.90
N LEU A 48 -1.61 -7.63 -14.64
CA LEU A 48 -0.77 -6.43 -14.62
C LEU A 48 -1.52 -5.21 -15.13
N GLN A 49 -2.53 -5.43 -15.96
CA GLN A 49 -3.30 -4.33 -16.51
C GLN A 49 -4.48 -4.02 -15.60
N ASP A 50 -5.06 -5.08 -15.06
CA ASP A 50 -6.18 -4.97 -14.15
C ASP A 50 -5.79 -4.09 -12.98
N MET A 51 -4.58 -4.32 -12.48
CA MET A 51 -4.05 -3.55 -11.36
C MET A 51 -4.02 -2.07 -11.69
N ILE A 52 -3.51 -1.75 -12.87
CA ILE A 52 -3.41 -0.37 -13.33
C ILE A 52 -4.79 0.20 -13.63
N ASN A 53 -5.67 -0.61 -14.24
CA ASN A 53 -7.02 -0.19 -14.59
C ASN A 53 -7.80 0.30 -13.37
N GLU A 54 -7.51 -0.29 -12.21
CA GLU A 54 -8.17 0.09 -10.97
C GLU A 54 -7.82 1.54 -10.57
N VAL A 55 -6.75 2.07 -11.15
CA VAL A 55 -6.31 3.44 -10.87
C VAL A 55 -6.53 4.33 -12.10
N ASP A 56 -6.36 3.73 -13.27
CA ASP A 56 -6.50 4.43 -14.54
C ASP A 56 -7.95 4.84 -14.77
N ALA A 57 -8.14 6.12 -15.03
CA ALA A 57 -9.46 6.66 -15.28
C ALA A 57 -9.50 7.38 -16.62
N ASP A 58 -8.33 7.76 -17.10
CA ASP A 58 -8.22 8.45 -18.38
C ASP A 58 -8.30 7.48 -19.55
N GLY A 59 -8.11 6.20 -19.28
CA GLY A 59 -8.20 5.19 -20.33
C GLY A 59 -6.92 5.11 -21.14
N ASN A 60 -5.80 4.92 -20.45
CA ASN A 60 -4.51 4.82 -21.11
C ASN A 60 -3.75 3.59 -20.59
N GLY A 61 -4.05 3.21 -19.36
CA GLY A 61 -3.41 2.05 -18.77
C GLY A 61 -2.04 2.37 -18.19
N THR A 62 -1.98 3.40 -17.34
CA THR A 62 -0.73 3.81 -16.71
C THR A 62 -1.01 4.73 -15.52
N ILE A 63 -0.33 4.48 -14.38
CA ILE A 63 -0.49 5.32 -13.19
C ILE A 63 0.25 6.64 -13.41
N ASP A 64 -0.41 7.58 -14.08
CA ASP A 64 0.17 8.88 -14.37
C ASP A 64 0.00 9.81 -13.16
N PHE A 65 0.57 11.01 -13.25
CA PHE A 65 0.50 11.98 -12.15
C PHE A 65 -0.93 12.46 -11.87
N PRO A 66 -1.69 12.93 -12.89
CA PRO A 66 -3.07 13.38 -12.68
C PRO A 66 -3.91 12.37 -11.89
N GLU A 67 -3.83 11.10 -12.30
CA GLU A 67 -4.55 10.05 -11.61
C GLU A 67 -3.90 9.74 -10.28
N PHE A 68 -2.59 9.92 -10.21
CA PHE A 68 -1.84 9.64 -8.99
C PHE A 68 -2.36 10.55 -7.87
N LEU A 69 -2.66 11.79 -8.24
CA LEU A 69 -3.19 12.76 -7.29
C LEU A 69 -4.60 12.37 -6.86
N THR A 70 -5.47 12.19 -7.84
CA THR A 70 -6.86 11.83 -7.59
C THR A 70 -6.96 10.52 -6.78
N MET A 71 -6.26 9.51 -7.27
CA MET A 71 -6.23 8.20 -6.62
C MET A 71 -5.68 8.33 -5.20
N MET A 72 -4.65 9.16 -5.03
CA MET A 72 -4.01 9.36 -3.74
C MET A 72 -4.99 9.98 -2.75
N ALA A 73 -5.70 11.02 -3.19
CA ALA A 73 -6.68 11.70 -2.35
C ALA A 73 -7.77 10.74 -1.91
N ARG A 74 -8.05 9.76 -2.76
CA ARG A 74 -9.06 8.75 -2.48
C ARG A 74 -8.63 7.86 -1.30
N LYS A 75 -7.33 7.83 -1.01
CA LYS A 75 -6.82 7.03 0.10
C LYS A 75 -6.23 7.91 1.21
N MET A 76 -5.99 9.18 0.89
CA MET A 76 -5.46 10.13 1.86
C MET A 76 -6.35 10.16 3.08
N LYS A 77 -7.65 10.26 2.84
CA LYS A 77 -8.64 10.26 3.91
C LYS A 77 -9.64 9.15 3.68
N ASP A 78 -9.12 7.92 3.57
CA ASP A 78 -9.96 6.76 3.37
C ASP A 78 -11.03 6.66 4.46
N THR A 79 -12.25 6.99 4.09
CA THR A 79 -13.39 6.95 4.98
C THR A 79 -14.53 6.23 4.29
N ASP A 80 -14.21 5.71 3.12
CA ASP A 80 -15.16 4.99 2.29
C ASP A 80 -14.50 3.69 1.84
N SER A 81 -13.84 3.07 2.78
CA SER A 81 -13.09 1.83 2.57
C SER A 81 -13.94 0.64 2.13
N GLU A 82 -14.26 0.57 0.84
CA GLU A 82 -15.02 -0.55 0.32
C GLU A 82 -14.05 -1.58 -0.28
N GLU A 83 -13.50 -1.24 -1.42
CA GLU A 83 -12.53 -2.11 -2.08
C GLU A 83 -11.13 -1.68 -1.67
N GLU A 84 -11.04 -0.43 -1.22
CA GLU A 84 -9.79 0.15 -0.77
C GLU A 84 -9.17 -0.65 0.37
N ILE A 85 -9.98 -0.91 1.39
CA ILE A 85 -9.52 -1.67 2.55
C ILE A 85 -9.14 -3.10 2.15
N ARG A 86 -9.81 -3.60 1.11
CA ARG A 86 -9.55 -4.94 0.63
C ARG A 86 -8.18 -4.99 -0.05
N GLU A 87 -7.90 -3.98 -0.87
CA GLU A 87 -6.61 -3.88 -1.55
C GLU A 87 -5.44 -3.97 -0.59
N ALA A 88 -5.42 -3.09 0.40
CA ALA A 88 -4.34 -3.07 1.37
C ALA A 88 -4.34 -4.31 2.24
N PHE A 89 -5.49 -4.94 2.37
CA PHE A 89 -5.60 -6.14 3.18
C PHE A 89 -4.91 -7.30 2.45
N ARG A 90 -4.99 -7.27 1.12
CA ARG A 90 -4.41 -8.30 0.28
C ARG A 90 -2.92 -8.07 0.03
N VAL A 91 -2.51 -6.81 0.05
CA VAL A 91 -1.11 -6.47 -0.15
C VAL A 91 -0.29 -6.85 1.08
N PHE A 92 -0.92 -6.79 2.24
CA PHE A 92 -0.26 -7.14 3.49
C PHE A 92 -0.39 -8.63 3.79
N ASP A 93 -1.57 -9.18 3.51
CA ASP A 93 -1.82 -10.60 3.73
C ASP A 93 -1.40 -11.38 2.49
N LYS A 94 -0.18 -11.88 2.51
CA LYS A 94 0.36 -12.61 1.39
C LYS A 94 0.02 -14.10 1.47
N ASP A 95 -0.33 -14.58 2.66
CA ASP A 95 -0.67 -15.99 2.81
C ASP A 95 -2.10 -16.25 2.37
N GLY A 96 -2.90 -15.20 2.31
CA GLY A 96 -4.28 -15.33 1.89
C GLY A 96 -5.16 -15.97 2.95
N ASN A 97 -4.80 -15.75 4.19
CA ASN A 97 -5.53 -16.33 5.31
C ASN A 97 -6.51 -15.34 5.90
N GLY A 98 -6.28 -14.05 5.66
CA GLY A 98 -7.19 -13.03 6.16
C GLY A 98 -6.71 -12.40 7.47
N TYR A 99 -5.56 -12.82 7.96
CA TYR A 99 -5.02 -12.28 9.20
C TYR A 99 -3.59 -11.78 9.01
N ILE A 100 -3.43 -10.46 9.08
CA ILE A 100 -2.12 -9.83 8.92
C ILE A 100 -1.36 -9.83 10.23
N SER A 101 -0.04 -9.96 10.16
CA SER A 101 0.81 -9.98 11.35
C SER A 101 2.25 -9.62 10.99
N ALA A 102 3.14 -9.72 11.98
CA ALA A 102 4.58 -9.43 11.80
C ALA A 102 5.23 -10.47 10.89
N ALA A 103 4.39 -11.34 10.37
CA ALA A 103 4.81 -12.40 9.47
C ALA A 103 4.99 -11.84 8.06
N GLU A 104 3.88 -11.57 7.40
CA GLU A 104 3.89 -11.05 6.05
C GLU A 104 4.18 -9.55 6.01
N LEU A 105 3.76 -8.83 7.05
CA LEU A 105 3.96 -7.39 7.10
C LEU A 105 5.44 -7.05 7.06
N ARG A 106 6.25 -7.91 7.68
CA ARG A 106 7.69 -7.72 7.73
C ARG A 106 8.26 -7.84 6.32
N HIS A 107 7.72 -8.78 5.54
CA HIS A 107 8.18 -9.00 4.18
C HIS A 107 7.90 -7.80 3.28
N VAL A 108 6.65 -7.38 3.23
CA VAL A 108 6.24 -6.25 2.38
C VAL A 108 6.95 -4.96 2.79
N MET A 109 7.07 -4.72 4.09
CA MET A 109 7.71 -3.51 4.59
C MET A 109 9.16 -3.43 4.13
N THR A 110 9.82 -4.58 4.14
CA THR A 110 11.20 -4.67 3.72
C THR A 110 11.30 -4.65 2.20
N ASN A 111 10.30 -5.20 1.54
CA ASN A 111 10.26 -5.26 0.09
C ASN A 111 10.05 -3.87 -0.51
N LEU A 112 9.18 -3.07 0.13
CA LEU A 112 8.92 -1.70 -0.32
C LEU A 112 10.19 -0.86 -0.21
N GLY A 113 10.98 -1.18 0.80
CA GLY A 113 12.23 -0.48 1.02
C GLY A 113 12.11 0.64 2.03
N GLU A 114 11.33 0.42 3.08
CA GLU A 114 11.16 1.44 4.11
C GLU A 114 12.27 1.33 5.14
N LYS A 115 12.35 2.32 6.02
CA LYS A 115 13.38 2.35 7.06
C LYS A 115 12.93 1.60 8.30
N LEU A 116 11.85 0.84 8.17
CA LEU A 116 11.34 0.07 9.29
C LEU A 116 12.07 -1.25 9.43
N THR A 117 12.83 -1.36 10.50
CA THR A 117 13.58 -2.57 10.78
C THR A 117 12.66 -3.62 11.41
N ASP A 118 13.24 -4.76 11.78
CA ASP A 118 12.46 -5.84 12.37
C ASP A 118 11.67 -5.41 13.60
N GLU A 119 12.33 -4.77 14.56
CA GLU A 119 11.64 -4.30 15.77
C GLU A 119 10.67 -3.18 15.43
N GLU A 120 10.98 -2.42 14.40
CA GLU A 120 10.12 -1.31 13.98
C GLU A 120 8.79 -1.84 13.46
N VAL A 121 8.85 -3.02 12.84
CA VAL A 121 7.66 -3.67 12.31
C VAL A 121 6.77 -4.11 13.46
N ASP A 122 7.39 -4.65 14.51
CA ASP A 122 6.66 -5.11 15.67
C ASP A 122 6.10 -3.92 16.45
N GLU A 123 6.88 -2.85 16.52
CA GLU A 123 6.46 -1.63 17.22
C GLU A 123 5.24 -1.02 16.56
N MET A 124 5.31 -0.82 15.24
CA MET A 124 4.19 -0.23 14.50
C MET A 124 2.99 -1.15 14.51
N ILE A 125 3.23 -2.46 14.46
CA ILE A 125 2.17 -3.48 14.45
C ILE A 125 1.15 -3.28 15.58
N ARG A 126 1.58 -2.66 16.68
CA ARG A 126 0.70 -2.46 17.82
C ARG A 126 -0.11 -1.16 17.74
N GLU A 127 -0.23 -0.57 16.55
CA GLU A 127 -1.00 0.64 16.40
C GLU A 127 -2.47 0.28 16.22
N ALA A 128 -2.72 -0.77 15.45
CA ALA A 128 -4.07 -1.25 15.19
C ALA A 128 -4.43 -2.40 16.12
N ASP A 129 -3.43 -2.94 16.79
CA ASP A 129 -3.65 -4.06 17.70
C ASP A 129 -4.24 -3.56 19.01
N ILE A 130 -5.53 -3.80 19.20
CA ILE A 130 -6.23 -3.38 20.40
C ILE A 130 -6.58 -4.58 21.26
N ASP A 131 -6.25 -5.76 20.78
CA ASP A 131 -6.54 -7.00 21.50
C ASP A 131 -5.29 -7.57 22.17
N GLY A 132 -4.13 -7.30 21.60
CA GLY A 132 -2.89 -7.77 22.18
C GLY A 132 -2.49 -9.15 21.69
N ASP A 133 -2.53 -9.34 20.37
CA ASP A 133 -2.18 -10.62 19.78
C ASP A 133 -1.11 -10.46 18.71
N GLY A 134 -0.86 -9.23 18.29
CA GLY A 134 0.14 -8.97 17.27
C GLY A 134 -0.34 -9.26 15.86
N GLN A 135 -1.65 -9.43 15.71
CA GLN A 135 -2.25 -9.71 14.42
C GLN A 135 -3.40 -8.75 14.16
N VAL A 136 -3.23 -7.89 13.18
CA VAL A 136 -4.25 -6.90 12.83
C VAL A 136 -5.33 -7.52 11.96
N ASN A 137 -6.51 -7.74 12.55
CA ASN A 137 -7.62 -8.32 11.81
C ASN A 137 -8.39 -7.24 11.05
N TYR A 138 -9.42 -7.66 10.34
CA TYR A 138 -10.26 -6.76 9.55
C TYR A 138 -10.79 -5.60 10.40
N GLU A 139 -11.46 -5.93 11.49
CA GLU A 139 -12.03 -4.94 12.40
C GLU A 139 -10.98 -3.92 12.85
N GLU A 140 -9.83 -4.42 13.25
CA GLU A 140 -8.75 -3.57 13.73
C GLU A 140 -8.22 -2.67 12.59
N PHE A 141 -8.14 -3.21 11.38
CA PHE A 141 -7.65 -2.47 10.24
C PHE A 141 -8.66 -1.40 9.81
N VAL A 142 -9.94 -1.78 9.80
CA VAL A 142 -11.01 -0.85 9.43
C VAL A 142 -11.16 0.26 10.45
N GLN A 143 -11.21 -0.10 11.73
CA GLN A 143 -11.36 0.89 12.81
C GLN A 143 -10.12 1.79 12.91
N MET A 144 -9.11 1.48 12.11
CA MET A 144 -7.88 2.25 12.11
C MET A 144 -7.71 3.04 10.81
N MET A 145 -8.10 2.44 9.70
CA MET A 145 -7.98 3.09 8.39
C MET A 145 -9.13 4.06 8.16
N THR A 146 -10.34 3.62 8.40
CA THR A 146 -11.53 4.44 8.21
C THR A 146 -11.66 5.49 9.31
N ALA A 147 -11.20 5.15 10.50
CA ALA A 147 -11.25 6.07 11.63
C ALA A 147 -9.87 6.64 11.93
N MET B 1 -3.12 -1.63 -8.46
CA MET B 1 -3.53 -1.02 -7.16
C MET B 1 -2.31 -0.82 -6.28
N ASP B 2 -1.18 -1.25 -6.80
CA ASP B 2 0.11 -1.16 -6.12
C ASP B 2 0.37 0.24 -5.58
N CYS B 3 0.34 1.23 -6.47
CA CYS B 3 0.57 2.62 -6.09
C CYS B 3 -0.45 3.10 -5.05
N LEU B 4 -1.68 2.60 -5.13
CA LEU B 4 -2.74 2.97 -4.20
C LEU B 4 -2.56 2.27 -2.86
N CYS B 5 -2.15 1.00 -2.86
CA CYS B 5 -1.93 0.29 -1.60
C CYS B 5 -0.77 0.94 -0.88
N ILE B 6 0.10 1.60 -1.64
CA ILE B 6 1.20 2.32 -1.03
C ILE B 6 0.60 3.50 -0.28
N VAL B 7 -0.37 4.16 -0.92
CA VAL B 7 -1.06 5.30 -0.31
C VAL B 7 -1.79 4.84 0.95
N THR B 8 -2.39 3.65 0.87
CA THR B 8 -3.09 3.07 2.01
C THR B 8 -2.09 2.70 3.11
N THR B 9 -1.00 2.07 2.71
CA THR B 9 0.05 1.69 3.64
C THR B 9 0.60 2.94 4.30
N LYS B 10 0.70 4.01 3.53
CA LYS B 10 1.21 5.27 4.03
C LYS B 10 0.24 5.87 5.05
N LYS B 11 -1.05 5.73 4.78
CA LYS B 11 -2.09 6.25 5.66
C LYS B 11 -2.13 5.42 6.94
N TYR B 12 -2.04 4.11 6.79
CA TYR B 12 -2.03 3.20 7.92
C TYR B 12 -0.79 3.44 8.77
N ARG B 13 0.33 3.64 8.08
CA ARG B 13 1.61 3.90 8.74
C ARG B 13 1.61 5.29 9.39
N TYR B 14 0.79 6.18 8.86
CA TYR B 14 0.70 7.53 9.39
C TYR B 14 -0.20 7.53 10.62
N GLN B 15 -1.09 6.54 10.67
CA GLN B 15 -2.01 6.40 11.78
C GLN B 15 -1.25 5.95 13.03
N ASP B 16 -0.04 5.41 12.80
CA ASP B 16 0.83 4.97 13.88
C ASP B 16 1.25 6.19 14.70
N GLU B 17 1.25 7.34 14.04
CA GLU B 17 1.59 8.61 14.65
C GLU B 17 0.39 9.12 15.46
N ASP B 18 0.16 8.55 16.63
CA ASP B 18 -0.96 8.94 17.46
C ASP B 18 -0.64 8.89 18.94
N THR B 19 -0.43 7.69 19.46
CA THR B 19 -0.17 7.50 20.87
C THR B 19 1.31 7.28 21.15
N LEU A 4 -1.24 18.70 -0.02
CA LEU A 4 -0.78 17.63 0.87
C LEU A 4 0.40 18.09 1.72
N THR A 5 0.67 17.37 2.79
CA THR A 5 1.77 17.67 3.69
C THR A 5 3.10 17.40 3.00
N GLU A 6 4.08 18.25 3.25
CA GLU A 6 5.40 18.10 2.65
C GLU A 6 6.05 16.78 3.07
N GLU A 7 5.83 16.39 4.31
CA GLU A 7 6.39 15.15 4.85
C GLU A 7 5.95 13.97 4.00
N GLN A 8 4.64 13.88 3.76
CA GLN A 8 4.08 12.82 2.96
C GLN A 8 4.61 12.89 1.53
N ILE A 9 4.58 14.09 0.94
CA ILE A 9 5.11 14.30 -0.41
C ILE A 9 6.52 13.74 -0.52
N ALA A 10 7.34 14.00 0.49
CA ALA A 10 8.71 13.52 0.53
C ALA A 10 8.75 12.00 0.54
N GLU A 11 7.85 11.39 1.31
CA GLU A 11 7.79 9.93 1.39
C GLU A 11 7.35 9.34 0.05
N PHE A 12 6.36 9.95 -0.59
CA PHE A 12 5.88 9.49 -1.89
C PHE A 12 7.01 9.55 -2.92
N LYS A 13 7.92 10.50 -2.74
CA LYS A 13 9.08 10.63 -3.61
C LYS A 13 9.88 9.32 -3.58
N GLU A 14 9.95 8.73 -2.39
CA GLU A 14 10.65 7.46 -2.19
C GLU A 14 9.85 6.35 -2.87
N ALA A 15 8.54 6.44 -2.78
CA ALA A 15 7.64 5.48 -3.40
C ALA A 15 7.87 5.48 -4.92
N PHE A 16 7.92 6.67 -5.50
CA PHE A 16 8.19 6.82 -6.94
C PHE A 16 9.53 6.17 -7.29
N SER A 17 10.53 6.40 -6.45
CA SER A 17 11.86 5.85 -6.67
C SER A 17 11.83 4.32 -6.57
N LEU A 18 10.73 3.82 -6.01
CA LEU A 18 10.54 2.39 -5.83
C LEU A 18 9.77 1.80 -7.00
N PHE A 19 8.60 2.36 -7.31
CA PHE A 19 7.77 1.86 -8.41
C PHE A 19 8.48 2.02 -9.75
N ASP A 20 9.12 3.16 -9.93
CA ASP A 20 9.83 3.45 -11.16
C ASP A 20 11.18 2.76 -11.19
N LYS A 21 11.49 2.11 -12.31
CA LYS A 21 12.75 1.39 -12.47
C LYS A 21 13.45 1.79 -13.77
N ASP A 22 13.08 2.93 -14.35
CA ASP A 22 13.69 3.36 -15.60
C ASP A 22 14.24 4.79 -15.50
N GLY A 23 13.71 5.57 -14.57
CA GLY A 23 14.17 6.94 -14.38
C GLY A 23 13.30 7.97 -15.08
N ASP A 24 12.22 7.51 -15.69
CA ASP A 24 11.31 8.41 -16.39
C ASP A 24 10.37 9.13 -15.41
N GLY A 25 9.91 8.41 -14.39
CA GLY A 25 9.03 9.01 -13.40
C GLY A 25 7.60 8.53 -13.49
N THR A 26 7.19 8.05 -14.65
CA THR A 26 5.83 7.56 -14.84
C THR A 26 5.75 6.07 -14.51
N ILE A 27 4.66 5.70 -13.83
CA ILE A 27 4.42 4.33 -13.44
C ILE A 27 3.93 3.50 -14.63
N THR A 28 4.62 2.41 -14.92
CA THR A 28 4.20 1.52 -15.98
C THR A 28 3.75 0.20 -15.38
N THR A 29 3.36 -0.74 -16.22
CA THR A 29 2.89 -2.02 -15.75
C THR A 29 4.05 -2.99 -15.54
N LYS A 30 5.09 -2.85 -16.35
CA LYS A 30 6.25 -3.71 -16.27
C LYS A 30 7.12 -3.36 -15.05
N GLU A 31 6.95 -2.15 -14.53
CA GLU A 31 7.71 -1.71 -13.37
C GLU A 31 7.06 -2.24 -12.08
N LEU A 32 5.78 -1.96 -11.90
CA LEU A 32 5.05 -2.38 -10.70
C LEU A 32 4.98 -3.91 -10.62
N GLY A 33 4.94 -4.57 -11.78
CA GLY A 33 4.88 -6.03 -11.81
C GLY A 33 6.07 -6.67 -11.13
N THR A 34 7.22 -6.00 -11.20
CA THR A 34 8.45 -6.49 -10.59
C THR A 34 8.28 -6.63 -9.07
N VAL A 35 7.66 -5.65 -8.44
CA VAL A 35 7.42 -5.67 -7.00
C VAL A 35 6.54 -6.86 -6.61
N MET A 36 5.45 -7.06 -7.35
CA MET A 36 4.53 -8.17 -7.08
C MET A 36 5.22 -9.51 -7.31
N ARG A 37 6.35 -9.46 -7.99
CA ARG A 37 7.12 -10.66 -8.29
C ARG A 37 7.88 -11.09 -7.03
N SER A 38 8.49 -10.10 -6.37
CA SER A 38 9.25 -10.35 -5.15
C SER A 38 8.34 -10.76 -4.00
N LEU A 39 7.04 -10.55 -4.18
CA LEU A 39 6.06 -10.91 -3.17
C LEU A 39 5.66 -12.36 -3.30
N GLY A 40 6.33 -13.06 -4.21
CA GLY A 40 6.05 -14.46 -4.42
C GLY A 40 4.78 -14.68 -5.20
N GLN A 41 4.38 -13.69 -5.98
CA GLN A 41 3.19 -13.77 -6.80
C GLN A 41 3.56 -13.49 -8.25
N ASN A 42 2.63 -13.76 -9.16
CA ASN A 42 2.91 -13.53 -10.58
C ASN A 42 1.63 -13.39 -11.40
N PRO A 43 1.17 -12.15 -11.60
CA PRO A 43 0.00 -11.88 -12.40
C PRO A 43 0.32 -11.79 -13.89
N THR A 44 -0.65 -12.15 -14.70
CA THR A 44 -0.50 -12.09 -16.15
C THR A 44 -0.96 -10.73 -16.66
N GLU A 45 -0.87 -10.50 -17.98
CA GLU A 45 -1.28 -9.22 -18.59
C GLU A 45 -2.63 -8.75 -18.06
N ALA A 46 -3.67 -9.56 -18.25
CA ALA A 46 -5.03 -9.21 -17.80
C ALA A 46 -5.06 -8.78 -16.33
N GLU A 47 -4.29 -9.46 -15.49
CA GLU A 47 -4.26 -9.16 -14.07
C GLU A 47 -3.43 -7.92 -13.78
N LEU A 48 -2.29 -7.81 -14.47
CA LEU A 48 -1.41 -6.66 -14.29
C LEU A 48 -2.11 -5.37 -14.69
N GLN A 49 -2.97 -5.45 -15.69
CA GLN A 49 -3.69 -4.29 -16.18
C GLN A 49 -4.91 -4.04 -15.30
N ASP A 50 -5.48 -5.14 -14.82
CA ASP A 50 -6.64 -5.08 -13.93
C ASP A 50 -6.34 -4.22 -12.72
N MET A 51 -5.13 -4.41 -12.19
CA MET A 51 -4.66 -3.64 -11.04
C MET A 51 -4.55 -2.16 -11.41
N ILE A 52 -4.09 -1.89 -12.62
CA ILE A 52 -3.97 -0.53 -13.11
C ILE A 52 -5.33 0.12 -13.29
N ASN A 53 -6.28 -0.66 -13.79
CA ASN A 53 -7.65 -0.18 -13.99
C ASN A 53 -8.27 0.34 -12.69
N GLU A 54 -7.80 -0.17 -11.56
CA GLU A 54 -8.31 0.27 -10.26
C GLU A 54 -7.89 1.71 -9.98
N VAL A 55 -6.84 2.16 -10.65
CA VAL A 55 -6.33 3.52 -10.49
C VAL A 55 -6.70 4.38 -11.70
N ASP A 56 -6.54 3.81 -12.89
CA ASP A 56 -6.82 4.52 -14.14
C ASP A 56 -8.30 4.79 -14.30
N ALA A 57 -8.65 6.06 -14.45
CA ALA A 57 -10.04 6.43 -14.62
C ALA A 57 -10.24 7.19 -15.93
N ASP A 58 -9.14 7.57 -16.56
CA ASP A 58 -9.22 8.28 -17.82
C ASP A 58 -9.45 7.31 -18.97
N GLY A 59 -9.00 6.07 -18.79
CA GLY A 59 -9.17 5.06 -19.82
C GLY A 59 -7.94 4.89 -20.69
N ASN A 60 -6.79 5.29 -20.18
CA ASN A 60 -5.54 5.18 -20.92
C ASN A 60 -4.77 3.93 -20.51
N GLY A 61 -4.95 3.53 -19.26
CA GLY A 61 -4.26 2.35 -18.76
C GLY A 61 -2.85 2.66 -18.29
N THR A 62 -2.71 3.75 -17.53
CA THR A 62 -1.41 4.13 -16.99
C THR A 62 -1.59 5.04 -15.77
N ILE A 63 -0.92 4.68 -14.68
CA ILE A 63 -0.96 5.47 -13.44
C ILE A 63 -0.24 6.80 -13.68
N ASP A 64 -1.02 7.84 -13.99
CA ASP A 64 -0.46 9.15 -14.30
C ASP A 64 -0.56 10.11 -13.11
N PHE A 65 -0.10 11.35 -13.31
CA PHE A 65 -0.12 12.36 -12.25
C PHE A 65 -1.55 12.78 -11.91
N PRO A 66 -2.40 13.16 -12.89
CA PRO A 66 -3.79 13.54 -12.62
C PRO A 66 -4.51 12.50 -11.77
N GLU A 67 -4.41 11.24 -12.18
CA GLU A 67 -5.04 10.15 -11.45
C GLU A 67 -4.38 9.96 -10.09
N PHE A 68 -3.09 10.25 -10.02
CA PHE A 68 -2.32 10.09 -8.79
C PHE A 68 -2.83 11.05 -7.73
N LEU A 69 -3.20 12.25 -8.16
CA LEU A 69 -3.71 13.28 -7.27
C LEU A 69 -5.03 12.82 -6.64
N THR A 70 -5.99 12.50 -7.50
CA THR A 70 -7.30 12.05 -7.04
C THR A 70 -7.20 10.71 -6.30
N MET A 71 -6.32 9.83 -6.79
CA MET A 71 -6.11 8.52 -6.19
C MET A 71 -5.56 8.66 -4.78
N MET A 72 -4.57 9.53 -4.62
CA MET A 72 -3.94 9.74 -3.32
C MET A 72 -4.93 10.35 -2.33
N ALA A 73 -5.75 11.28 -2.81
CA ALA A 73 -6.74 11.92 -1.97
C ALA A 73 -7.79 10.92 -1.48
N ARG A 74 -8.14 9.97 -2.36
CA ARG A 74 -9.13 8.97 -2.01
C ARG A 74 -8.64 8.11 -0.84
N LYS A 75 -7.34 7.82 -0.80
CA LYS A 75 -6.81 7.03 0.30
C LYS A 75 -6.36 7.92 1.45
N MET A 76 -6.33 9.23 1.22
CA MET A 76 -5.94 10.17 2.27
C MET A 76 -6.97 10.18 3.39
N LYS A 77 -8.24 10.28 3.00
CA LYS A 77 -9.32 10.32 3.97
C LYS A 77 -10.49 9.43 3.53
N ASP A 78 -10.23 8.14 3.32
CA ASP A 78 -11.28 7.20 2.92
C ASP A 78 -12.20 6.91 4.10
N THR A 79 -13.49 6.89 3.85
CA THR A 79 -14.47 6.61 4.88
C THR A 79 -15.54 5.67 4.35
N ASP A 80 -15.20 4.97 3.29
CA ASP A 80 -16.10 4.01 2.65
C ASP A 80 -15.47 2.63 2.73
N SER A 81 -14.19 2.58 2.40
CA SER A 81 -13.39 1.37 2.48
C SER A 81 -13.95 0.16 1.72
N GLU A 82 -14.26 0.33 0.45
CA GLU A 82 -14.77 -0.80 -0.33
C GLU A 82 -13.59 -1.62 -0.85
N GLU A 83 -12.93 -1.12 -1.88
CA GLU A 83 -11.77 -1.79 -2.46
C GLU A 83 -10.48 -1.31 -1.80
N GLU A 84 -10.57 -0.20 -1.07
CA GLU A 84 -9.42 0.39 -0.40
C GLU A 84 -8.77 -0.57 0.57
N ILE A 85 -9.54 -1.01 1.55
CA ILE A 85 -9.05 -1.93 2.55
C ILE A 85 -8.69 -3.28 1.93
N ARG A 86 -9.39 -3.64 0.88
CA ARG A 86 -9.15 -4.90 0.19
C ARG A 86 -7.77 -4.93 -0.45
N GLU A 87 -7.48 -3.89 -1.23
CA GLU A 87 -6.19 -3.75 -1.91
C GLU A 87 -5.02 -3.82 -0.93
N ALA A 88 -5.04 -3.03 0.14
CA ALA A 88 -3.95 -3.03 1.10
C ALA A 88 -3.88 -4.34 1.87
N PHE A 89 -5.00 -5.06 1.92
CA PHE A 89 -5.05 -6.32 2.63
C PHE A 89 -4.30 -7.37 1.81
N ARG A 90 -4.50 -7.34 0.50
CA ARG A 90 -3.85 -8.28 -0.41
C ARG A 90 -2.37 -7.96 -0.59
N VAL A 91 -2.01 -6.71 -0.36
CA VAL A 91 -0.62 -6.29 -0.50
C VAL A 91 0.17 -6.68 0.75
N PHE A 92 -0.44 -6.51 1.92
CA PHE A 92 0.22 -6.85 3.18
C PHE A 92 0.15 -8.35 3.44
N ASP A 93 -1.01 -8.94 3.18
CA ASP A 93 -1.21 -10.37 3.40
C ASP A 93 -0.64 -11.18 2.25
N LYS A 94 0.65 -11.46 2.34
CA LYS A 94 1.37 -12.22 1.33
C LYS A 94 0.85 -13.66 1.23
N ASP A 95 0.29 -14.19 2.31
CA ASP A 95 -0.23 -15.56 2.27
C ASP A 95 -1.65 -15.59 1.76
N GLY A 96 -2.36 -14.48 1.90
CA GLY A 96 -3.73 -14.40 1.43
C GLY A 96 -4.70 -15.13 2.35
N ASN A 97 -4.35 -15.25 3.62
CA ASN A 97 -5.22 -15.93 4.59
C ASN A 97 -6.23 -14.97 5.20
N GLY A 98 -5.91 -13.68 5.19
CA GLY A 98 -6.82 -12.69 5.74
C GLY A 98 -6.37 -12.15 7.08
N TYR A 99 -5.16 -12.52 7.49
CA TYR A 99 -4.60 -12.08 8.78
C TYR A 99 -3.20 -11.54 8.59
N ILE A 100 -3.06 -10.23 8.69
CA ILE A 100 -1.76 -9.58 8.53
C ILE A 100 -1.02 -9.55 9.85
N SER A 101 0.28 -9.81 9.83
CA SER A 101 1.07 -9.80 11.04
C SER A 101 2.51 -9.39 10.72
N ALA A 102 3.37 -9.41 11.74
CA ALA A 102 4.80 -9.07 11.57
C ALA A 102 5.49 -10.11 10.69
N ALA A 103 4.69 -11.08 10.30
CA ALA A 103 5.13 -12.15 9.44
C ALA A 103 5.35 -11.61 8.03
N GLU A 104 4.25 -11.38 7.34
CA GLU A 104 4.27 -10.86 5.96
C GLU A 104 4.53 -9.35 5.89
N LEU A 105 4.07 -8.60 6.90
CA LEU A 105 4.25 -7.15 6.90
C LEU A 105 5.72 -6.77 6.88
N ARG A 106 6.53 -7.54 7.58
CA ARG A 106 7.97 -7.32 7.65
C ARG A 106 8.60 -7.39 6.26
N HIS A 107 8.08 -8.29 5.44
CA HIS A 107 8.58 -8.47 4.08
C HIS A 107 8.27 -7.26 3.22
N VAL A 108 7.02 -6.80 3.26
CA VAL A 108 6.60 -5.65 2.46
C VAL A 108 7.36 -4.39 2.90
N MET A 109 7.53 -4.22 4.20
CA MET A 109 8.24 -3.08 4.76
C MET A 109 9.65 -2.96 4.17
N THR A 110 10.30 -4.11 3.99
CA THR A 110 11.65 -4.16 3.44
C THR A 110 11.61 -4.02 1.91
N ASN A 111 10.52 -4.47 1.33
CA ASN A 111 10.34 -4.42 -0.11
C ASN A 111 10.13 -2.99 -0.59
N LEU A 112 9.31 -2.24 0.14
CA LEU A 112 9.04 -0.85 -0.20
C LEU A 112 10.28 0.01 0.06
N GLY A 113 11.04 -0.37 1.07
CA GLY A 113 12.25 0.35 1.41
C GLY A 113 11.98 1.54 2.31
N GLU A 114 11.18 1.33 3.34
CA GLU A 114 10.85 2.39 4.28
C GLU A 114 11.95 2.53 5.32
N LYS A 115 11.75 3.46 6.23
CA LYS A 115 12.70 3.73 7.29
C LYS A 115 12.32 2.99 8.57
N LEU A 116 11.77 1.80 8.42
CA LEU A 116 11.35 1.02 9.57
C LEU A 116 12.08 -0.31 9.65
N THR A 117 12.79 -0.52 10.76
CA THR A 117 13.53 -1.75 10.97
C THR A 117 12.63 -2.78 11.68
N ASP A 118 13.22 -3.88 12.12
CA ASP A 118 12.47 -4.96 12.78
C ASP A 118 11.66 -4.46 13.98
N GLU A 119 12.34 -3.83 14.93
CA GLU A 119 11.70 -3.30 16.13
C GLU A 119 10.58 -2.32 15.78
N GLU A 120 10.70 -1.69 14.61
CA GLU A 120 9.70 -0.73 14.15
C GLU A 120 8.45 -1.45 13.66
N VAL A 121 8.63 -2.48 12.84
CA VAL A 121 7.52 -3.27 12.33
C VAL A 121 6.72 -3.83 13.50
N ASP A 122 7.45 -4.33 14.50
CA ASP A 122 6.86 -4.87 15.70
C ASP A 122 6.09 -3.80 16.45
N GLU A 123 6.70 -2.63 16.60
CA GLU A 123 6.09 -1.51 17.31
C GLU A 123 4.83 -1.03 16.59
N MET A 124 4.91 -0.91 15.27
CA MET A 124 3.79 -0.46 14.47
C MET A 124 2.62 -1.41 14.55
N ILE A 125 2.90 -2.70 14.43
CA ILE A 125 1.88 -3.75 14.46
C ILE A 125 0.90 -3.62 15.63
N ARG A 126 1.32 -3.00 16.72
CA ARG A 126 0.46 -2.86 17.88
C ARG A 126 -0.37 -1.56 17.83
N GLU A 127 -0.59 -1.04 16.63
CA GLU A 127 -1.39 0.16 16.47
C GLU A 127 -2.85 -0.20 16.23
N ALA A 128 -3.07 -1.20 15.39
CA ALA A 128 -4.42 -1.67 15.08
C ALA A 128 -4.72 -2.96 15.81
N ASP A 129 -3.68 -3.57 16.37
CA ASP A 129 -3.82 -4.82 17.10
C ASP A 129 -4.38 -4.58 18.49
N ILE A 130 -5.70 -4.59 18.60
CA ILE A 130 -6.39 -4.32 19.86
C ILE A 130 -6.43 -5.55 20.77
N ASP A 131 -6.40 -6.73 20.18
CA ASP A 131 -6.45 -7.97 20.96
C ASP A 131 -5.07 -8.37 21.46
N GLY A 132 -4.04 -7.72 20.94
CA GLY A 132 -2.68 -8.03 21.34
C GLY A 132 -2.25 -9.42 20.94
N ASP A 133 -2.60 -9.84 19.72
CA ASP A 133 -2.23 -11.16 19.25
C ASP A 133 -1.13 -11.09 18.20
N GLY A 134 -0.89 -9.90 17.66
CA GLY A 134 0.16 -9.75 16.66
C GLY A 134 -0.36 -9.80 15.23
N GLN A 135 -1.65 -10.08 15.07
CA GLN A 135 -2.25 -10.16 13.73
C GLN A 135 -3.39 -9.15 13.57
N VAL A 136 -3.24 -8.25 12.61
CA VAL A 136 -4.25 -7.24 12.35
C VAL A 136 -5.28 -7.82 11.37
N ASN A 137 -6.47 -8.12 11.87
CA ASN A 137 -7.51 -8.69 11.04
C ASN A 137 -8.32 -7.57 10.37
N TYR A 138 -9.30 -7.97 9.57
CA TYR A 138 -10.15 -7.05 8.83
C TYR A 138 -10.77 -5.99 9.73
N GLU A 139 -11.33 -6.43 10.84
CA GLU A 139 -11.98 -5.53 11.78
C GLU A 139 -11.00 -4.52 12.35
N GLU A 140 -9.81 -5.01 12.72
CA GLU A 140 -8.78 -4.15 13.29
C GLU A 140 -8.29 -3.11 12.28
N PHE A 141 -8.30 -3.47 11.01
CA PHE A 141 -7.86 -2.55 9.97
C PHE A 141 -8.93 -1.51 9.64
N VAL A 142 -10.21 -1.93 9.63
CA VAL A 142 -11.32 -1.01 9.36
C VAL A 142 -11.38 0.12 10.40
N GLN A 143 -11.29 -0.28 11.66
CA GLN A 143 -11.36 0.67 12.76
C GLN A 143 -10.14 1.59 12.80
N MET A 144 -9.09 1.22 12.09
CA MET A 144 -7.87 2.02 12.08
C MET A 144 -7.77 2.94 10.86
N MET A 145 -8.19 2.44 9.70
CA MET A 145 -8.08 3.25 8.49
C MET A 145 -9.30 4.14 8.29
N THR A 146 -10.49 3.55 8.39
CA THR A 146 -11.72 4.29 8.21
C THR A 146 -11.93 5.29 9.36
N ALA A 147 -11.53 4.90 10.56
CA ALA A 147 -11.68 5.74 11.72
C ALA A 147 -10.33 6.38 12.08
N MET B 1 -2.78 -1.05 -8.63
CA MET B 1 -3.31 -0.56 -7.32
C MET B 1 -2.18 -0.51 -6.31
N ASP B 2 -1.03 -0.99 -6.73
CA ASP B 2 0.18 -1.05 -5.92
C ASP B 2 0.55 0.33 -5.38
N CYS B 3 0.55 1.32 -6.25
CA CYS B 3 0.89 2.69 -5.86
C CYS B 3 -0.13 3.23 -4.86
N LEU B 4 -1.37 2.79 -4.97
CA LEU B 4 -2.44 3.21 -4.07
C LEU B 4 -2.32 2.46 -2.76
N CYS B 5 -1.87 1.21 -2.80
CA CYS B 5 -1.70 0.45 -1.57
C CYS B 5 -0.58 1.09 -0.77
N ILE B 6 0.35 1.75 -1.48
CA ILE B 6 1.44 2.46 -0.83
C ILE B 6 0.83 3.66 -0.10
N VAL B 7 -0.14 4.29 -0.74
CA VAL B 7 -0.85 5.42 -0.16
C VAL B 7 -1.59 4.94 1.08
N THR B 8 -2.14 3.72 0.99
CA THR B 8 -2.85 3.10 2.10
C THR B 8 -1.87 2.75 3.22
N THR B 9 -0.71 2.23 2.82
CA THR B 9 0.32 1.86 3.77
C THR B 9 0.80 3.09 4.53
N LYS B 10 0.85 4.21 3.82
CA LYS B 10 1.26 5.47 4.43
C LYS B 10 0.19 5.97 5.38
N LYS B 11 -1.06 5.90 4.94
CA LYS B 11 -2.18 6.33 5.75
C LYS B 11 -2.24 5.50 7.03
N TYR B 12 -1.98 4.22 6.88
CA TYR B 12 -1.98 3.29 7.99
C TYR B 12 -0.74 3.52 8.87
N ARG B 13 0.35 3.95 8.24
CA ARG B 13 1.60 4.22 8.94
C ARG B 13 1.63 5.65 9.47
N TYR B 14 0.57 6.39 9.15
CA TYR B 14 0.40 7.75 9.64
C TYR B 14 -0.63 7.79 10.78
N GLN B 15 -1.48 6.77 10.79
CA GLN B 15 -2.55 6.64 11.77
C GLN B 15 -2.03 6.10 13.10
N ASP B 16 -0.87 5.44 13.06
CA ASP B 16 -0.27 4.91 14.29
C ASP B 16 0.11 6.06 15.23
N GLU B 17 0.31 7.23 14.64
CA GLU B 17 0.65 8.44 15.41
C GLU B 17 -0.62 9.15 15.88
N ASP B 18 -1.66 8.38 16.15
CA ASP B 18 -2.95 8.92 16.58
C ASP B 18 -3.00 9.24 18.07
N THR B 19 -2.68 8.26 18.91
CA THR B 19 -2.72 8.46 20.35
C THR B 19 -1.34 8.31 20.98
N LEU A 4 -1.74 19.65 -0.42
CA LEU A 4 -1.40 18.58 0.54
C LEU A 4 -0.12 18.91 1.30
N THR A 5 0.05 18.25 2.44
CA THR A 5 1.22 18.43 3.28
C THR A 5 2.49 18.12 2.50
N GLU A 6 3.44 19.06 2.54
CA GLU A 6 4.70 18.91 1.85
C GLU A 6 5.42 17.63 2.30
N GLU A 7 5.34 17.34 3.59
CA GLU A 7 5.96 16.16 4.17
C GLU A 7 5.45 14.88 3.50
N GLN A 8 4.14 14.81 3.28
CA GLN A 8 3.55 13.65 2.63
C GLN A 8 4.07 13.55 1.21
N ILE A 9 4.11 14.68 0.50
CA ILE A 9 4.63 14.72 -0.85
C ILE A 9 6.04 14.12 -0.92
N ALA A 10 6.86 14.47 0.08
CA ALA A 10 8.23 13.97 0.14
C ALA A 10 8.22 12.45 0.33
N GLU A 11 7.28 11.98 1.13
CA GLU A 11 7.14 10.55 1.37
C GLU A 11 6.77 9.84 0.08
N PHE A 12 5.80 10.40 -0.63
CA PHE A 12 5.36 9.83 -1.90
C PHE A 12 6.51 9.83 -2.91
N LYS A 13 7.44 10.77 -2.75
CA LYS A 13 8.61 10.83 -3.61
C LYS A 13 9.39 9.53 -3.48
N GLU A 14 9.52 9.03 -2.25
CA GLU A 14 10.22 7.77 -1.99
C GLU A 14 9.50 6.63 -2.75
N ALA A 15 8.17 6.67 -2.72
CA ALA A 15 7.35 5.68 -3.40
C ALA A 15 7.60 5.74 -4.91
N PHE A 16 7.56 6.94 -5.47
CA PHE A 16 7.83 7.13 -6.90
C PHE A 16 9.17 6.54 -7.25
N SER A 17 10.14 6.77 -6.38
CA SER A 17 11.50 6.28 -6.57
C SER A 17 11.57 4.75 -6.52
N LEU A 18 10.66 4.12 -5.79
CA LEU A 18 10.66 2.66 -5.71
C LEU A 18 9.84 2.04 -6.84
N PHE A 19 8.70 2.63 -7.20
CA PHE A 19 7.88 2.09 -8.28
C PHE A 19 8.58 2.27 -9.63
N ASP A 20 9.19 3.44 -9.80
CA ASP A 20 9.90 3.77 -11.02
C ASP A 20 11.28 3.11 -11.05
N LYS A 21 11.65 2.60 -12.21
CA LYS A 21 12.94 1.95 -12.38
C LYS A 21 13.59 2.35 -13.70
N ASP A 22 13.24 3.53 -14.21
CA ASP A 22 13.81 4.01 -15.47
C ASP A 22 14.34 5.43 -15.33
N GLY A 23 13.78 6.21 -14.41
CA GLY A 23 14.24 7.57 -14.23
C GLY A 23 13.36 8.55 -14.98
N ASP A 24 12.25 8.07 -15.51
CA ASP A 24 11.33 8.92 -16.25
C ASP A 24 10.34 9.59 -15.30
N GLY A 25 9.98 8.89 -14.22
CA GLY A 25 9.07 9.46 -13.25
C GLY A 25 7.67 8.86 -13.31
N THR A 26 7.23 8.48 -14.49
CA THR A 26 5.90 7.92 -14.66
C THR A 26 5.88 6.42 -14.35
N ILE A 27 4.72 5.94 -13.93
CA ILE A 27 4.56 4.54 -13.59
C ILE A 27 4.10 3.74 -14.80
N THR A 28 4.88 2.73 -15.15
CA THR A 28 4.51 1.85 -16.24
C THR A 28 3.99 0.54 -15.65
N THR A 29 3.51 -0.36 -16.48
CA THR A 29 2.99 -1.61 -15.97
C THR A 29 4.15 -2.58 -15.72
N LYS A 30 5.20 -2.42 -16.51
CA LYS A 30 6.38 -3.28 -16.42
C LYS A 30 7.21 -2.97 -15.16
N GLU A 31 7.18 -1.74 -14.70
CA GLU A 31 7.96 -1.34 -13.53
C GLU A 31 7.37 -1.94 -12.26
N LEU A 32 6.07 -1.73 -12.07
CA LEU A 32 5.36 -2.22 -10.90
C LEU A 32 5.24 -3.75 -10.94
N GLY A 33 5.25 -4.32 -12.14
CA GLY A 33 5.17 -5.76 -12.29
C GLY A 33 6.31 -6.47 -11.60
N THR A 34 7.50 -5.88 -11.72
CA THR A 34 8.69 -6.43 -11.11
C THR A 34 8.54 -6.53 -9.59
N VAL A 35 7.97 -5.48 -8.99
CA VAL A 35 7.76 -5.46 -7.54
C VAL A 35 6.67 -6.47 -7.16
N MET A 36 5.65 -6.58 -8.01
CA MET A 36 4.54 -7.50 -7.77
C MET A 36 5.03 -8.95 -7.85
N ARG A 37 6.21 -9.11 -8.42
CA ARG A 37 6.84 -10.41 -8.59
C ARG A 37 7.60 -10.77 -7.31
N SER A 38 8.20 -9.76 -6.69
CA SER A 38 8.96 -9.95 -5.45
C SER A 38 8.04 -10.39 -4.32
N LEU A 39 6.74 -10.15 -4.50
CA LEU A 39 5.73 -10.50 -3.51
C LEU A 39 5.41 -12.00 -3.57
N GLY A 40 6.06 -12.72 -4.48
CA GLY A 40 5.82 -14.14 -4.61
C GLY A 40 4.59 -14.45 -5.46
N GLN A 41 4.22 -13.51 -6.32
CA GLN A 41 3.06 -13.68 -7.19
C GLN A 41 3.43 -13.36 -8.63
N ASN A 42 2.94 -14.15 -9.58
CA ASN A 42 3.24 -13.90 -10.99
C ASN A 42 1.96 -13.64 -11.80
N PRO A 43 1.62 -12.36 -11.97
CA PRO A 43 0.44 -11.94 -12.71
C PRO A 43 0.73 -11.80 -14.21
N THR A 44 -0.28 -12.05 -15.04
CA THR A 44 -0.11 -11.94 -16.49
C THR A 44 -0.59 -10.58 -17.00
N GLU A 45 -0.49 -10.37 -18.31
CA GLU A 45 -0.92 -9.12 -18.95
C GLU A 45 -2.34 -8.72 -18.54
N ALA A 46 -3.19 -9.70 -18.27
CA ALA A 46 -4.57 -9.43 -17.90
C ALA A 46 -4.64 -8.84 -16.50
N GLU A 47 -3.98 -9.52 -15.57
CA GLU A 47 -3.95 -9.10 -14.17
C GLU A 47 -3.12 -7.83 -13.98
N LEU A 48 -2.01 -7.74 -14.70
CA LEU A 48 -1.12 -6.59 -14.63
C LEU A 48 -1.78 -5.31 -15.11
N GLN A 49 -2.66 -5.43 -16.09
CA GLN A 49 -3.33 -4.27 -16.63
C GLN A 49 -4.53 -3.95 -15.76
N ASP A 50 -5.08 -5.00 -15.15
CA ASP A 50 -6.23 -4.88 -14.27
C ASP A 50 -5.87 -4.05 -13.05
N MET A 51 -4.69 -4.29 -12.50
CA MET A 51 -4.20 -3.55 -11.35
C MET A 51 -4.13 -2.06 -11.68
N ILE A 52 -3.65 -1.77 -12.88
CA ILE A 52 -3.54 -0.39 -13.36
C ILE A 52 -4.92 0.19 -13.62
N ASN A 53 -5.83 -0.63 -14.14
CA ASN A 53 -7.19 -0.21 -14.46
C ASN A 53 -7.90 0.37 -13.23
N GLU A 54 -7.58 -0.18 -12.07
CA GLU A 54 -8.16 0.31 -10.81
C GLU A 54 -7.74 1.76 -10.58
N VAL A 55 -6.53 2.08 -11.00
CA VAL A 55 -6.00 3.43 -10.85
C VAL A 55 -6.41 4.31 -12.04
N ASP A 56 -6.37 3.71 -13.22
CA ASP A 56 -6.69 4.39 -14.48
C ASP A 56 -8.16 4.80 -14.55
N ALA A 57 -8.38 6.00 -15.04
CA ALA A 57 -9.72 6.54 -15.19
C ALA A 57 -9.88 7.21 -16.55
N ASP A 58 -8.76 7.44 -17.23
CA ASP A 58 -8.77 8.08 -18.54
C ASP A 58 -9.00 7.04 -19.63
N GLY A 59 -8.70 5.79 -19.32
CA GLY A 59 -8.89 4.72 -20.27
C GLY A 59 -7.65 4.46 -21.11
N ASN A 60 -6.48 4.73 -20.57
CA ASN A 60 -5.23 4.52 -21.30
C ASN A 60 -4.50 3.27 -20.81
N GLY A 61 -4.70 2.92 -19.54
CA GLY A 61 -4.05 1.76 -18.99
C GLY A 61 -2.63 2.05 -18.53
N THR A 62 -2.45 3.18 -17.85
CA THR A 62 -1.15 3.60 -17.35
C THR A 62 -1.32 4.57 -16.19
N ILE A 63 -0.64 4.30 -15.09
CA ILE A 63 -0.68 5.15 -13.90
C ILE A 63 0.06 6.46 -14.19
N ASP A 64 -0.70 7.50 -14.52
CA ASP A 64 -0.15 8.81 -14.85
C ASP A 64 -0.31 9.81 -13.70
N PHE A 65 0.15 11.05 -13.91
CA PHE A 65 0.06 12.09 -12.88
C PHE A 65 -1.39 12.52 -12.61
N PRO A 66 -2.20 12.86 -13.66
CA PRO A 66 -3.60 13.26 -13.46
C PRO A 66 -4.36 12.28 -12.56
N GLU A 67 -4.28 10.99 -12.88
CA GLU A 67 -4.98 9.97 -12.09
C GLU A 67 -4.31 9.77 -10.74
N PHE A 68 -3.03 10.09 -10.67
CA PHE A 68 -2.28 9.95 -9.43
C PHE A 68 -2.85 10.89 -8.37
N LEU A 69 -3.20 12.09 -8.79
CA LEU A 69 -3.77 13.08 -7.89
C LEU A 69 -5.09 12.58 -7.32
N THR A 70 -6.00 12.18 -8.19
CA THR A 70 -7.30 11.66 -7.79
C THR A 70 -7.16 10.37 -7.00
N MET A 71 -6.31 9.47 -7.47
CA MET A 71 -6.08 8.19 -6.81
C MET A 71 -5.55 8.39 -5.40
N MET A 72 -4.56 9.26 -5.27
CA MET A 72 -3.94 9.52 -3.98
C MET A 72 -4.93 10.20 -3.03
N ALA A 73 -5.64 11.22 -3.51
CA ALA A 73 -6.61 11.95 -2.69
C ALA A 73 -7.66 11.00 -2.10
N ARG A 74 -7.98 9.96 -2.87
CA ARG A 74 -8.95 8.95 -2.45
C ARG A 74 -8.53 8.28 -1.15
N LYS A 75 -7.24 8.05 -0.98
CA LYS A 75 -6.74 7.41 0.22
C LYS A 75 -6.33 8.43 1.26
N MET A 76 -5.91 9.60 0.80
CA MET A 76 -5.50 10.69 1.69
C MET A 76 -6.56 10.94 2.75
N LYS A 77 -7.81 10.90 2.32
CA LYS A 77 -8.92 11.11 3.21
C LYS A 77 -9.84 9.89 3.17
N ASP A 78 -9.22 8.72 3.27
CA ASP A 78 -9.94 7.46 3.26
C ASP A 78 -10.72 7.26 4.54
N THR A 79 -12.00 7.56 4.49
CA THR A 79 -12.89 7.39 5.61
C THR A 79 -14.22 6.86 5.11
N ASP A 80 -14.17 6.34 3.89
CA ASP A 80 -15.33 5.77 3.23
C ASP A 80 -14.88 4.51 2.49
N SER A 81 -13.86 3.90 3.07
CA SER A 81 -13.20 2.70 2.55
C SER A 81 -14.16 1.71 1.87
N GLU A 82 -14.11 1.69 0.55
CA GLU A 82 -14.94 0.77 -0.23
C GLU A 82 -14.11 -0.45 -0.62
N GLU A 83 -13.14 -0.20 -1.50
CA GLU A 83 -12.25 -1.25 -1.96
C GLU A 83 -10.88 -1.06 -1.34
N GLU A 84 -10.68 0.10 -0.75
CA GLU A 84 -9.42 0.47 -0.11
C GLU A 84 -8.96 -0.59 0.90
N ILE A 85 -9.86 -1.00 1.79
CA ILE A 85 -9.53 -2.01 2.80
C ILE A 85 -9.03 -3.30 2.14
N ARG A 86 -9.68 -3.70 1.05
CA ARG A 86 -9.31 -4.93 0.35
C ARG A 86 -7.94 -4.80 -0.29
N GLU A 87 -7.76 -3.74 -1.08
CA GLU A 87 -6.49 -3.49 -1.76
C GLU A 87 -5.30 -3.55 -0.78
N ALA A 88 -5.34 -2.75 0.27
CA ALA A 88 -4.25 -2.73 1.25
C ALA A 88 -4.14 -4.06 1.98
N PHE A 89 -5.24 -4.78 2.07
CA PHE A 89 -5.25 -6.04 2.76
C PHE A 89 -4.63 -7.13 1.91
N ARG A 90 -4.87 -7.08 0.61
CA ARG A 90 -4.31 -8.07 -0.31
C ARG A 90 -2.81 -7.85 -0.47
N VAL A 91 -2.36 -6.65 -0.13
CA VAL A 91 -0.95 -6.34 -0.22
C VAL A 91 -0.24 -6.75 1.06
N PHE A 92 -0.92 -6.60 2.19
CA PHE A 92 -0.34 -6.99 3.48
C PHE A 92 -0.52 -8.48 3.73
N ASP A 93 -1.65 -9.02 3.27
CA ASP A 93 -1.94 -10.44 3.45
C ASP A 93 -1.47 -11.22 2.24
N LYS A 94 -0.22 -11.65 2.27
CA LYS A 94 0.38 -12.39 1.18
C LYS A 94 -0.11 -13.84 1.15
N ASP A 95 -0.56 -14.33 2.30
CA ASP A 95 -1.04 -15.70 2.39
C ASP A 95 -2.53 -15.80 2.07
N GLY A 96 -3.22 -14.68 2.10
CA GLY A 96 -4.64 -14.68 1.81
C GLY A 96 -5.42 -15.45 2.87
N ASN A 97 -4.99 -15.37 4.13
CA ASN A 97 -5.67 -16.06 5.22
C ASN A 97 -6.60 -15.10 5.95
N GLY A 98 -6.50 -13.81 5.62
CA GLY A 98 -7.34 -12.80 6.23
C GLY A 98 -6.83 -12.36 7.58
N TYR A 99 -5.56 -12.62 7.85
CA TYR A 99 -4.96 -12.25 9.13
C TYR A 99 -3.56 -11.68 8.92
N ILE A 100 -3.40 -10.41 9.23
CA ILE A 100 -2.13 -9.73 9.10
C ILE A 100 -1.42 -9.75 10.46
N SER A 101 -0.14 -10.10 10.45
CA SER A 101 0.65 -10.14 11.68
C SER A 101 2.08 -9.77 11.35
N ALA A 102 3.01 -10.07 12.26
CA ALA A 102 4.42 -9.79 12.05
C ALA A 102 5.02 -10.79 11.06
N ALA A 103 4.13 -11.40 10.31
CA ALA A 103 4.46 -12.38 9.31
C ALA A 103 4.73 -11.71 7.97
N GLU A 104 3.67 -11.40 7.24
CA GLU A 104 3.79 -10.79 5.94
C GLU A 104 4.04 -9.29 6.03
N LEU A 105 3.68 -8.69 7.16
CA LEU A 105 3.88 -7.26 7.35
C LEU A 105 5.37 -6.91 7.24
N ARG A 106 6.19 -7.73 7.87
CA ARG A 106 7.64 -7.52 7.85
C ARG A 106 8.17 -7.68 6.42
N HIS A 107 7.55 -8.59 5.68
CA HIS A 107 7.94 -8.85 4.31
C HIS A 107 7.72 -7.62 3.44
N VAL A 108 6.50 -7.08 3.50
CA VAL A 108 6.16 -5.91 2.71
C VAL A 108 6.93 -4.67 3.16
N MET A 109 6.98 -4.44 4.47
CA MET A 109 7.69 -3.28 5.02
C MET A 109 9.12 -3.19 4.51
N THR A 110 9.81 -4.33 4.45
CA THR A 110 11.19 -4.36 3.98
C THR A 110 11.25 -4.31 2.45
N ASN A 111 10.22 -4.83 1.79
CA ASN A 111 10.17 -4.84 0.33
C ASN A 111 10.02 -3.43 -0.24
N LEU A 112 9.29 -2.59 0.46
CA LEU A 112 9.07 -1.20 0.04
C LEU A 112 10.37 -0.41 0.12
N GLY A 113 11.30 -0.89 0.93
CA GLY A 113 12.57 -0.22 1.09
C GLY A 113 12.53 0.84 2.15
N GLU A 114 11.64 0.67 3.13
CA GLU A 114 11.51 1.65 4.19
C GLU A 114 12.47 1.34 5.35
N LYS A 115 12.51 2.25 6.31
CA LYS A 115 13.40 2.10 7.44
C LYS A 115 12.66 1.55 8.66
N LEU A 116 12.41 0.24 8.65
CA LEU A 116 11.74 -0.41 9.77
C LEU A 116 12.47 -1.70 10.13
N THR A 117 12.82 -1.82 11.40
CA THR A 117 13.51 -3.01 11.88
C THR A 117 12.52 -4.01 12.43
N ASP A 118 12.99 -5.18 12.84
CA ASP A 118 12.10 -6.21 13.41
C ASP A 118 11.40 -5.63 14.64
N GLU A 119 12.14 -4.82 15.38
CA GLU A 119 11.62 -4.16 16.56
C GLU A 119 10.58 -3.11 16.15
N GLU A 120 10.80 -2.46 15.02
CA GLU A 120 9.88 -1.42 14.52
C GLU A 120 8.57 -2.05 14.08
N VAL A 121 8.67 -3.20 13.41
CA VAL A 121 7.50 -3.91 12.93
C VAL A 121 6.60 -4.29 14.11
N ASP A 122 7.22 -4.75 15.19
CA ASP A 122 6.47 -5.14 16.38
C ASP A 122 5.90 -3.93 17.10
N GLU A 123 6.66 -2.84 17.10
CA GLU A 123 6.23 -1.60 17.75
C GLU A 123 5.00 -1.03 17.07
N MET A 124 5.01 -1.00 15.74
CA MET A 124 3.89 -0.46 14.98
C MET A 124 2.70 -1.42 15.02
N ILE A 125 2.99 -2.72 14.94
CA ILE A 125 1.99 -3.77 14.93
C ILE A 125 0.99 -3.69 16.11
N ARG A 126 1.36 -2.96 17.16
CA ARG A 126 0.48 -2.83 18.32
C ARG A 126 -0.38 -1.56 18.23
N GLU A 127 -0.46 -0.98 17.04
CA GLU A 127 -1.27 0.21 16.84
C GLU A 127 -2.73 -0.18 16.70
N ALA A 128 -2.98 -1.27 15.98
CA ALA A 128 -4.33 -1.77 15.80
C ALA A 128 -4.58 -3.02 16.64
N ASP A 129 -3.49 -3.69 17.03
CA ASP A 129 -3.57 -4.90 17.85
C ASP A 129 -4.02 -4.56 19.26
N ILE A 130 -5.33 -4.60 19.46
CA ILE A 130 -5.93 -4.28 20.76
C ILE A 130 -5.96 -5.48 21.67
N ASP A 131 -6.11 -6.65 21.07
CA ASP A 131 -6.18 -7.89 21.83
C ASP A 131 -4.83 -8.25 22.44
N GLY A 132 -3.75 -7.81 21.78
CA GLY A 132 -2.42 -8.09 22.29
C GLY A 132 -1.98 -9.48 21.90
N ASP A 133 -2.28 -9.87 20.68
CA ASP A 133 -1.93 -11.19 20.19
C ASP A 133 -0.89 -11.11 19.08
N GLY A 134 -0.64 -9.91 18.58
CA GLY A 134 0.36 -9.71 17.54
C GLY A 134 -0.18 -9.91 16.13
N GLN A 135 -1.50 -9.96 15.99
CA GLN A 135 -2.13 -10.14 14.69
C GLN A 135 -3.21 -9.11 14.45
N VAL A 136 -2.95 -8.15 13.58
CA VAL A 136 -3.94 -7.14 13.25
C VAL A 136 -4.98 -7.73 12.31
N ASN A 137 -6.15 -8.06 12.86
CA ASN A 137 -7.20 -8.65 12.05
C ASN A 137 -7.97 -7.57 11.30
N TYR A 138 -8.96 -7.99 10.52
CA TYR A 138 -9.77 -7.07 9.72
C TYR A 138 -10.43 -6.01 10.59
N GLU A 139 -11.00 -6.43 11.69
CA GLU A 139 -11.68 -5.53 12.62
C GLU A 139 -10.69 -4.51 13.20
N GLU A 140 -9.54 -5.01 13.63
CA GLU A 140 -8.52 -4.16 14.21
C GLU A 140 -7.98 -3.19 13.15
N PHE A 141 -7.84 -3.69 11.93
CA PHE A 141 -7.34 -2.90 10.83
C PHE A 141 -8.34 -1.80 10.44
N VAL A 142 -9.61 -2.17 10.28
CA VAL A 142 -10.65 -1.24 9.89
C VAL A 142 -10.82 -0.11 10.92
N GLN A 143 -10.79 -0.49 12.19
CA GLN A 143 -10.95 0.47 13.29
C GLN A 143 -9.77 1.45 13.36
N MET A 144 -8.71 1.15 12.65
CA MET A 144 -7.52 1.98 12.64
C MET A 144 -7.33 2.72 11.32
N MET A 145 -7.68 2.05 10.22
CA MET A 145 -7.51 2.66 8.90
C MET A 145 -8.66 3.59 8.54
N THR A 146 -9.89 3.19 8.88
CA THR A 146 -11.07 3.98 8.57
C THR A 146 -11.53 4.80 9.79
N ALA A 147 -10.97 4.51 10.95
CA ALA A 147 -11.35 5.21 12.18
C ALA A 147 -10.10 5.60 12.97
N MET B 1 -3.65 -1.63 -7.94
CA MET B 1 -3.53 -1.62 -6.47
C MET B 1 -2.20 -1.00 -6.05
N ASP B 2 -1.16 -1.67 -6.50
CA ASP B 2 0.25 -1.36 -6.25
C ASP B 2 0.56 0.06 -5.71
N CYS B 3 0.54 1.10 -6.56
CA CYS B 3 0.87 2.45 -6.10
C CYS B 3 -0.12 2.98 -5.06
N LEU B 4 -1.38 2.68 -5.24
CA LEU B 4 -2.43 3.13 -4.31
C LEU B 4 -2.35 2.42 -2.97
N CYS B 5 -1.97 1.15 -2.97
CA CYS B 5 -1.83 0.41 -1.72
C CYS B 5 -0.66 0.99 -0.94
N ILE B 6 0.30 1.55 -1.66
CA ILE B 6 1.45 2.20 -1.04
C ILE B 6 0.92 3.42 -0.28
N VAL B 7 -0.02 4.10 -0.91
CA VAL B 7 -0.66 5.27 -0.32
C VAL B 7 -1.47 4.85 0.92
N THR B 8 -2.15 3.71 0.82
CA THR B 8 -2.92 3.18 1.94
C THR B 8 -1.99 2.75 3.07
N THR B 9 -0.87 2.15 2.71
CA THR B 9 0.13 1.70 3.67
C THR B 9 0.68 2.90 4.43
N LYS B 10 0.81 4.01 3.72
CA LYS B 10 1.31 5.25 4.31
C LYS B 10 0.26 5.82 5.26
N LYS B 11 -1.00 5.74 4.86
CA LYS B 11 -2.10 6.22 5.70
C LYS B 11 -2.13 5.42 6.98
N TYR B 12 -2.05 4.10 6.82
CA TYR B 12 -2.06 3.17 7.95
C TYR B 12 -0.86 3.44 8.86
N ARG B 13 0.30 3.70 8.25
CA ARG B 13 1.51 3.97 9.02
C ARG B 13 1.51 5.40 9.57
N TYR B 14 0.57 6.20 9.11
CA TYR B 14 0.44 7.57 9.58
C TYR B 14 -0.58 7.60 10.71
N GLN B 15 -1.40 6.57 10.76
CA GLN B 15 -2.45 6.46 11.75
C GLN B 15 -1.90 5.86 13.05
N ASP B 16 -0.72 5.23 12.96
CA ASP B 16 -0.07 4.66 14.13
C ASP B 16 0.29 5.77 15.11
N GLU B 17 0.86 6.84 14.58
CA GLU B 17 1.25 7.98 15.40
C GLU B 17 0.02 8.82 15.74
N ASP B 18 -0.74 8.32 16.70
CA ASP B 18 -1.95 8.98 17.17
C ASP B 18 -1.91 9.11 18.69
N THR B 19 -1.34 8.11 19.35
CA THR B 19 -1.22 8.12 20.79
C THR B 19 0.17 8.58 21.19
N LEU A 4 -0.79 19.91 -1.69
CA LEU A 4 -0.56 18.70 -0.85
C LEU A 4 0.51 18.99 0.20
N THR A 5 0.47 18.29 1.33
CA THR A 5 1.45 18.46 2.39
C THR A 5 2.86 18.11 1.91
N GLU A 6 3.82 18.94 2.30
CA GLU A 6 5.22 18.76 1.90
C GLU A 6 5.76 17.42 2.33
N GLU A 7 5.39 16.99 3.54
CA GLU A 7 5.82 15.69 4.06
C GLU A 7 5.40 14.61 3.08
N GLN A 8 4.12 14.66 2.69
CA GLN A 8 3.58 13.70 1.75
C GLN A 8 4.34 13.76 0.43
N ILE A 9 4.53 14.96 -0.09
CA ILE A 9 5.29 15.13 -1.33
C ILE A 9 6.66 14.45 -1.23
N ALA A 10 7.27 14.55 -0.06
CA ALA A 10 8.57 13.96 0.17
C ALA A 10 8.46 12.44 0.29
N GLU A 11 7.45 11.98 1.02
CA GLU A 11 7.22 10.54 1.22
C GLU A 11 6.90 9.88 -0.11
N PHE A 12 5.92 10.43 -0.81
CA PHE A 12 5.49 9.89 -2.10
C PHE A 12 6.62 9.88 -3.11
N LYS A 13 7.53 10.81 -2.98
CA LYS A 13 8.70 10.88 -3.84
C LYS A 13 9.53 9.60 -3.72
N GLU A 14 9.68 9.13 -2.49
CA GLU A 14 10.43 7.90 -2.24
C GLU A 14 9.72 6.74 -2.92
N ALA A 15 8.39 6.75 -2.83
CA ALA A 15 7.57 5.72 -3.43
C ALA A 15 7.75 5.73 -4.94
N PHE A 16 7.68 6.92 -5.55
CA PHE A 16 7.87 7.06 -6.99
C PHE A 16 9.20 6.44 -7.40
N SER A 17 10.23 6.70 -6.61
CA SER A 17 11.57 6.18 -6.85
C SER A 17 11.62 4.67 -6.65
N LEU A 18 10.59 4.11 -6.01
CA LEU A 18 10.52 2.68 -5.80
C LEU A 18 9.82 2.02 -6.98
N PHE A 19 8.69 2.58 -7.38
CA PHE A 19 7.93 2.06 -8.50
C PHE A 19 8.69 2.28 -9.80
N ASP A 20 9.24 3.47 -9.96
CA ASP A 20 9.97 3.83 -11.17
C ASP A 20 11.38 3.27 -11.14
N LYS A 21 11.84 2.76 -12.28
CA LYS A 21 13.19 2.21 -12.38
C LYS A 21 13.87 2.62 -13.67
N ASP A 22 13.15 3.27 -14.57
CA ASP A 22 13.75 3.70 -15.84
C ASP A 22 14.21 5.15 -15.75
N GLY A 23 13.76 5.84 -14.71
CA GLY A 23 14.14 7.22 -14.52
C GLY A 23 13.28 8.17 -15.32
N ASP A 24 12.20 7.66 -15.87
CA ASP A 24 11.32 8.47 -16.69
C ASP A 24 10.33 9.22 -15.79
N GLY A 25 10.01 8.62 -14.65
CA GLY A 25 9.12 9.24 -13.70
C GLY A 25 7.70 8.73 -13.77
N THR A 26 7.33 8.15 -14.90
CA THR A 26 5.98 7.65 -15.07
C THR A 26 5.88 6.18 -14.69
N ILE A 27 4.77 5.83 -14.04
CA ILE A 27 4.54 4.47 -13.59
C ILE A 27 4.08 3.60 -14.78
N THR A 28 4.74 2.46 -14.98
CA THR A 28 4.36 1.56 -16.05
C THR A 28 3.90 0.24 -15.46
N THR A 29 3.50 -0.69 -16.30
CA THR A 29 3.03 -1.97 -15.81
C THR A 29 4.22 -2.91 -15.57
N LYS A 30 5.30 -2.71 -16.34
CA LYS A 30 6.47 -3.55 -16.24
C LYS A 30 7.31 -3.19 -15.04
N GLU A 31 7.24 -1.90 -14.61
CA GLU A 31 8.02 -1.46 -13.46
C GLU A 31 7.39 -1.94 -12.16
N LEU A 32 6.12 -1.63 -11.97
CA LEU A 32 5.40 -2.03 -10.75
C LEU A 32 5.36 -3.55 -10.60
N GLY A 33 5.20 -4.23 -11.74
CA GLY A 33 5.20 -5.69 -11.75
C GLY A 33 6.45 -6.25 -11.13
N THR A 34 7.56 -5.58 -11.34
CA THR A 34 8.84 -6.01 -10.77
C THR A 34 8.76 -6.03 -9.26
N VAL A 35 8.21 -4.97 -8.65
CA VAL A 35 8.08 -4.92 -7.20
C VAL A 35 7.10 -5.97 -6.71
N MET A 36 6.00 -6.10 -7.44
CA MET A 36 4.95 -7.07 -7.12
C MET A 36 5.45 -8.50 -7.32
N ARG A 37 6.60 -8.64 -7.95
CA ARG A 37 7.20 -9.95 -8.22
C ARG A 37 8.01 -10.39 -7.00
N SER A 38 8.76 -9.46 -6.44
CA SER A 38 9.60 -9.75 -5.28
C SER A 38 8.73 -9.93 -4.04
N LEU A 39 7.46 -9.51 -4.15
CA LEU A 39 6.51 -9.65 -3.05
C LEU A 39 6.16 -11.12 -2.83
N GLY A 40 6.50 -11.96 -3.80
CA GLY A 40 6.21 -13.37 -3.71
C GLY A 40 4.96 -13.76 -4.47
N GLN A 41 4.53 -12.90 -5.38
CA GLN A 41 3.34 -13.17 -6.17
C GLN A 41 3.63 -12.96 -7.65
N ASN A 42 2.85 -13.60 -8.50
CA ASN A 42 3.06 -13.50 -9.93
C ASN A 42 1.74 -13.12 -10.63
N PRO A 43 1.64 -11.87 -11.11
CA PRO A 43 0.45 -11.40 -11.80
C PRO A 43 0.52 -11.58 -13.32
N THR A 44 -0.59 -12.00 -13.90
CA THR A 44 -0.68 -12.20 -15.35
C THR A 44 -1.06 -10.90 -16.04
N GLU A 45 -1.10 -10.91 -17.37
CA GLU A 45 -1.48 -9.73 -18.16
C GLU A 45 -2.83 -9.17 -17.69
N ALA A 46 -3.74 -10.05 -17.34
CA ALA A 46 -5.06 -9.65 -16.86
C ALA A 46 -4.96 -9.02 -15.48
N GLU A 47 -4.09 -9.57 -14.63
CA GLU A 47 -3.89 -9.06 -13.28
C GLU A 47 -3.17 -7.71 -13.32
N LEU A 48 -2.17 -7.63 -14.21
CA LEU A 48 -1.39 -6.41 -14.39
C LEU A 48 -2.25 -5.27 -14.91
N GLN A 49 -3.35 -5.61 -15.56
CA GLN A 49 -4.24 -4.61 -16.09
C GLN A 49 -5.26 -4.22 -15.03
N ASP A 50 -5.66 -5.22 -14.27
CA ASP A 50 -6.62 -5.05 -13.18
C ASP A 50 -6.07 -4.09 -12.14
N MET A 51 -4.79 -4.26 -11.82
CA MET A 51 -4.12 -3.41 -10.84
C MET A 51 -4.08 -1.96 -11.29
N ILE A 52 -3.60 -1.75 -12.50
CA ILE A 52 -3.50 -0.40 -13.06
C ILE A 52 -4.89 0.22 -13.18
N ASN A 53 -5.86 -0.62 -13.57
CA ASN A 53 -7.25 -0.20 -13.74
C ASN A 53 -7.79 0.52 -12.50
N GLU A 54 -7.36 0.06 -11.32
CA GLU A 54 -7.80 0.63 -10.06
C GLU A 54 -7.47 2.12 -9.99
N VAL A 55 -6.32 2.50 -10.55
CA VAL A 55 -5.88 3.90 -10.54
C VAL A 55 -6.23 4.59 -11.84
N ASP A 56 -5.99 3.90 -12.96
CA ASP A 56 -6.26 4.45 -14.27
C ASP A 56 -7.77 4.60 -14.51
N ALA A 57 -8.24 5.84 -14.41
CA ALA A 57 -9.65 6.16 -14.61
C ALA A 57 -9.83 6.96 -15.89
N ASP A 58 -8.72 7.31 -16.50
CA ASP A 58 -8.75 8.06 -17.76
C ASP A 58 -8.90 7.11 -18.94
N GLY A 59 -8.52 5.84 -18.74
CA GLY A 59 -8.62 4.85 -19.78
C GLY A 59 -7.43 4.86 -20.71
N ASN A 60 -6.24 4.83 -20.13
CA ASN A 60 -5.01 4.85 -20.92
C ASN A 60 -4.11 3.67 -20.51
N GLY A 61 -4.27 3.21 -19.28
CA GLY A 61 -3.48 2.10 -18.80
C GLY A 61 -2.14 2.54 -18.24
N THR A 62 -2.16 3.65 -17.52
CA THR A 62 -0.93 4.20 -16.94
C THR A 62 -1.25 5.05 -15.72
N ILE A 63 -0.54 4.79 -14.63
CA ILE A 63 -0.72 5.54 -13.39
C ILE A 63 -0.01 6.90 -13.54
N ASP A 64 -0.77 7.92 -13.93
CA ASP A 64 -0.20 9.25 -14.13
C ASP A 64 -0.43 10.14 -12.93
N PHE A 65 0.10 11.37 -12.98
CA PHE A 65 -0.01 12.31 -11.88
C PHE A 65 -1.47 12.69 -11.56
N PRO A 66 -2.29 13.10 -12.57
CA PRO A 66 -3.68 13.46 -12.32
C PRO A 66 -4.44 12.38 -11.56
N GLU A 67 -4.38 11.14 -12.05
CA GLU A 67 -5.08 10.03 -11.41
C GLU A 67 -4.45 9.73 -10.05
N PHE A 68 -3.16 10.03 -9.94
CA PHE A 68 -2.42 9.80 -8.70
C PHE A 68 -2.98 10.66 -7.59
N LEU A 69 -3.39 11.86 -7.94
CA LEU A 69 -3.98 12.76 -6.97
C LEU A 69 -5.35 12.25 -6.55
N THR A 70 -6.19 12.01 -7.56
CA THR A 70 -7.53 11.49 -7.36
C THR A 70 -7.50 10.19 -6.55
N MET A 71 -6.64 9.28 -7.00
CA MET A 71 -6.49 7.98 -6.36
C MET A 71 -5.98 8.13 -4.93
N MET A 72 -5.05 9.06 -4.72
CA MET A 72 -4.48 9.28 -3.39
C MET A 72 -5.53 9.85 -2.45
N ALA A 73 -6.31 10.81 -2.94
CA ALA A 73 -7.37 11.42 -2.13
C ALA A 73 -8.33 10.34 -1.62
N ARG A 74 -8.47 9.29 -2.41
CA ARG A 74 -9.33 8.16 -2.07
C ARG A 74 -8.66 7.23 -1.07
N LYS A 75 -7.42 7.54 -0.69
CA LYS A 75 -6.69 6.70 0.25
C LYS A 75 -6.09 7.52 1.39
N MET A 76 -6.16 8.84 1.27
CA MET A 76 -5.65 9.72 2.30
C MET A 76 -6.56 9.68 3.53
N LYS A 77 -7.86 9.65 3.27
CA LYS A 77 -8.85 9.59 4.34
C LYS A 77 -10.02 8.70 3.95
N ASP A 78 -9.70 7.47 3.56
CA ASP A 78 -10.72 6.52 3.14
C ASP A 78 -11.59 6.10 4.32
N THR A 79 -12.86 6.42 4.23
CA THR A 79 -13.81 6.08 5.26
C THR A 79 -15.04 5.41 4.62
N ASP A 80 -14.88 5.06 3.34
CA ASP A 80 -15.94 4.43 2.53
C ASP A 80 -15.42 3.12 1.94
N SER A 81 -14.38 2.61 2.58
CA SER A 81 -13.67 1.40 2.21
C SER A 81 -14.54 0.26 1.70
N GLU A 82 -14.52 0.07 0.39
CA GLU A 82 -15.20 -1.05 -0.22
C GLU A 82 -14.15 -2.08 -0.64
N GLU A 83 -13.34 -1.73 -1.64
CA GLU A 83 -12.26 -2.60 -2.12
C GLU A 83 -10.92 -1.97 -1.76
N GLU A 84 -10.98 -0.75 -1.26
CA GLU A 84 -9.78 0.00 -0.85
C GLU A 84 -8.97 -0.75 0.20
N ILE A 85 -9.62 -1.05 1.33
CA ILE A 85 -8.97 -1.76 2.42
C ILE A 85 -8.57 -3.15 1.96
N ARG A 86 -9.35 -3.70 1.05
CA ARG A 86 -9.05 -5.03 0.55
C ARG A 86 -7.74 -4.99 -0.22
N GLU A 87 -7.58 -3.97 -1.06
CA GLU A 87 -6.38 -3.78 -1.84
C GLU A 87 -5.15 -3.87 -0.95
N ALA A 88 -5.13 -3.07 0.11
CA ALA A 88 -3.98 -3.05 1.04
C ALA A 88 -3.91 -4.30 1.88
N PHE A 89 -5.03 -4.97 2.07
CA PHE A 89 -5.08 -6.16 2.88
C PHE A 89 -4.40 -7.29 2.11
N ARG A 90 -4.65 -7.29 0.82
CA ARG A 90 -4.07 -8.29 -0.07
C ARG A 90 -2.59 -8.01 -0.28
N VAL A 91 -2.20 -6.75 -0.18
CA VAL A 91 -0.82 -6.35 -0.36
C VAL A 91 0.02 -6.75 0.86
N PHE A 92 -0.55 -6.58 2.06
CA PHE A 92 0.14 -6.95 3.29
C PHE A 92 0.05 -8.46 3.53
N ASP A 93 -1.09 -9.03 3.17
CA ASP A 93 -1.32 -10.46 3.34
C ASP A 93 -0.88 -11.20 2.08
N LYS A 94 0.38 -11.59 2.07
CA LYS A 94 1.01 -12.27 0.94
C LYS A 94 0.53 -13.70 0.76
N ASP A 95 0.29 -14.41 1.86
CA ASP A 95 -0.14 -15.79 1.80
C ASP A 95 -1.58 -15.92 1.30
N GLY A 96 -2.29 -14.78 1.26
CA GLY A 96 -3.67 -14.79 0.82
C GLY A 96 -4.58 -15.55 1.77
N ASN A 97 -4.16 -15.65 3.03
CA ASN A 97 -4.94 -16.37 4.04
C ASN A 97 -5.99 -15.45 4.66
N GLY A 98 -5.76 -14.15 4.56
CA GLY A 98 -6.71 -13.20 5.11
C GLY A 98 -6.35 -12.76 6.52
N TYR A 99 -5.07 -12.74 6.85
CA TYR A 99 -4.61 -12.35 8.17
C TYR A 99 -3.22 -11.72 8.12
N ILE A 100 -3.18 -10.43 8.40
CA ILE A 100 -1.94 -9.69 8.42
C ILE A 100 -1.27 -9.77 9.80
N SER A 101 0.03 -10.03 9.80
CA SER A 101 0.80 -10.12 11.02
C SER A 101 2.24 -9.70 10.72
N ALA A 102 3.14 -9.84 11.70
CA ALA A 102 4.53 -9.50 11.49
C ALA A 102 5.19 -10.55 10.61
N ALA A 103 4.34 -11.44 10.15
CA ALA A 103 4.72 -12.51 9.27
C ALA A 103 5.03 -11.92 7.91
N GLU A 104 3.99 -11.54 7.18
CA GLU A 104 4.17 -10.97 5.86
C GLU A 104 4.35 -9.45 5.87
N LEU A 105 3.91 -8.78 6.94
CA LEU A 105 4.08 -7.32 7.00
C LEU A 105 5.55 -6.97 6.93
N ARG A 106 6.38 -7.76 7.63
CA ARG A 106 7.82 -7.55 7.63
C ARG A 106 8.37 -7.64 6.20
N HIS A 107 7.92 -8.66 5.48
CA HIS A 107 8.34 -8.87 4.11
C HIS A 107 8.04 -7.65 3.24
N VAL A 108 6.82 -7.15 3.30
CA VAL A 108 6.43 -6.00 2.47
C VAL A 108 7.11 -4.71 2.92
N MET A 109 7.24 -4.53 4.23
CA MET A 109 7.88 -3.31 4.78
C MET A 109 9.30 -3.17 4.27
N THR A 110 10.05 -4.26 4.31
CA THR A 110 11.43 -4.24 3.83
C THR A 110 11.48 -4.18 2.30
N ASN A 111 10.44 -4.69 1.63
CA ASN A 111 10.40 -4.69 0.17
C ASN A 111 10.15 -3.29 -0.40
N LEU A 112 9.29 -2.52 0.27
CA LEU A 112 8.98 -1.16 -0.18
C LEU A 112 10.14 -0.19 0.07
N GLY A 113 11.15 -0.65 0.81
CA GLY A 113 12.30 0.19 1.08
C GLY A 113 12.02 1.21 2.16
N GLU A 114 11.23 0.81 3.15
CA GLU A 114 10.88 1.71 4.23
C GLU A 114 11.91 1.66 5.34
N LYS A 115 11.84 2.62 6.23
CA LYS A 115 12.76 2.72 7.34
C LYS A 115 12.18 2.02 8.58
N LEU A 116 12.00 0.71 8.49
CA LEU A 116 11.44 -0.05 9.61
C LEU A 116 12.16 -1.37 9.81
N THR A 117 12.63 -1.59 11.03
CA THR A 117 13.33 -2.81 11.39
C THR A 117 12.33 -3.83 11.97
N ASP A 118 12.85 -4.97 12.40
CA ASP A 118 12.03 -6.04 12.96
C ASP A 118 11.19 -5.55 14.13
N GLU A 119 11.82 -4.83 15.06
CA GLU A 119 11.13 -4.30 16.23
C GLU A 119 10.14 -3.20 15.84
N GLU A 120 10.36 -2.56 14.70
CA GLU A 120 9.47 -1.51 14.23
C GLU A 120 8.17 -2.15 13.75
N VAL A 121 8.29 -3.34 13.19
CA VAL A 121 7.15 -4.09 12.70
C VAL A 121 6.26 -4.48 13.89
N ASP A 122 6.89 -4.95 14.97
CA ASP A 122 6.15 -5.32 16.17
C ASP A 122 5.44 -4.11 16.74
N GLU A 123 6.18 -3.00 16.84
CA GLU A 123 5.63 -1.76 17.36
C GLU A 123 4.39 -1.33 16.57
N MET A 124 4.52 -1.31 15.27
CA MET A 124 3.43 -0.88 14.39
C MET A 124 2.25 -1.83 14.48
N ILE A 125 2.53 -3.14 14.43
CA ILE A 125 1.49 -4.17 14.49
C ILE A 125 0.54 -3.98 15.67
N ARG A 126 1.05 -3.39 16.76
CA ARG A 126 0.26 -3.18 17.97
C ARG A 126 -0.58 -1.91 17.91
N GLU A 127 -0.81 -1.39 16.71
CA GLU A 127 -1.60 -0.18 16.57
C GLU A 127 -3.07 -0.51 16.30
N ALA A 128 -3.30 -1.39 15.32
CA ALA A 128 -4.64 -1.81 14.94
C ALA A 128 -5.07 -3.04 15.72
N ASP A 129 -4.09 -3.84 16.15
CA ASP A 129 -4.36 -5.05 16.91
C ASP A 129 -4.85 -4.67 18.31
N ILE A 130 -6.13 -4.89 18.56
CA ILE A 130 -6.73 -4.51 19.83
C ILE A 130 -6.93 -5.73 20.73
N ASP A 131 -7.16 -6.89 20.14
CA ASP A 131 -7.34 -8.11 20.93
C ASP A 131 -5.98 -8.63 21.38
N GLY A 132 -4.94 -8.06 20.79
CA GLY A 132 -3.58 -8.42 21.13
C GLY A 132 -3.22 -9.84 20.75
N ASP A 133 -3.31 -10.15 19.46
CA ASP A 133 -2.99 -11.48 18.96
C ASP A 133 -1.84 -11.42 17.97
N GLY A 134 -1.41 -10.20 17.64
CA GLY A 134 -0.28 -10.03 16.73
C GLY A 134 -0.69 -9.93 15.27
N GLN A 135 -1.99 -10.05 15.03
CA GLN A 135 -2.51 -9.97 13.67
C GLN A 135 -3.58 -8.90 13.57
N VAL A 136 -3.57 -8.20 12.44
CA VAL A 136 -4.57 -7.17 12.20
C VAL A 136 -5.65 -7.75 11.28
N ASN A 137 -6.86 -7.90 11.80
CA ASN A 137 -7.94 -8.45 11.00
C ASN A 137 -8.63 -7.35 10.20
N TYR A 138 -9.65 -7.75 9.43
CA TYR A 138 -10.40 -6.83 8.58
C TYR A 138 -10.99 -5.67 9.38
N GLU A 139 -11.68 -5.97 10.47
CA GLU A 139 -12.33 -4.95 11.28
C GLU A 139 -11.32 -4.04 11.98
N GLU A 140 -10.20 -4.60 12.41
CA GLU A 140 -9.18 -3.82 13.07
C GLU A 140 -8.59 -2.81 12.10
N PHE A 141 -8.38 -3.24 10.87
CA PHE A 141 -7.84 -2.36 9.84
C PHE A 141 -8.89 -1.32 9.42
N VAL A 142 -10.15 -1.76 9.31
CA VAL A 142 -11.26 -0.86 8.93
C VAL A 142 -11.29 0.37 9.83
N GLN A 143 -11.27 0.13 11.14
CA GLN A 143 -11.31 1.20 12.10
C GLN A 143 -10.08 2.08 12.00
N MET A 144 -8.92 1.45 11.86
CA MET A 144 -7.64 2.16 11.75
C MET A 144 -7.59 3.04 10.51
N MET A 145 -8.17 2.56 9.43
CA MET A 145 -8.20 3.31 8.18
C MET A 145 -9.20 4.45 8.26
N THR A 146 -10.34 4.18 8.88
CA THR A 146 -11.38 5.17 9.01
C THR A 146 -10.96 6.34 9.90
N ALA A 147 -10.61 6.04 11.15
CA ALA A 147 -10.18 7.08 12.10
C ALA A 147 -8.77 7.55 11.82
N MET B 1 -3.35 -1.58 -7.98
CA MET B 1 -3.47 -1.45 -6.52
C MET B 1 -2.15 -1.00 -5.94
N ASP B 2 -1.10 -1.53 -6.53
CA ASP B 2 0.29 -1.25 -6.19
C ASP B 2 0.57 0.13 -5.61
N CYS B 3 0.50 1.17 -6.44
CA CYS B 3 0.81 2.53 -6.00
C CYS B 3 -0.19 3.06 -4.94
N LEU B 4 -1.41 2.56 -4.98
CA LEU B 4 -2.48 2.97 -4.07
C LEU B 4 -2.33 2.25 -2.73
N CYS B 5 -1.89 1.00 -2.74
CA CYS B 5 -1.70 0.31 -1.49
C CYS B 5 -0.53 0.95 -0.78
N ILE B 6 0.36 1.57 -1.54
CA ILE B 6 1.48 2.29 -0.96
C ILE B 6 0.90 3.46 -0.19
N VAL B 7 -0.09 4.12 -0.81
CA VAL B 7 -0.76 5.23 -0.17
C VAL B 7 -1.46 4.75 1.12
N THR B 8 -2.13 3.60 1.04
CA THR B 8 -2.80 3.02 2.19
C THR B 8 -1.76 2.68 3.25
N THR B 9 -0.67 2.08 2.83
CA THR B 9 0.39 1.73 3.75
C THR B 9 0.89 2.97 4.48
N LYS B 10 0.95 4.07 3.76
CA LYS B 10 1.41 5.33 4.33
C LYS B 10 0.38 5.87 5.30
N LYS B 11 -0.89 5.77 4.95
CA LYS B 11 -1.97 6.25 5.80
C LYS B 11 -2.00 5.39 7.07
N TYR B 12 -1.90 4.09 6.88
CA TYR B 12 -1.90 3.15 8.00
C TYR B 12 -0.68 3.38 8.90
N ARG B 13 0.48 3.55 8.26
CA ARG B 13 1.74 3.77 8.97
C ARG B 13 1.78 5.17 9.61
N TYR B 14 0.96 6.06 9.09
CA TYR B 14 0.90 7.42 9.61
C TYR B 14 -0.14 7.53 10.70
N GLN B 15 -0.99 6.51 10.77
CA GLN B 15 -2.05 6.49 11.77
C GLN B 15 -1.49 6.13 13.13
N ASP B 16 -0.35 5.46 13.15
CA ASP B 16 0.30 5.09 14.42
C ASP B 16 0.73 6.36 15.17
N GLU B 17 0.91 7.46 14.40
CA GLU B 17 1.28 8.75 14.94
C GLU B 17 0.09 9.38 15.65
N ASP B 18 -0.26 8.84 16.79
CA ASP B 18 -1.38 9.35 17.56
C ASP B 18 -1.03 9.39 19.04
N THR B 19 -0.39 8.32 19.48
CA THR B 19 0.06 8.23 20.86
C THR B 19 1.55 8.52 20.91
#